data_5GMH
#
_entry.id   5GMH
#
_cell.length_a   99.099
_cell.length_b   140.093
_cell.length_c   151.068
_cell.angle_alpha   90.00
_cell.angle_beta   90.00
_cell.angle_gamma   90.00
#
_symmetry.space_group_name_H-M   'P 21 21 21'
#
loop_
_entity.id
_entity.type
_entity.pdbx_description
1 polymer 'Toll-like receptor 7'
2 branched 2-acetamido-2-deoxy-beta-D-glucopyranose-(1-4)-2-acetamido-2-deoxy-beta-D-glucopyranose
3 non-polymer 1-[4-amino-2-(ethoxymethyl)-1H-imidazo[4,5-c]quinolin-1-yl]-2-methylpropan-2-ol
4 non-polymer 2-acetamido-2-deoxy-beta-D-glucopyranose
5 non-polymer 'SULFATE ION'
6 water water
#
_entity_poly.entity_id   1
_entity_poly.type   'polypeptide(L)'
_entity_poly.pdbx_seq_one_letter_code
;RSPWARWFPKTLPCDVTLDVSKNHVIVDCTDKHLTEIPGGIPTNTTNLTLTINHIPDISPASFHRLVHLVEIDFRCNCVP
IRLGSKSNMCPRRLQIKPRSFSGLTYLKSLYLDGNQLLEIPQGLPPSLQLLSLEANNIFSIRKEQLTELANIEILYLGQN
CYYRNPCYVSYSIEKDAFLNLTKLKVLSLKDNNVTTVPTVLPSTLTELYLYNNMIAEIQEDDFNNLNQLQILDLSGNCPR
CYNAPFPCTPCKNNSPLQIPVNAFDALTELKVLRLHSNSLQHVPPRWFKNINNLQELDLSQNFLAKEIGDAKFLHFLPNL
IQLDLSFNFELQVYRASMNLSQAFSSLKSLKILRIRGYVFKELKSFQLSPLHNLQNLEVLDLGTNFIKIANLSMFKQFKR
LKVIDLSVNKISPSGDSSEVGFCSNARTSVESYEPQVLEQLYYFRYDKYARSCRFKNKEASFTSVQESCYKYGQTLDLSK
NSIFFIKSSDFQHLSFLKCLNLSGNLISQTLNGSEFQPLAELRYLDFSNNRLDLLHSTAFEELRKLEVLDISSNSHYFQS
EGITHMLNFTKNLKVLQKLMMNDNDISSSTSRTMESESLRTLEFRGNHLDVLWRDGDNRYLQLFKNLLKLEELDISKNSL
SFLPSGVFDGMPPNLKNLSLAKNGLKSFIWEKLRYLKNLETLDLSHNQLTTVPERLSNCSRSLKNLILKNNQIRSLTKYF
LQDAFQLRYLDLSSNKIQMIQKTSFPENVLNNLKMLLLHHNRFLCTCDAVWFVWWVQHTEVTIPYLATDVTCVGPGAHKG
QSVISLDLYTCELDLTN
;
_entity_poly.pdbx_strand_id   A,B
#
# COMPACT_ATOMS: atom_id res chain seq x y z
N ALA A 5 -19.89 24.05 34.97
CA ALA A 5 -20.07 24.76 33.68
C ALA A 5 -21.43 24.43 33.02
N ARG A 6 -21.97 23.24 33.27
CA ARG A 6 -23.38 22.91 33.04
C ARG A 6 -24.03 22.34 34.30
N TRP A 7 -25.28 22.67 34.51
CA TRP A 7 -26.09 22.08 35.61
C TRP A 7 -26.85 20.87 35.11
N PHE A 8 -27.16 20.85 33.80
CA PHE A 8 -27.95 19.78 33.23
C PHE A 8 -27.24 19.10 32.06
N PRO A 9 -26.42 18.08 32.35
CA PRO A 9 -25.66 17.38 31.31
C PRO A 9 -26.56 16.82 30.19
N LYS A 10 -26.05 16.95 28.97
CA LYS A 10 -26.78 16.50 27.80
C LYS A 10 -26.52 15.03 27.71
N THR A 11 -27.60 14.26 27.71
CA THR A 11 -27.59 12.81 27.53
C THR A 11 -28.15 12.31 26.14
N LEU A 12 -28.79 13.20 25.40
CA LEU A 12 -29.41 12.87 24.11
C LEU A 12 -28.31 12.45 23.12
N PRO A 13 -28.48 11.32 22.43
CA PRO A 13 -27.38 10.91 21.59
C PRO A 13 -27.37 11.59 20.22
N CYS A 14 -27.87 12.81 20.12
CA CYS A 14 -27.96 13.52 18.85
C CYS A 14 -27.22 14.82 19.01
N ASP A 15 -26.65 15.35 17.95
CA ASP A 15 -26.05 16.66 18.06
C ASP A 15 -27.19 17.65 17.95
N VAL A 16 -27.09 18.72 18.75
CA VAL A 16 -28.08 19.75 18.82
C VAL A 16 -27.44 21.10 18.57
N THR A 17 -27.96 21.82 17.60
CA THR A 17 -27.41 23.08 17.20
C THR A 17 -28.54 24.10 17.13
N LEU A 18 -28.21 25.35 17.44
CA LEU A 18 -29.11 26.49 17.40
C LEU A 18 -28.68 27.44 16.29
N ASP A 19 -29.59 27.72 15.36
CA ASP A 19 -29.44 28.85 14.44
C ASP A 19 -30.56 29.84 14.80
N VAL A 20 -30.22 30.78 15.69
CA VAL A 20 -31.22 31.70 16.23
C VAL A 20 -31.74 32.71 15.19
N SER A 21 -30.93 32.99 14.15
CA SER A 21 -31.35 33.89 13.05
C SER A 21 -32.62 33.40 12.31
N LYS A 22 -32.63 32.13 11.88
CA LYS A 22 -33.80 31.50 11.21
C LYS A 22 -34.74 30.71 12.17
N ASN A 23 -34.63 30.95 13.48
CA ASN A 23 -35.41 30.20 14.51
C ASN A 23 -35.36 28.68 14.37
N HIS A 24 -34.18 28.18 14.03
CA HIS A 24 -34.02 26.74 13.86
C HIS A 24 -33.36 26.04 15.08
N VAL A 25 -33.95 24.90 15.45
CA VAL A 25 -33.34 24.01 16.41
C VAL A 25 -33.13 22.67 15.67
N ILE A 26 -31.85 22.36 15.46
CA ILE A 26 -31.41 21.28 14.61
C ILE A 26 -30.93 20.16 15.47
N VAL A 27 -31.55 19.02 15.28
CA VAL A 27 -31.25 17.87 16.00
C VAL A 27 -30.87 16.78 14.99
N ASP A 28 -29.61 16.36 15.04
CA ASP A 28 -29.01 15.42 14.07
C ASP A 28 -28.60 14.11 14.76
N CYS A 29 -29.41 13.06 14.58
CA CYS A 29 -29.16 11.72 15.09
C CYS A 29 -28.71 10.75 13.95
N THR A 30 -27.99 11.27 12.97
CA THR A 30 -27.48 10.46 11.88
C THR A 30 -26.56 9.38 12.43
N ASP A 31 -26.88 8.13 12.17
CA ASP A 31 -25.91 7.03 12.37
C ASP A 31 -25.47 6.90 13.85
N LYS A 32 -26.46 6.73 14.71
CA LYS A 32 -26.22 6.63 16.12
C LYS A 32 -26.65 5.29 16.64
N HIS A 33 -26.81 4.31 15.76
CA HIS A 33 -27.17 2.96 16.15
C HIS A 33 -28.41 2.95 17.01
N LEU A 34 -29.39 3.77 16.64
CA LEU A 34 -30.67 3.85 17.32
C LEU A 34 -31.64 2.83 16.85
N THR A 35 -32.35 2.22 17.79
CA THR A 35 -33.46 1.29 17.50
C THR A 35 -34.81 1.87 17.90
N GLU A 36 -34.81 3.06 18.48
CA GLU A 36 -36.06 3.82 18.76
C GLU A 36 -35.72 5.26 18.65
N ILE A 37 -36.74 6.10 18.49
CA ILE A 37 -36.50 7.54 18.55
C ILE A 37 -36.15 7.82 19.99
N PRO A 38 -35.02 8.51 20.23
CA PRO A 38 -34.68 8.80 21.65
C PRO A 38 -35.71 9.72 22.33
N GLY A 39 -35.82 9.57 23.63
CA GLY A 39 -36.67 10.46 24.46
C GLY A 39 -35.90 11.73 24.73
N GLY A 40 -36.64 12.82 25.00
CA GLY A 40 -36.02 14.09 25.41
C GLY A 40 -35.58 14.98 24.29
N ILE A 41 -36.01 14.69 23.05
CA ILE A 41 -35.77 15.60 21.91
C ILE A 41 -36.42 16.98 22.26
N PRO A 42 -35.71 18.12 22.03
CA PRO A 42 -36.32 19.39 22.41
C PRO A 42 -37.64 19.63 21.72
N THR A 43 -38.54 20.21 22.49
CA THR A 43 -39.88 20.61 22.03
C THR A 43 -39.80 21.64 20.91
N ASN A 44 -38.78 22.51 20.92
CA ASN A 44 -38.60 23.54 19.87
C ASN A 44 -37.91 22.99 18.55
N THR A 45 -37.69 21.67 18.46
CA THR A 45 -36.96 21.08 17.36
C THR A 45 -37.70 21.40 16.01
N THR A 46 -36.99 22.07 15.12
CA THR A 46 -37.48 22.33 13.76
C THR A 46 -36.95 21.38 12.71
N ASN A 47 -35.68 20.95 12.83
CA ASN A 47 -35.08 19.96 11.89
C ASN A 47 -34.57 18.73 12.62
N LEU A 48 -35.19 17.58 12.36
CA LEU A 48 -34.86 16.34 12.98
C LEU A 48 -34.38 15.31 11.94
N THR A 49 -33.14 14.89 12.09
CA THR A 49 -32.54 13.87 11.23
C THR A 49 -32.26 12.59 11.95
N LEU A 50 -32.90 11.52 11.51
CA LEU A 50 -32.75 10.17 12.02
C LEU A 50 -32.22 9.14 10.98
N THR A 51 -31.49 9.65 9.99
CA THR A 51 -30.98 8.87 8.87
C THR A 51 -29.98 7.83 9.34
N ILE A 52 -30.09 6.61 8.79
CA ILE A 52 -29.15 5.49 9.05
C ILE A 52 -29.18 5.10 10.53
N ASN A 53 -30.31 4.56 10.96
CA ASN A 53 -30.48 3.95 12.23
C ASN A 53 -31.37 2.77 11.89
N HIS A 54 -31.87 2.06 12.89
CA HIS A 54 -32.71 0.90 12.72
C HIS A 54 -33.99 1.06 13.53
N ILE A 55 -34.62 2.23 13.35
CA ILE A 55 -35.93 2.47 13.96
C ILE A 55 -37.03 1.78 13.10
N PRO A 56 -37.74 0.77 13.67
CA PRO A 56 -38.58 -0.05 12.84
C PRO A 56 -39.98 0.53 12.64
N ASP A 57 -40.36 1.57 13.37
CA ASP A 57 -41.69 2.13 13.16
C ASP A 57 -41.86 3.56 13.62
N ILE A 58 -42.87 4.18 13.01
CA ILE A 58 -43.29 5.54 13.30
C ILE A 58 -44.76 5.45 13.75
N SER A 59 -45.10 6.33 14.69
CA SER A 59 -46.45 6.34 15.26
C SER A 59 -46.76 7.76 15.70
N PRO A 60 -47.99 8.02 16.16
CA PRO A 60 -48.31 9.32 16.78
C PRO A 60 -47.39 9.74 17.92
N ALA A 61 -46.96 8.75 18.69
CA ALA A 61 -45.98 8.97 19.76
C ALA A 61 -44.61 9.52 19.23
N SER A 62 -44.26 9.24 17.96
CA SER A 62 -42.90 9.51 17.44
C SER A 62 -42.55 10.96 17.54
N PHE A 63 -43.45 11.82 17.08
CA PHE A 63 -43.18 13.23 17.04
C PHE A 63 -44.21 14.05 17.88
N HIS A 64 -44.90 13.38 18.81
CA HIS A 64 -45.98 13.98 19.66
C HIS A 64 -45.76 15.43 20.15
N ARG A 65 -44.63 15.71 20.81
CA ARG A 65 -44.41 17.06 21.30
C ARG A 65 -43.83 17.99 20.27
N LEU A 66 -43.44 17.49 19.10
CA LEU A 66 -42.56 18.24 18.19
C LEU A 66 -43.39 18.94 17.10
N VAL A 67 -44.27 19.81 17.58
CA VAL A 67 -45.22 20.51 16.75
C VAL A 67 -44.57 21.61 15.89
N HIS A 68 -43.34 22.01 16.19
CA HIS A 68 -42.64 23.03 15.37
C HIS A 68 -41.81 22.46 14.22
N LEU A 69 -41.86 21.15 14.01
CA LEU A 69 -41.02 20.54 12.96
C LEU A 69 -41.32 21.12 11.54
N VAL A 70 -40.32 21.74 10.94
CA VAL A 70 -40.34 22.03 9.52
C VAL A 70 -39.78 20.91 8.63
N GLU A 71 -38.86 20.07 9.14
CA GLU A 71 -38.23 18.97 8.37
C GLU A 71 -37.98 17.75 9.19
N ILE A 72 -38.43 16.61 8.68
CA ILE A 72 -38.04 15.32 9.16
C ILE A 72 -37.26 14.54 8.09
N ASP A 73 -36.08 14.08 8.44
CA ASP A 73 -35.24 13.32 7.54
C ASP A 73 -35.04 11.98 8.18
N PHE A 74 -35.77 11.01 7.68
CA PHE A 74 -35.85 9.67 8.20
C PHE A 74 -35.46 8.71 7.06
N ARG A 75 -34.32 8.99 6.42
CA ARG A 75 -33.81 8.13 5.34
C ARG A 75 -33.13 6.83 5.88
N CYS A 76 -33.27 5.74 5.15
CA CYS A 76 -32.39 4.62 5.27
C CYS A 76 -32.45 3.94 6.65
N ASN A 77 -33.63 3.72 7.17
CA ASN A 77 -33.76 2.93 8.37
C ASN A 77 -34.11 1.51 7.98
N CYS A 78 -34.44 1.26 6.70
CA CYS A 78 -34.63 -0.08 6.22
C CYS A 78 -34.35 -0.15 4.72
N VAL A 79 -33.06 -0.14 4.36
CA VAL A 79 -32.71 0.03 2.95
C VAL A 79 -32.96 -1.28 2.16
N PRO A 80 -33.38 -1.18 0.90
CA PRO A 80 -33.44 -2.34 0.06
C PRO A 80 -32.18 -3.21 0.17
N ILE A 81 -32.40 -4.52 0.16
CA ILE A 81 -31.35 -5.50 0.49
C ILE A 81 -30.05 -5.35 -0.34
N ARG A 82 -30.18 -5.12 -1.64
CA ARG A 82 -29.00 -5.04 -2.51
C ARG A 82 -28.25 -3.74 -2.31
N LEU A 83 -28.94 -2.73 -1.78
CA LEU A 83 -28.33 -1.39 -1.53
C LEU A 83 -27.77 -1.29 -0.14
N GLY A 84 -28.23 -2.16 0.72
CA GLY A 84 -27.83 -2.05 2.14
C GLY A 84 -26.73 -2.96 2.57
N SER A 85 -26.28 -2.71 3.79
CA SER A 85 -25.35 -3.58 4.51
C SER A 85 -25.87 -5.07 4.55
N LYS A 86 -25.01 -6.02 4.15
CA LYS A 86 -25.29 -7.44 4.31
C LYS A 86 -24.97 -8.00 5.72
N SER A 87 -24.24 -7.24 6.55
CA SER A 87 -23.96 -7.69 7.92
C SER A 87 -25.06 -7.27 8.92
N ASN A 88 -25.74 -6.16 8.65
CA ASN A 88 -26.94 -5.83 9.43
C ASN A 88 -28.08 -5.51 8.47
N MET A 89 -28.64 -6.58 7.90
CA MET A 89 -29.79 -6.50 6.99
C MET A 89 -31.00 -6.04 7.80
N CYS A 90 -31.88 -5.27 7.18
CA CYS A 90 -33.12 -4.85 7.84
C CYS A 90 -34.16 -6.00 7.81
N PRO A 91 -34.64 -6.45 9.00
CA PRO A 91 -35.52 -7.64 8.99
C PRO A 91 -36.92 -7.41 8.37
N ARG A 92 -37.47 -6.20 8.52
CA ARG A 92 -38.85 -5.91 8.13
C ARG A 92 -39.02 -4.42 7.73
N ARG A 93 -39.83 -4.15 6.72
CA ARG A 93 -40.02 -2.78 6.28
C ARG A 93 -40.47 -1.83 7.42
N LEU A 94 -40.06 -0.57 7.33
CA LEU A 94 -40.60 0.47 8.22
C LEU A 94 -42.13 0.47 8.27
N GLN A 95 -42.71 0.57 9.47
CA GLN A 95 -44.18 0.57 9.67
C GLN A 95 -44.55 1.98 10.07
N ILE A 96 -45.40 2.64 9.30
CA ILE A 96 -45.90 3.93 9.68
C ILE A 96 -47.38 3.77 10.06
N LYS A 97 -47.71 4.10 11.31
CA LYS A 97 -49.09 4.03 11.81
C LYS A 97 -49.81 5.30 11.44
N PRO A 98 -51.16 5.24 11.33
CA PRO A 98 -51.90 6.44 10.95
C PRO A 98 -51.69 7.55 11.91
N ARG A 99 -51.73 8.76 11.37
CA ARG A 99 -51.79 10.00 12.11
C ARG A 99 -50.45 10.35 12.69
N SER A 100 -49.38 9.79 12.12
CA SER A 100 -48.04 10.04 12.69
C SER A 100 -47.53 11.41 12.35
N PHE A 101 -48.00 11.95 11.25
CA PHE A 101 -47.53 13.23 10.70
C PHE A 101 -48.59 14.34 10.63
N SER A 102 -49.86 14.02 10.82
CA SER A 102 -50.93 15.02 10.56
C SER A 102 -50.92 16.17 11.58
N GLY A 103 -50.52 15.90 12.81
CA GLY A 103 -50.26 17.00 13.77
C GLY A 103 -49.13 17.95 13.46
N LEU A 104 -48.27 17.64 12.47
CA LEU A 104 -47.08 18.49 12.20
C LEU A 104 -47.43 19.56 11.17
N THR A 105 -48.17 20.51 11.71
CA THR A 105 -48.80 21.62 11.02
C THR A 105 -47.82 22.48 10.24
N TYR A 106 -46.56 22.56 10.69
CA TYR A 106 -45.52 23.37 9.99
C TYR A 106 -44.59 22.57 9.07
N LEU A 107 -44.83 21.27 8.93
CA LEU A 107 -43.87 20.38 8.23
C LEU A 107 -43.79 20.73 6.73
N LYS A 108 -42.61 21.15 6.30
CA LYS A 108 -42.34 21.46 4.92
C LYS A 108 -41.61 20.37 4.10
N SER A 109 -40.85 19.46 4.75
CA SER A 109 -39.94 18.52 4.04
C SER A 109 -39.90 17.23 4.77
N LEU A 110 -40.21 16.16 4.07
CA LEU A 110 -40.23 14.87 4.64
C LEU A 110 -39.45 13.92 3.70
N TYR A 111 -38.33 13.38 4.21
CA TYR A 111 -37.52 12.38 3.51
C TYR A 111 -37.71 11.01 4.12
N LEU A 112 -38.31 10.11 3.36
CA LEU A 112 -38.52 8.72 3.74
C LEU A 112 -37.89 7.75 2.76
N ASP A 113 -36.83 8.18 2.11
CA ASP A 113 -36.11 7.29 1.18
C ASP A 113 -35.54 6.06 1.90
N GLY A 114 -35.55 4.93 1.23
CA GLY A 114 -34.75 3.81 1.64
C GLY A 114 -35.30 3.12 2.90
N ASN A 115 -36.61 2.91 2.94
CA ASN A 115 -37.33 2.30 4.06
C ASN A 115 -38.25 1.11 3.64
N GLN A 116 -38.16 0.69 2.37
CA GLN A 116 -38.92 -0.42 1.84
C GLN A 116 -40.44 -0.22 1.96
N LEU A 117 -40.88 1.03 1.91
CA LEU A 117 -42.31 1.33 1.96
C LEU A 117 -43.04 0.76 0.74
N LEU A 118 -44.30 0.37 0.94
CA LEU A 118 -45.12 -0.20 -0.14
C LEU A 118 -46.07 0.77 -0.80
N GLU A 119 -46.35 1.89 -0.13
CA GLU A 119 -47.30 2.87 -0.63
C GLU A 119 -46.86 4.26 -0.25
N ILE A 120 -47.45 5.23 -0.92
CA ILE A 120 -47.24 6.58 -0.53
C ILE A 120 -47.91 6.76 0.82
N PRO A 121 -47.17 7.25 1.83
CA PRO A 121 -47.79 7.44 3.14
C PRO A 121 -48.89 8.48 3.08
N GLN A 122 -50.03 8.16 3.70
CA GLN A 122 -51.19 9.03 3.76
C GLN A 122 -51.23 9.83 5.07
N GLY A 123 -52.13 10.79 5.17
CA GLY A 123 -52.25 11.60 6.36
C GLY A 123 -51.19 12.67 6.46
N LEU A 124 -50.64 13.11 5.32
CA LEU A 124 -49.60 14.08 5.38
C LEU A 124 -50.21 15.43 5.47
N PRO A 125 -49.57 16.36 6.20
CA PRO A 125 -50.12 17.67 6.40
C PRO A 125 -49.99 18.55 5.16
N PRO A 126 -50.92 19.51 5.00
CA PRO A 126 -50.98 20.30 3.75
C PRO A 126 -49.91 21.36 3.69
N SER A 127 -49.10 21.50 4.75
CA SER A 127 -47.94 22.40 4.69
C SER A 127 -46.77 21.85 3.80
N LEU A 128 -46.81 20.55 3.49
CA LEU A 128 -45.63 19.84 2.90
C LEU A 128 -45.32 20.33 1.51
N GLN A 129 -44.12 20.84 1.30
CA GLN A 129 -43.57 21.15 -0.02
C GLN A 129 -42.67 20.06 -0.72
N LEU A 130 -42.01 19.22 0.08
CA LEU A 130 -41.05 18.26 -0.44
C LEU A 130 -41.30 16.94 0.18
N LEU A 131 -41.50 15.96 -0.70
CA LEU A 131 -41.61 14.57 -0.28
C LEU A 131 -40.61 13.73 -1.09
N SER A 132 -39.86 12.89 -0.38
CA SER A 132 -38.84 12.07 -1.00
C SER A 132 -39.05 10.64 -0.60
N LEU A 133 -39.24 9.79 -1.60
CA LEU A 133 -39.60 8.39 -1.40
C LEU A 133 -38.71 7.50 -2.23
N GLU A 134 -37.49 7.94 -2.51
CA GLU A 134 -36.57 7.13 -3.34
C GLU A 134 -36.24 5.79 -2.68
N ALA A 135 -35.96 4.77 -3.47
CA ALA A 135 -35.46 3.50 -2.93
C ALA A 135 -36.41 2.90 -1.89
N ASN A 136 -37.71 3.00 -2.19
CA ASN A 136 -38.77 2.24 -1.57
C ASN A 136 -39.31 1.23 -2.53
N ASN A 137 -40.47 0.62 -2.25
CA ASN A 137 -41.06 -0.38 -3.11
C ASN A 137 -42.47 0.10 -3.55
N ILE A 138 -42.56 1.33 -4.06
CA ILE A 138 -43.80 1.96 -4.55
C ILE A 138 -43.65 2.02 -6.05
N PHE A 139 -44.44 1.21 -6.74
CA PHE A 139 -44.36 1.10 -8.21
C PHE A 139 -45.71 1.20 -8.94
N SER A 140 -46.72 1.72 -8.25
CA SER A 140 -48.02 2.06 -8.86
C SER A 140 -48.47 3.38 -8.22
N ILE A 141 -48.60 4.41 -9.06
CA ILE A 141 -49.02 5.73 -8.64
C ILE A 141 -50.47 5.99 -9.08
N ARG A 142 -51.32 6.30 -8.11
CA ARG A 142 -52.76 6.47 -8.31
C ARG A 142 -53.12 7.84 -7.85
N LYS A 143 -53.98 8.51 -8.63
CA LYS A 143 -54.47 9.86 -8.28
C LYS A 143 -54.99 10.00 -6.85
N GLU A 144 -55.73 9.00 -6.40
CA GLU A 144 -56.32 9.00 -5.07
C GLU A 144 -55.23 9.14 -3.97
N GLN A 145 -54.07 8.53 -4.19
CA GLN A 145 -52.97 8.59 -3.19
C GLN A 145 -52.25 9.93 -3.17
N LEU A 146 -52.44 10.74 -4.19
CA LEU A 146 -51.82 12.02 -4.31
C LEU A 146 -52.66 13.20 -3.91
N THR A 147 -53.95 13.00 -3.60
CA THR A 147 -54.83 14.13 -3.24
C THR A 147 -54.33 14.91 -2.01
N GLU A 148 -53.77 14.18 -1.00
CA GLU A 148 -53.15 14.83 0.19
C GLU A 148 -52.03 15.83 -0.11
N LEU A 149 -51.48 15.79 -1.33
CA LEU A 149 -50.30 16.59 -1.70
C LEU A 149 -50.55 17.85 -2.49
N ALA A 150 -51.72 18.46 -2.28
CA ALA A 150 -52.15 19.64 -3.04
C ALA A 150 -51.09 20.73 -3.13
N ASN A 151 -50.37 21.01 -2.03
CA ASN A 151 -49.32 22.01 -2.03
C ASN A 151 -47.87 21.56 -2.42
N ILE A 152 -47.73 20.30 -2.83
CA ILE A 152 -46.39 19.70 -3.03
C ILE A 152 -45.66 20.38 -4.17
N GLU A 153 -44.42 20.81 -3.94
CA GLU A 153 -43.57 21.37 -5.00
C GLU A 153 -42.53 20.42 -5.54
N ILE A 154 -42.02 19.52 -4.69
CA ILE A 154 -40.88 18.65 -5.04
C ILE A 154 -41.23 17.22 -4.63
N LEU A 155 -41.13 16.31 -5.60
CA LEU A 155 -41.53 14.95 -5.43
C LEU A 155 -40.51 13.99 -6.05
N TYR A 156 -39.86 13.19 -5.20
CA TYR A 156 -38.81 12.28 -5.65
C TYR A 156 -39.36 10.89 -5.44
N LEU A 157 -39.53 10.15 -6.54
CA LEU A 157 -40.13 8.85 -6.50
C LEU A 157 -39.28 7.79 -7.15
N GLY A 158 -38.06 8.12 -7.56
CA GLY A 158 -37.25 7.18 -8.32
C GLY A 158 -36.61 6.07 -7.48
N GLN A 159 -35.92 5.17 -8.17
CA GLN A 159 -35.20 4.05 -7.57
C GLN A 159 -36.12 3.07 -6.86
N ASN A 160 -37.39 3.01 -7.28
CA ASN A 160 -38.34 2.09 -6.71
C ASN A 160 -38.52 0.83 -7.54
N CYS A 161 -37.94 0.77 -8.75
CA CYS A 161 -38.01 -0.41 -9.59
C CYS A 161 -36.86 -0.44 -10.63
N TYR A 162 -35.76 -1.01 -10.23
CA TYR A 162 -34.55 -1.14 -11.09
C TYR A 162 -33.68 -2.29 -10.57
N TYR A 163 -32.56 -2.57 -11.20
CA TYR A 163 -31.83 -3.79 -10.90
C TYR A 163 -31.33 -3.91 -9.46
N ARG A 164 -31.04 -2.82 -8.78
CA ARG A 164 -30.60 -2.87 -7.37
C ARG A 164 -31.79 -2.90 -6.42
N ASN A 165 -33.00 -2.81 -6.97
CA ASN A 165 -34.22 -2.77 -6.15
C ASN A 165 -35.38 -3.15 -7.02
N PRO A 166 -35.44 -4.40 -7.40
CA PRO A 166 -36.44 -4.82 -8.39
C PRO A 166 -37.87 -4.88 -7.90
N CYS A 167 -38.81 -4.52 -8.76
CA CYS A 167 -40.21 -4.78 -8.49
C CYS A 167 -40.87 -5.84 -9.43
N TYR A 168 -40.18 -6.30 -10.45
CA TYR A 168 -40.65 -7.37 -11.32
C TYR A 168 -41.88 -7.06 -12.17
N VAL A 169 -42.33 -5.81 -12.21
CA VAL A 169 -43.34 -5.40 -13.17
C VAL A 169 -42.95 -4.03 -13.71
N SER A 170 -43.68 -3.60 -14.73
CA SER A 170 -43.58 -2.27 -15.25
C SER A 170 -44.21 -1.39 -14.22
N TYR A 171 -43.66 -0.20 -14.12
CA TYR A 171 -44.21 0.84 -13.28
C TYR A 171 -45.53 1.30 -13.86
N SER A 172 -46.47 1.73 -13.03
CA SER A 172 -47.77 2.19 -13.47
C SER A 172 -48.06 3.50 -12.89
N ILE A 173 -48.57 4.38 -13.74
CA ILE A 173 -48.98 5.68 -13.32
C ILE A 173 -50.35 5.91 -13.94
N GLU A 174 -51.32 6.25 -13.11
CA GLU A 174 -52.63 6.50 -13.65
C GLU A 174 -52.60 7.74 -14.47
N LYS A 175 -53.43 7.70 -15.51
CA LYS A 175 -53.72 8.82 -16.34
C LYS A 175 -54.03 10.07 -15.51
N ASP A 176 -53.36 11.19 -15.82
CA ASP A 176 -53.52 12.47 -15.08
C ASP A 176 -53.19 12.40 -13.55
N ALA A 177 -52.43 11.40 -13.11
CA ALA A 177 -52.19 11.26 -11.67
C ALA A 177 -51.69 12.53 -11.04
N PHE A 178 -50.80 13.24 -11.76
CA PHE A 178 -50.12 14.41 -11.23
C PHE A 178 -50.78 15.74 -11.58
N LEU A 179 -51.81 15.73 -12.43
CA LEU A 179 -52.29 17.00 -13.05
C LEU A 179 -52.82 18.01 -12.06
N ASN A 180 -53.53 17.54 -11.02
CA ASN A 180 -54.06 18.42 -9.99
C ASN A 180 -53.09 18.79 -8.84
N LEU A 181 -51.80 18.51 -9.01
CA LEU A 181 -50.76 19.01 -8.10
C LEU A 181 -50.27 20.29 -8.73
N THR A 182 -51.02 21.34 -8.47
CA THR A 182 -50.94 22.58 -9.23
C THR A 182 -49.76 23.45 -8.86
N LYS A 183 -49.06 23.08 -7.78
CA LYS A 183 -47.82 23.77 -7.44
C LYS A 183 -46.50 22.95 -7.75
N LEU A 184 -46.64 21.74 -8.30
CA LEU A 184 -45.53 20.82 -8.51
C LEU A 184 -44.51 21.38 -9.47
N LYS A 185 -43.28 21.60 -9.01
CA LYS A 185 -42.19 22.12 -9.83
C LYS A 185 -41.20 21.02 -10.29
N VAL A 186 -40.92 20.03 -9.41
CA VAL A 186 -39.84 19.06 -9.65
C VAL A 186 -40.41 17.72 -9.50
N LEU A 187 -40.25 16.90 -10.53
CA LEU A 187 -40.74 15.50 -10.52
C LEU A 187 -39.67 14.56 -11.02
N SER A 188 -39.32 13.57 -10.20
CA SER A 188 -38.33 12.61 -10.55
C SER A 188 -38.88 11.23 -10.49
N LEU A 189 -38.81 10.56 -11.63
CA LEU A 189 -39.29 9.22 -11.76
C LEU A 189 -38.20 8.34 -12.37
N LYS A 190 -36.96 8.70 -12.10
CA LYS A 190 -35.82 7.92 -12.55
C LYS A 190 -35.73 6.50 -11.99
N ASP A 191 -35.07 5.62 -12.73
CA ASP A 191 -34.67 4.30 -12.24
C ASP A 191 -35.93 3.54 -11.77
N ASN A 192 -37.00 3.59 -12.57
CA ASN A 192 -38.29 3.09 -12.13
C ASN A 192 -38.99 2.09 -13.03
N ASN A 193 -38.36 1.65 -14.10
CA ASN A 193 -39.06 0.73 -15.03
C ASN A 193 -40.34 1.35 -15.64
N VAL A 194 -40.32 2.66 -15.84
CA VAL A 194 -41.38 3.39 -16.53
C VAL A 194 -41.35 3.10 -18.04
N THR A 195 -42.56 2.97 -18.62
CA THR A 195 -42.72 2.59 -20.03
C THR A 195 -43.24 3.70 -20.88
N THR A 196 -43.96 4.65 -20.31
CA THR A 196 -44.37 5.79 -21.10
C THR A 196 -44.24 7.03 -20.29
N VAL A 197 -44.15 8.18 -20.96
CA VAL A 197 -44.13 9.44 -20.25
C VAL A 197 -45.52 9.59 -19.66
N PRO A 198 -45.65 9.79 -18.34
CA PRO A 198 -47.01 9.99 -17.82
C PRO A 198 -47.58 11.34 -18.28
N THR A 199 -48.87 11.34 -18.56
CA THR A 199 -49.60 12.53 -19.01
C THR A 199 -50.95 12.58 -18.31
N VAL A 200 -51.58 13.74 -18.20
CA VAL A 200 -51.01 15.08 -18.51
C VAL A 200 -50.31 15.49 -17.21
N LEU A 201 -49.17 16.17 -17.32
CA LEU A 201 -48.45 16.68 -16.13
C LEU A 201 -48.80 18.13 -15.93
N PRO A 202 -48.63 18.63 -14.71
CA PRO A 202 -48.97 20.03 -14.43
C PRO A 202 -47.99 21.01 -15.06
N SER A 203 -48.51 22.10 -15.61
CA SER A 203 -47.76 23.03 -16.43
C SER A 203 -46.83 23.89 -15.59
N THR A 204 -46.97 23.77 -14.28
CA THR A 204 -46.03 24.38 -13.35
C THR A 204 -44.64 23.69 -13.24
N LEU A 205 -44.45 22.49 -13.83
CA LEU A 205 -43.11 21.82 -13.80
C LEU A 205 -41.94 22.61 -14.34
N THR A 206 -40.85 22.63 -13.56
CA THR A 206 -39.58 23.21 -14.02
C THR A 206 -38.49 22.17 -14.29
N GLU A 207 -38.63 21.02 -13.67
CA GLU A 207 -37.68 19.95 -13.84
C GLU A 207 -38.35 18.61 -13.88
N LEU A 208 -38.02 17.81 -14.89
CA LEU A 208 -38.64 16.51 -15.04
C LEU A 208 -37.52 15.52 -15.37
N TYR A 209 -37.47 14.48 -14.55
CA TYR A 209 -36.44 13.47 -14.58
C TYR A 209 -37.09 12.15 -14.88
N LEU A 210 -36.81 11.66 -16.11
CA LEU A 210 -37.38 10.40 -16.58
C LEU A 210 -36.31 9.43 -16.98
N TYR A 211 -35.09 9.61 -16.47
CA TYR A 211 -33.99 8.79 -16.94
C TYR A 211 -33.94 7.41 -16.35
N ASN A 212 -33.22 6.54 -17.04
CA ASN A 212 -33.04 5.15 -16.68
C ASN A 212 -34.37 4.39 -16.51
N ASN A 213 -35.12 4.33 -17.60
CA ASN A 213 -36.40 3.67 -17.62
C ASN A 213 -36.47 2.80 -18.88
N MET A 214 -37.69 2.47 -19.29
CA MET A 214 -37.98 1.70 -20.50
C MET A 214 -38.94 2.46 -21.41
N ILE A 215 -38.73 3.76 -21.59
CA ILE A 215 -39.51 4.52 -22.49
C ILE A 215 -38.88 4.28 -23.86
N ALA A 216 -39.65 3.75 -24.80
CA ALA A 216 -39.15 3.50 -26.14
C ALA A 216 -39.48 4.66 -27.10
N GLU A 217 -40.50 5.45 -26.78
CA GLU A 217 -41.00 6.43 -27.71
C GLU A 217 -41.50 7.57 -26.92
N ILE A 218 -41.29 8.77 -27.43
CA ILE A 218 -41.93 9.98 -26.96
C ILE A 218 -43.07 10.26 -27.95
N GLN A 219 -44.26 10.58 -27.44
CA GLN A 219 -45.35 11.02 -28.26
C GLN A 219 -45.18 12.50 -28.49
N GLU A 220 -45.73 12.98 -29.59
CA GLU A 220 -45.53 14.35 -30.01
C GLU A 220 -46.13 15.34 -29.06
N ASP A 221 -47.13 14.94 -28.29
CA ASP A 221 -47.75 15.84 -27.33
C ASP A 221 -47.38 15.50 -25.87
N ASP A 222 -46.47 14.58 -25.63
CA ASP A 222 -46.01 14.25 -24.25
C ASP A 222 -45.58 15.47 -23.39
N PHE A 223 -44.98 16.48 -23.99
CA PHE A 223 -44.51 17.68 -23.26
C PHE A 223 -45.21 18.98 -23.63
N ASN A 224 -46.40 18.86 -24.23
CA ASN A 224 -47.11 20.01 -24.86
C ASN A 224 -47.46 21.20 -24.03
N ASN A 225 -47.87 20.94 -22.83
CA ASN A 225 -48.31 22.00 -21.93
C ASN A 225 -47.16 22.50 -20.98
N LEU A 226 -45.92 21.99 -21.12
CA LEU A 226 -44.83 22.28 -20.12
C LEU A 226 -44.01 23.49 -20.45
N ASN A 227 -44.69 24.63 -20.47
CA ASN A 227 -44.08 25.87 -20.92
C ASN A 227 -43.20 26.52 -19.86
N GLN A 228 -43.16 25.98 -18.64
CA GLN A 228 -42.20 26.45 -17.63
C GLN A 228 -40.98 25.52 -17.46
N LEU A 229 -40.92 24.45 -18.21
CA LEU A 229 -39.88 23.42 -18.00
C LEU A 229 -38.50 23.96 -18.27
N GLN A 230 -37.60 23.78 -17.29
CA GLN A 230 -36.18 24.17 -17.48
C GLN A 230 -35.23 23.02 -17.68
N ILE A 231 -35.54 21.87 -17.08
CA ILE A 231 -34.61 20.77 -17.15
C ILE A 231 -35.43 19.58 -17.54
N LEU A 232 -34.94 18.84 -18.57
CA LEU A 232 -35.56 17.64 -18.98
C LEU A 232 -34.49 16.58 -19.15
N ASP A 233 -34.67 15.45 -18.49
CA ASP A 233 -33.70 14.36 -18.62
C ASP A 233 -34.43 13.09 -19.00
N LEU A 234 -34.11 12.60 -20.18
CA LEU A 234 -34.68 11.41 -20.75
C LEU A 234 -33.64 10.34 -20.99
N SER A 235 -32.44 10.53 -20.43
CA SER A 235 -31.31 9.64 -20.66
C SER A 235 -31.61 8.22 -20.28
N GLY A 236 -30.85 7.29 -20.84
CA GLY A 236 -30.96 5.89 -20.39
C GLY A 236 -32.31 5.23 -20.73
N ASN A 237 -32.93 5.71 -21.77
CA ASN A 237 -34.09 5.08 -22.41
C ASN A 237 -33.65 4.65 -23.80
N CYS A 238 -33.57 3.34 -24.04
CA CYS A 238 -32.82 2.76 -25.17
C CYS A 238 -31.32 3.03 -25.00
N PRO A 239 -30.75 2.44 -23.97
CA PRO A 239 -29.38 2.67 -23.68
C PRO A 239 -28.41 2.06 -24.70
N ARG A 240 -27.26 2.71 -24.78
CA ARG A 240 -26.10 2.19 -25.43
C ARG A 240 -25.41 1.29 -24.42
N CYS A 241 -25.45 -0.01 -24.63
CA CYS A 241 -25.00 -0.95 -23.62
C CYS A 241 -23.56 -1.40 -23.70
N TYR A 242 -22.77 -0.96 -24.68
CA TYR A 242 -21.40 -1.47 -24.82
C TYR A 242 -20.55 -1.07 -23.58
N ASN A 243 -19.89 -2.05 -22.98
CA ASN A 243 -19.09 -1.91 -21.73
C ASN A 243 -19.82 -1.28 -20.56
N ALA A 244 -21.13 -1.51 -20.49
CA ALA A 244 -21.89 -0.98 -19.40
C ALA A 244 -21.46 -1.72 -18.12
N PRO A 245 -21.13 -0.99 -17.04
CA PRO A 245 -20.84 -1.64 -15.76
C PRO A 245 -22.10 -2.04 -14.94
N PHE A 246 -23.28 -2.04 -15.57
CA PHE A 246 -24.49 -2.51 -14.88
C PHE A 246 -25.26 -3.34 -15.93
N PRO A 247 -26.16 -4.21 -15.49
CA PRO A 247 -26.98 -5.00 -16.42
C PRO A 247 -27.84 -4.09 -17.30
N CYS A 248 -27.72 -4.28 -18.61
CA CYS A 248 -28.15 -3.28 -19.57
C CYS A 248 -28.89 -4.00 -20.70
N THR A 249 -30.13 -3.60 -20.95
CA THR A 249 -30.96 -4.18 -22.01
C THR A 249 -31.25 -3.11 -23.05
N PRO A 250 -30.78 -3.32 -24.29
CA PRO A 250 -31.06 -2.31 -25.31
C PRO A 250 -32.47 -2.47 -25.87
N CYS A 251 -33.05 -1.37 -26.35
CA CYS A 251 -34.21 -1.45 -27.21
C CYS A 251 -33.87 -2.37 -28.39
N LYS A 252 -34.83 -3.17 -28.80
CA LYS A 252 -34.67 -4.04 -29.97
C LYS A 252 -34.29 -3.36 -31.28
N ASN A 253 -33.61 -4.11 -32.14
CA ASN A 253 -33.36 -3.75 -33.57
C ASN A 253 -32.48 -2.54 -33.67
N ASN A 254 -31.58 -2.47 -32.70
CA ASN A 254 -30.82 -1.27 -32.37
C ASN A 254 -31.56 0.09 -32.42
N SER A 255 -32.81 0.15 -31.99
CA SER A 255 -33.60 1.35 -32.16
C SER A 255 -33.13 2.42 -31.16
N PRO A 256 -33.15 3.69 -31.56
CA PRO A 256 -32.95 4.79 -30.65
C PRO A 256 -34.25 5.09 -29.88
N LEU A 257 -34.17 5.91 -28.84
CA LEU A 257 -35.36 6.49 -28.29
C LEU A 257 -35.95 7.27 -29.44
N GLN A 258 -37.26 7.09 -29.70
CA GLN A 258 -37.88 7.77 -30.83
C GLN A 258 -38.48 9.04 -30.33
N ILE A 259 -37.96 10.15 -30.84
CA ILE A 259 -38.46 11.45 -30.46
C ILE A 259 -38.94 12.20 -31.71
N PRO A 260 -40.22 12.52 -31.77
CA PRO A 260 -40.71 13.29 -32.91
C PRO A 260 -40.05 14.65 -33.02
N VAL A 261 -39.94 15.13 -34.23
CA VAL A 261 -39.22 16.35 -34.54
C VAL A 261 -39.79 17.53 -33.82
N ASN A 262 -41.07 17.45 -33.44
CA ASN A 262 -41.78 18.55 -32.76
C ASN A 262 -42.08 18.29 -31.29
N ALA A 263 -41.54 17.23 -30.74
CA ALA A 263 -41.75 16.91 -29.31
C ALA A 263 -41.36 17.99 -28.30
N PHE A 264 -40.39 18.85 -28.64
CA PHE A 264 -39.91 19.87 -27.72
C PHE A 264 -40.45 21.25 -28.01
N ASP A 265 -41.44 21.37 -28.89
CA ASP A 265 -41.88 22.69 -29.35
C ASP A 265 -42.43 23.57 -28.27
N ALA A 266 -43.09 22.99 -27.28
CA ALA A 266 -43.61 23.81 -26.20
C ALA A 266 -42.54 24.28 -25.19
N LEU A 267 -41.31 23.78 -25.25
CA LEU A 267 -40.38 23.93 -24.13
C LEU A 267 -39.55 25.19 -24.33
N THR A 268 -40.22 26.33 -24.32
CA THR A 268 -39.55 27.58 -24.60
C THR A 268 -38.55 28.00 -23.51
N GLU A 269 -38.76 27.55 -22.28
CA GLU A 269 -37.85 27.90 -21.15
C GLU A 269 -36.71 26.90 -20.94
N LEU A 270 -36.61 25.90 -21.83
CA LEU A 270 -35.75 24.79 -21.53
C LEU A 270 -34.30 25.25 -21.52
N LYS A 271 -33.60 25.00 -20.41
CA LYS A 271 -32.17 25.34 -20.32
C LYS A 271 -31.29 24.12 -20.37
N VAL A 272 -31.81 22.98 -19.89
CA VAL A 272 -31.00 21.77 -19.82
C VAL A 272 -31.75 20.65 -20.48
N LEU A 273 -31.10 19.96 -21.40
CA LEU A 273 -31.67 18.78 -22.05
C LEU A 273 -30.61 17.70 -22.01
N ARG A 274 -30.96 16.61 -21.37
CA ARG A 274 -30.06 15.48 -21.27
C ARG A 274 -30.60 14.27 -22.01
N LEU A 275 -29.86 13.84 -23.03
CA LEU A 275 -30.15 12.74 -23.89
C LEU A 275 -28.88 11.82 -23.95
N HIS A 276 -28.44 11.40 -22.77
CA HIS A 276 -27.30 10.49 -22.59
C HIS A 276 -27.82 9.05 -22.72
N SER A 277 -27.15 8.22 -23.50
CA SER A 277 -27.48 6.78 -23.57
C SER A 277 -28.91 6.54 -24.01
N ASN A 278 -29.24 7.17 -25.14
CA ASN A 278 -30.47 6.98 -25.86
C ASN A 278 -30.33 6.31 -27.24
N SER A 279 -29.11 5.86 -27.54
CA SER A 279 -28.77 5.14 -28.78
C SER A 279 -29.14 5.95 -30.02
N LEU A 280 -29.00 7.28 -29.93
CA LEU A 280 -29.36 8.17 -31.04
C LEU A 280 -28.35 8.10 -32.18
N GLN A 281 -28.84 8.15 -33.41
CA GLN A 281 -27.98 8.17 -34.58
C GLN A 281 -28.03 9.49 -35.30
N HIS A 282 -29.05 10.30 -35.02
CA HIS A 282 -29.20 11.59 -35.68
C HIS A 282 -29.71 12.52 -34.62
N VAL A 283 -29.40 13.79 -34.81
CA VAL A 283 -29.93 14.85 -34.02
C VAL A 283 -30.61 15.84 -35.00
N PRO A 284 -31.94 15.65 -35.23
CA PRO A 284 -32.65 16.56 -36.15
C PRO A 284 -32.60 18.01 -35.70
N PRO A 285 -32.19 18.94 -36.59
CA PRO A 285 -32.24 20.36 -36.24
C PRO A 285 -33.59 20.83 -35.78
N ARG A 286 -34.63 20.28 -36.43
CA ARG A 286 -36.01 20.65 -36.10
C ARG A 286 -36.36 20.49 -34.60
N TRP A 287 -35.69 19.58 -33.87
CA TRP A 287 -35.88 19.48 -32.41
C TRP A 287 -35.76 20.79 -31.68
N PHE A 288 -34.83 21.61 -32.13
CA PHE A 288 -34.50 22.85 -31.48
C PHE A 288 -35.09 24.09 -32.10
N LYS A 289 -36.08 23.96 -33.00
CA LYS A 289 -36.68 25.14 -33.66
C LYS A 289 -37.17 26.22 -32.68
N ASN A 290 -37.88 25.85 -31.62
CA ASN A 290 -38.42 26.83 -30.65
C ASN A 290 -37.68 26.92 -29.32
N ILE A 291 -36.53 26.30 -29.21
CA ILE A 291 -35.76 26.45 -28.01
C ILE A 291 -34.57 27.32 -28.34
N ASN A 292 -34.63 28.56 -27.93
CA ASN A 292 -33.47 29.42 -28.11
C ASN A 292 -32.56 29.51 -26.93
N ASN A 293 -33.13 29.25 -25.76
CA ASN A 293 -32.50 29.42 -24.46
C ASN A 293 -31.63 28.30 -23.95
N LEU A 294 -31.51 27.21 -24.70
CA LEU A 294 -30.84 26.01 -24.23
C LEU A 294 -29.36 26.31 -23.87
N GLN A 295 -28.95 25.95 -22.67
CA GLN A 295 -27.58 26.21 -22.19
C GLN A 295 -26.75 24.93 -22.07
N GLU A 296 -27.40 23.79 -21.83
CA GLU A 296 -26.67 22.56 -21.58
C GLU A 296 -27.31 21.43 -22.34
N LEU A 297 -26.51 20.73 -23.14
CA LEU A 297 -26.95 19.61 -23.91
C LEU A 297 -25.98 18.46 -23.73
N ASP A 298 -26.52 17.32 -23.25
CA ASP A 298 -25.77 16.14 -23.11
C ASP A 298 -26.25 15.09 -24.14
N LEU A 299 -25.36 14.76 -25.07
CA LEU A 299 -25.55 13.76 -26.08
C LEU A 299 -24.50 12.65 -26.02
N SER A 300 -23.95 12.40 -24.84
CA SER A 300 -22.94 11.36 -24.65
C SER A 300 -23.58 9.98 -24.66
N GLN A 301 -22.81 8.99 -25.03
CA GLN A 301 -23.21 7.59 -25.09
C GLN A 301 -24.35 7.33 -26.05
N ASN A 302 -24.27 7.89 -27.22
CA ASN A 302 -25.14 7.58 -28.33
C ASN A 302 -24.28 6.99 -29.47
N PHE A 303 -24.78 7.04 -30.73
CA PHE A 303 -24.03 6.56 -31.88
C PHE A 303 -23.97 7.70 -32.85
N LEU A 304 -23.49 8.83 -32.34
CA LEU A 304 -23.41 10.06 -33.10
C LEU A 304 -22.08 10.39 -33.82
N ALA A 305 -21.18 9.43 -33.97
CA ALA A 305 -19.86 9.66 -34.61
C ALA A 305 -19.98 10.33 -35.95
N LYS A 306 -20.85 9.80 -36.82
CA LYS A 306 -21.12 10.43 -38.16
C LYS A 306 -21.72 11.80 -38.04
N GLU A 307 -22.74 11.94 -37.19
CA GLU A 307 -23.41 13.25 -36.99
C GLU A 307 -22.47 14.38 -36.55
N ILE A 308 -21.43 14.04 -35.77
CA ILE A 308 -20.51 15.08 -35.30
C ILE A 308 -19.85 15.78 -36.51
N GLY A 309 -19.71 15.08 -37.64
CA GLY A 309 -19.12 15.65 -38.87
C GLY A 309 -20.06 16.50 -39.71
N ASP A 310 -21.31 16.59 -39.27
CA ASP A 310 -22.34 17.23 -40.03
C ASP A 310 -23.03 18.22 -39.11
N ALA A 311 -23.86 17.75 -38.17
CA ALA A 311 -24.28 18.54 -37.02
C ALA A 311 -24.97 19.88 -37.31
N LYS A 312 -25.90 19.83 -38.28
CA LYS A 312 -26.65 21.03 -38.63
C LYS A 312 -27.37 21.62 -37.43
N PHE A 313 -27.80 20.76 -36.49
CA PHE A 313 -28.53 21.25 -35.31
C PHE A 313 -27.81 22.34 -34.54
N LEU A 314 -26.47 22.38 -34.61
CA LEU A 314 -25.70 23.35 -33.82
C LEU A 314 -26.00 24.78 -34.21
N HIS A 315 -26.45 24.99 -35.46
CA HIS A 315 -26.89 26.35 -35.93
C HIS A 315 -28.02 26.86 -35.11
N PHE A 316 -28.80 25.99 -34.44
CA PHE A 316 -29.95 26.46 -33.59
C PHE A 316 -29.61 26.68 -32.10
N LEU A 317 -28.30 26.60 -31.74
CA LEU A 317 -27.88 26.63 -30.36
C LEU A 317 -26.88 27.72 -30.05
N PRO A 318 -27.22 28.97 -30.41
CA PRO A 318 -26.26 30.07 -30.19
C PRO A 318 -26.05 30.44 -28.73
N ASN A 319 -26.94 30.03 -27.84
CA ASN A 319 -26.82 30.28 -26.39
C ASN A 319 -26.28 29.11 -25.54
N LEU A 320 -25.95 28.00 -26.19
CA LEU A 320 -25.40 26.83 -25.51
C LEU A 320 -24.05 27.15 -24.85
N ILE A 321 -23.95 26.78 -23.58
CA ILE A 321 -22.77 26.95 -22.75
C ILE A 321 -21.98 25.64 -22.68
N GLN A 322 -22.67 24.51 -22.57
CA GLN A 322 -22.05 23.18 -22.46
C GLN A 322 -22.60 22.19 -23.41
N LEU A 323 -21.69 21.48 -24.07
CA LEU A 323 -22.03 20.45 -25.04
C LEU A 323 -21.20 19.24 -24.73
N ASP A 324 -21.87 18.11 -24.53
CA ASP A 324 -21.21 16.87 -24.32
C ASP A 324 -21.59 15.88 -25.40
N LEU A 325 -20.57 15.43 -26.14
CA LEU A 325 -20.66 14.45 -27.19
C LEU A 325 -19.75 13.24 -26.99
N SER A 326 -19.38 12.98 -25.74
CA SER A 326 -18.46 11.89 -25.42
C SER A 326 -19.03 10.51 -25.68
N PHE A 327 -18.17 9.54 -25.95
CA PHE A 327 -18.53 8.15 -26.17
C PHE A 327 -19.64 7.98 -27.22
N ASN A 328 -19.36 8.54 -28.40
CA ASN A 328 -20.19 8.33 -29.57
C ASN A 328 -19.57 7.45 -30.62
N PHE A 329 -18.43 6.84 -30.33
CA PHE A 329 -17.69 6.11 -31.35
C PHE A 329 -18.49 4.91 -31.91
N GLU A 330 -18.19 4.57 -33.13
CA GLU A 330 -18.69 3.35 -33.75
C GLU A 330 -17.89 2.18 -33.27
N LEU A 331 -18.61 1.14 -32.87
CA LEU A 331 -17.97 -0.06 -32.40
C LEU A 331 -17.01 -0.62 -33.46
N GLN A 332 -15.83 -1.02 -33.02
CA GLN A 332 -14.81 -1.67 -33.82
C GLN A 332 -14.18 -0.74 -34.85
N VAL A 333 -14.38 0.56 -34.73
CA VAL A 333 -13.70 1.50 -35.58
C VAL A 333 -12.70 2.38 -34.77
N TYR A 334 -11.49 2.44 -35.30
CA TYR A 334 -10.45 3.34 -34.88
C TYR A 334 -10.19 4.33 -36.01
N ARG A 335 -10.87 5.49 -35.99
CA ARG A 335 -10.74 6.49 -37.01
C ARG A 335 -9.36 7.14 -37.05
N ALA A 336 -8.97 7.57 -38.25
CA ALA A 336 -7.69 8.21 -38.51
C ALA A 336 -7.57 9.56 -37.79
N SER A 337 -8.66 10.30 -37.81
CA SER A 337 -8.69 11.66 -37.34
C SER A 337 -10.08 12.08 -36.90
N MET A 338 -10.17 13.26 -36.33
CA MET A 338 -11.43 13.75 -35.82
C MET A 338 -11.96 14.76 -36.80
N ASN A 339 -13.22 14.57 -37.10
CA ASN A 339 -13.94 15.32 -38.08
C ASN A 339 -15.05 16.10 -37.33
N LEU A 340 -14.80 17.36 -37.03
CA LEU A 340 -15.77 18.23 -36.44
C LEU A 340 -16.39 19.06 -37.55
N SER A 341 -17.70 19.11 -37.67
CA SER A 341 -18.35 19.98 -38.63
C SER A 341 -17.97 21.42 -38.38
N GLN A 342 -17.98 22.20 -39.46
CA GLN A 342 -17.92 23.66 -39.39
C GLN A 342 -19.02 24.28 -38.60
N ALA A 343 -20.14 23.59 -38.50
CA ALA A 343 -21.25 24.07 -37.68
C ALA A 343 -20.89 24.38 -36.21
N PHE A 344 -19.86 23.73 -35.68
CA PHE A 344 -19.34 24.05 -34.32
C PHE A 344 -18.99 25.52 -34.18
N SER A 345 -18.65 26.14 -35.31
CA SER A 345 -18.29 27.57 -35.30
C SER A 345 -19.45 28.48 -35.04
N SER A 346 -20.69 27.97 -35.13
CA SER A 346 -21.90 28.79 -34.75
C SER A 346 -22.18 28.75 -33.27
N LEU A 347 -21.40 28.03 -32.46
CA LEU A 347 -21.68 27.91 -31.00
C LEU A 347 -21.10 29.07 -30.21
N LYS A 348 -21.64 30.24 -30.49
CA LYS A 348 -21.10 31.52 -30.04
C LYS A 348 -20.83 31.57 -28.53
N SER A 349 -21.73 30.98 -27.72
CA SER A 349 -21.66 31.14 -26.27
C SER A 349 -20.92 29.97 -25.57
N LEU A 350 -20.46 28.99 -26.34
CA LEU A 350 -19.92 27.77 -25.77
C LEU A 350 -18.73 28.02 -24.83
N LYS A 351 -18.81 27.48 -23.63
CA LYS A 351 -17.68 27.44 -22.68
C LYS A 351 -17.06 26.11 -22.49
N ILE A 352 -17.83 25.03 -22.59
CA ILE A 352 -17.34 23.70 -22.31
C ILE A 352 -17.72 22.73 -23.42
N LEU A 353 -16.72 22.08 -24.01
CA LEU A 353 -16.96 21.10 -25.02
C LEU A 353 -16.25 19.80 -24.60
N ARG A 354 -17.00 18.73 -24.47
CA ARG A 354 -16.42 17.45 -24.14
C ARG A 354 -16.68 16.47 -25.26
N ILE A 355 -15.60 15.87 -25.79
CA ILE A 355 -15.72 14.86 -26.78
C ILE A 355 -14.72 13.75 -26.47
N ARG A 356 -14.94 13.10 -25.36
CA ARG A 356 -14.17 11.90 -25.02
C ARG A 356 -14.69 10.75 -25.85
N GLY A 357 -13.85 9.74 -26.01
CA GLY A 357 -14.33 8.50 -26.58
C GLY A 357 -14.92 8.61 -27.99
N TYR A 358 -14.34 9.52 -28.78
CA TYR A 358 -14.58 9.60 -30.25
C TYR A 358 -13.69 8.55 -30.89
N VAL A 359 -12.47 8.36 -30.34
CA VAL A 359 -11.60 7.22 -30.64
C VAL A 359 -10.93 7.41 -32.01
N PHE A 360 -9.78 8.08 -32.00
CA PHE A 360 -9.06 8.40 -33.21
C PHE A 360 -7.55 8.49 -33.04
N LYS A 361 -6.80 8.33 -34.15
CA LYS A 361 -5.35 8.13 -34.08
C LYS A 361 -4.56 9.41 -33.96
N GLU A 362 -5.01 10.45 -34.62
CA GLU A 362 -4.16 11.56 -34.85
C GLU A 362 -4.97 12.81 -34.73
N LEU A 363 -4.52 13.72 -33.87
CA LEU A 363 -5.11 15.03 -33.74
C LEU A 363 -4.21 16.08 -34.40
N LYS A 364 -4.82 16.88 -35.25
CA LYS A 364 -4.12 17.83 -36.07
C LYS A 364 -4.85 19.13 -35.96
N SER A 365 -4.08 20.19 -36.08
CA SER A 365 -4.50 21.55 -35.86
C SER A 365 -5.72 21.92 -36.63
N PHE A 366 -5.77 21.49 -37.88
CA PHE A 366 -6.85 21.93 -38.80
C PHE A 366 -8.19 21.31 -38.32
N GLN A 367 -8.14 20.14 -37.67
CA GLN A 367 -9.34 19.49 -37.15
C GLN A 367 -10.07 20.36 -36.09
N LEU A 368 -9.35 21.24 -35.39
CA LEU A 368 -9.95 22.14 -34.39
C LEU A 368 -10.27 23.51 -34.88
N SER A 369 -10.07 23.76 -36.18
CA SER A 369 -10.38 25.09 -36.75
C SER A 369 -11.79 25.60 -36.54
N PRO A 370 -12.80 24.70 -36.57
CA PRO A 370 -14.16 25.22 -36.26
C PRO A 370 -14.36 25.86 -34.88
N LEU A 371 -13.47 25.51 -33.95
CA LEU A 371 -13.44 26.10 -32.61
C LEU A 371 -12.62 27.39 -32.51
N HIS A 372 -11.86 27.80 -33.56
CA HIS A 372 -10.87 28.91 -33.43
C HIS A 372 -11.48 30.18 -32.98
N ASN A 373 -12.68 30.51 -33.47
CA ASN A 373 -13.34 31.78 -33.07
C ASN A 373 -14.49 31.65 -32.07
N LEU A 374 -14.50 30.58 -31.28
CA LEU A 374 -15.42 30.50 -30.13
C LEU A 374 -14.72 31.20 -28.99
N GLN A 375 -15.15 32.44 -28.74
CA GLN A 375 -14.45 33.36 -27.88
C GLN A 375 -14.65 33.03 -26.44
N ASN A 376 -15.74 32.37 -26.12
CA ASN A 376 -16.03 32.09 -24.70
C ASN A 376 -15.48 30.73 -24.26
N LEU A 377 -14.87 29.97 -25.18
CA LEU A 377 -14.52 28.60 -24.88
C LEU A 377 -13.46 28.50 -23.77
N GLU A 378 -13.77 27.76 -22.71
CA GLU A 378 -12.91 27.62 -21.53
C GLU A 378 -12.35 26.24 -21.33
N VAL A 379 -13.11 25.19 -21.67
CA VAL A 379 -12.66 23.83 -21.49
C VAL A 379 -12.87 23.02 -22.76
N LEU A 380 -11.80 22.35 -23.19
CA LEU A 380 -11.84 21.45 -24.28
C LEU A 380 -11.35 20.12 -23.77
N ASP A 381 -12.23 19.11 -23.79
CA ASP A 381 -11.90 17.82 -23.26
C ASP A 381 -11.92 16.80 -24.37
N LEU A 382 -10.71 16.35 -24.72
CA LEU A 382 -10.50 15.22 -25.65
C LEU A 382 -9.83 14.05 -25.01
N GLY A 383 -10.19 13.79 -23.75
CA GLY A 383 -9.68 12.59 -23.05
C GLY A 383 -10.23 11.27 -23.55
N THR A 384 -9.51 10.18 -23.25
CA THR A 384 -9.98 8.84 -23.57
C THR A 384 -10.34 8.68 -25.06
N ASN A 385 -9.40 9.03 -25.89
CA ASN A 385 -9.53 8.97 -27.33
C ASN A 385 -8.52 8.07 -28.05
N PHE A 386 -7.58 7.49 -27.32
CA PHE A 386 -6.50 6.71 -27.92
C PHE A 386 -5.73 7.47 -28.99
N ILE A 387 -5.59 8.76 -28.80
CA ILE A 387 -4.80 9.57 -29.66
C ILE A 387 -3.31 9.16 -29.55
N LYS A 388 -2.67 8.87 -30.68
CA LYS A 388 -1.22 8.51 -30.74
C LYS A 388 -0.34 9.68 -31.04
N ILE A 389 -0.86 10.63 -31.80
CA ILE A 389 -0.07 11.71 -32.35
C ILE A 389 -0.78 13.01 -32.13
N ALA A 390 -0.04 13.97 -31.60
CA ALA A 390 -0.58 15.31 -31.42
C ALA A 390 0.54 16.35 -31.20
N ASN A 391 0.67 17.28 -32.12
CA ASN A 391 1.57 18.39 -31.96
C ASN A 391 0.99 19.42 -31.00
N LEU A 392 1.57 19.49 -29.81
CA LEU A 392 1.06 20.34 -28.71
C LEU A 392 1.07 21.81 -29.06
N SER A 393 1.90 22.18 -30.03
CA SER A 393 1.97 23.57 -30.47
C SER A 393 0.67 24.08 -30.97
N MET A 394 -0.19 23.20 -31.48
CA MET A 394 -1.50 23.64 -32.01
C MET A 394 -2.27 24.46 -30.98
N PHE A 395 -1.99 24.24 -29.70
CA PHE A 395 -2.71 24.98 -28.65
C PHE A 395 -2.28 26.39 -28.45
N LYS A 396 -1.31 26.87 -29.23
CA LYS A 396 -1.09 28.34 -29.30
C LYS A 396 -2.31 29.16 -29.75
N GLN A 397 -3.20 28.53 -30.50
CA GLN A 397 -4.49 29.17 -30.88
C GLN A 397 -5.57 29.07 -29.81
N PHE A 398 -5.23 28.56 -28.62
CA PHE A 398 -6.25 28.30 -27.58
C PHE A 398 -5.84 28.88 -26.23
N LYS A 399 -5.07 29.95 -26.24
CA LYS A 399 -4.54 30.59 -25.04
C LYS A 399 -5.61 31.09 -24.11
N ARG A 400 -6.79 31.45 -24.66
CA ARG A 400 -7.91 31.90 -23.84
C ARG A 400 -8.56 30.77 -22.96
N LEU A 401 -8.33 29.51 -23.33
CA LEU A 401 -8.89 28.39 -22.55
C LEU A 401 -8.32 28.29 -21.15
N LYS A 402 -9.13 27.76 -20.24
CA LYS A 402 -8.72 27.45 -18.91
C LYS A 402 -8.15 26.07 -18.75
N VAL A 403 -8.72 25.09 -19.48
CA VAL A 403 -8.25 23.73 -19.42
C VAL A 403 -8.28 23.10 -20.77
N ILE A 404 -7.18 22.47 -21.14
CA ILE A 404 -7.11 21.59 -22.32
C ILE A 404 -6.80 20.19 -21.84
N ASP A 405 -7.74 19.26 -22.04
CA ASP A 405 -7.68 17.98 -21.36
C ASP A 405 -7.46 16.90 -22.40
N LEU A 406 -6.25 16.33 -22.43
CA LEU A 406 -5.89 15.20 -23.29
C LEU A 406 -5.55 14.01 -22.46
N SER A 407 -6.12 13.99 -21.28
CA SER A 407 -5.88 12.89 -20.35
C SER A 407 -6.32 11.54 -20.91
N VAL A 408 -5.55 10.51 -20.61
CA VAL A 408 -5.90 9.13 -20.95
C VAL A 408 -5.90 9.01 -22.50
N ASN A 409 -4.73 9.11 -23.09
CA ASN A 409 -4.56 8.92 -24.50
C ASN A 409 -3.27 8.15 -24.65
N LYS A 410 -2.79 7.98 -25.87
CA LYS A 410 -1.52 7.27 -26.12
C LYS A 410 -0.48 8.17 -26.80
N ILE A 411 -0.55 9.46 -26.51
CA ILE A 411 0.36 10.42 -27.13
C ILE A 411 1.83 10.07 -26.79
N SER A 412 2.66 10.01 -27.83
CA SER A 412 4.12 9.93 -27.70
C SER A 412 4.82 10.66 -28.84
N PRO A 413 6.11 10.99 -28.70
CA PRO A 413 6.82 11.57 -29.88
C PRO A 413 7.06 10.56 -31.01
N VAL A 437 -13.46 19.11 -12.29
CA VAL A 437 -12.84 17.77 -12.36
C VAL A 437 -13.90 16.64 -12.23
N LEU A 438 -14.19 15.90 -13.31
CA LEU A 438 -15.24 14.81 -13.31
C LEU A 438 -14.83 13.55 -12.53
N GLU A 439 -15.78 12.97 -11.78
CA GLU A 439 -15.56 11.72 -11.01
C GLU A 439 -14.95 10.62 -11.90
N GLN A 440 -14.16 9.70 -11.30
CA GLN A 440 -13.46 8.64 -12.11
C GLN A 440 -14.48 7.75 -12.86
N LEU A 441 -15.65 7.49 -12.23
CA LEU A 441 -16.79 6.88 -12.91
C LEU A 441 -17.76 8.06 -13.13
N TYR A 442 -18.16 8.23 -14.39
CA TYR A 442 -18.87 9.45 -14.83
C TYR A 442 -19.72 9.13 -16.05
N TYR A 443 -19.10 8.74 -17.13
CA TYR A 443 -19.82 8.47 -18.37
C TYR A 443 -20.38 7.06 -18.35
N PHE A 444 -19.80 6.18 -17.53
CA PHE A 444 -20.22 4.80 -17.58
C PHE A 444 -21.12 4.40 -16.46
N ARG A 445 -21.15 5.14 -15.35
CA ARG A 445 -22.01 4.75 -14.25
C ARG A 445 -23.54 4.86 -14.50
N TYR A 446 -24.30 4.07 -13.78
CA TYR A 446 -25.74 3.91 -14.02
C TYR A 446 -26.44 5.24 -13.73
N ASP A 447 -26.24 5.76 -12.54
CA ASP A 447 -26.89 7.00 -12.13
C ASP A 447 -25.88 7.82 -11.34
N LYS A 448 -25.30 8.83 -11.98
CA LYS A 448 -24.32 9.65 -11.37
C LYS A 448 -24.88 10.65 -10.37
N TYR A 449 -26.19 10.80 -10.30
CA TYR A 449 -26.80 11.66 -9.31
C TYR A 449 -27.45 10.84 -8.26
N ALA A 450 -27.10 9.56 -8.14
CA ALA A 450 -27.72 8.71 -7.12
C ALA A 450 -27.27 9.25 -5.75
N ARG A 451 -28.22 9.37 -4.82
CA ARG A 451 -28.02 9.92 -3.50
C ARG A 451 -27.61 8.74 -2.60
N SER A 452 -26.63 8.97 -1.74
CA SER A 452 -26.28 7.96 -0.73
C SER A 452 -27.05 8.29 0.56
N CYS A 453 -27.22 7.26 1.39
CA CYS A 453 -27.55 7.41 2.81
C CYS A 453 -26.51 8.24 3.62
N SER A 468 -5.54 19.84 -7.22
CA SER A 468 -5.80 20.33 -8.59
C SER A 468 -5.19 21.71 -8.92
N CYS A 469 -4.67 21.86 -10.14
CA CYS A 469 -3.86 23.04 -10.55
C CYS A 469 -4.57 24.10 -11.41
N TYR A 470 -5.83 23.91 -11.69
CA TYR A 470 -6.56 24.80 -12.60
C TYR A 470 -6.57 26.28 -12.18
N LYS A 471 -6.61 26.52 -10.88
CA LYS A 471 -6.63 27.87 -10.31
C LYS A 471 -5.36 28.66 -10.57
N TYR A 472 -4.29 27.99 -11.00
CA TYR A 472 -3.03 28.70 -11.40
C TYR A 472 -3.17 29.35 -12.78
N GLY A 473 -4.19 28.97 -13.57
CA GLY A 473 -4.44 29.52 -14.91
C GLY A 473 -4.44 28.42 -15.98
N GLN A 474 -4.03 28.75 -17.19
CA GLN A 474 -4.17 27.87 -18.33
C GLN A 474 -3.51 26.56 -18.05
N THR A 475 -4.26 25.47 -18.22
CA THR A 475 -3.76 24.13 -17.93
C THR A 475 -3.76 23.24 -19.15
N LEU A 476 -2.64 22.56 -19.37
CA LEU A 476 -2.58 21.55 -20.35
C LEU A 476 -2.44 20.24 -19.63
N ASP A 477 -3.45 19.36 -19.76
CA ASP A 477 -3.42 18.05 -19.08
C ASP A 477 -3.06 16.93 -20.04
N LEU A 478 -1.84 16.42 -19.91
CA LEU A 478 -1.37 15.31 -20.68
C LEU A 478 -1.17 14.09 -19.79
N SER A 479 -1.84 14.03 -18.66
CA SER A 479 -1.67 12.88 -17.77
C SER A 479 -2.13 11.57 -18.41
N LYS A 480 -1.56 10.46 -18.00
CA LYS A 480 -1.97 9.16 -18.47
C LYS A 480 -1.82 9.01 -20.01
N ASN A 481 -0.69 9.47 -20.51
CA ASN A 481 -0.33 9.30 -21.89
C ASN A 481 0.86 8.41 -21.97
N SER A 482 1.49 8.33 -23.12
CA SER A 482 2.66 7.48 -23.30
C SER A 482 3.91 8.28 -23.64
N ILE A 483 4.07 9.46 -23.08
CA ILE A 483 5.23 10.28 -23.43
C ILE A 483 6.45 9.66 -22.73
N PHE A 484 7.45 9.21 -23.49
CA PHE A 484 8.62 8.52 -22.89
C PHE A 484 9.87 9.41 -22.88
N PHE A 485 9.87 10.45 -23.71
CA PHE A 485 10.99 11.34 -23.81
C PHE A 485 10.43 12.70 -24.17
N ILE A 486 10.92 13.74 -23.52
CA ILE A 486 10.57 15.10 -23.85
C ILE A 486 11.78 15.98 -24.18
N LYS A 487 11.50 17.01 -24.98
CA LYS A 487 12.46 18.00 -25.41
C LYS A 487 11.76 19.33 -25.59
N SER A 488 12.58 20.37 -25.52
CA SER A 488 12.12 21.72 -25.58
C SER A 488 11.16 22.01 -26.68
N SER A 489 11.48 21.54 -27.89
CA SER A 489 10.67 21.83 -29.05
C SER A 489 9.23 21.27 -28.94
N ASP A 490 9.03 20.21 -28.13
CA ASP A 490 7.66 19.71 -27.85
C ASP A 490 6.72 20.75 -27.29
N PHE A 491 7.28 21.75 -26.59
CA PHE A 491 6.52 22.84 -25.96
C PHE A 491 6.63 24.19 -26.66
N GLN A 492 7.10 24.18 -27.91
CA GLN A 492 7.20 25.42 -28.72
C GLN A 492 5.84 26.06 -28.86
N HIS A 493 5.83 27.37 -28.63
CA HIS A 493 4.64 28.22 -28.71
C HIS A 493 3.67 28.10 -27.51
N LEU A 494 4.05 27.32 -26.48
CA LEU A 494 3.21 27.17 -25.29
C LEU A 494 3.63 27.95 -24.04
N SER A 495 4.27 29.11 -24.22
CA SER A 495 4.83 29.89 -23.11
C SER A 495 3.78 30.49 -22.22
N PHE A 496 2.55 30.59 -22.72
CA PHE A 496 1.43 31.08 -21.91
C PHE A 496 0.91 30.09 -20.82
N LEU A 497 1.32 28.81 -20.87
CA LEU A 497 0.81 27.81 -19.88
C LEU A 497 1.24 28.10 -18.46
N LYS A 498 0.28 27.98 -17.54
CA LYS A 498 0.53 28.10 -16.15
C LYS A 498 0.65 26.75 -15.43
N CYS A 499 -0.05 25.70 -15.91
CA CYS A 499 0.02 24.37 -15.28
C CYS A 499 0.15 23.29 -16.37
N LEU A 500 1.12 22.41 -16.22
CA LEU A 500 1.27 21.33 -17.11
C LEU A 500 1.14 20.08 -16.28
N ASN A 501 0.29 19.16 -16.70
CA ASN A 501 0.15 17.88 -16.04
C ASN A 501 0.70 16.77 -16.87
N LEU A 502 1.87 16.26 -16.48
CA LEU A 502 2.47 15.11 -17.13
C LEU A 502 2.38 13.86 -16.32
N SER A 503 1.55 13.86 -15.30
CA SER A 503 1.48 12.69 -14.41
C SER A 503 1.20 11.37 -15.16
N GLY A 504 1.87 10.29 -14.83
CA GLY A 504 1.45 9.01 -15.37
C GLY A 504 1.84 8.85 -16.83
N ASN A 505 2.93 9.48 -17.21
CA ASN A 505 3.51 9.19 -18.51
C ASN A 505 4.63 8.17 -18.30
N LEU A 506 5.55 8.05 -19.26
CA LEU A 506 6.56 7.02 -19.16
C LEU A 506 7.94 7.65 -19.20
N ILE A 507 8.08 8.82 -18.56
CA ILE A 507 9.24 9.64 -18.78
C ILE A 507 10.39 9.14 -17.94
N SER A 508 11.40 8.55 -18.58
CA SER A 508 12.51 7.85 -17.94
C SER A 508 13.79 8.42 -18.45
N GLN A 509 14.13 9.56 -17.96
CA GLN A 509 15.02 10.51 -18.65
C GLN A 509 15.74 11.33 -17.54
N THR A 510 17.02 11.62 -17.75
CA THR A 510 17.71 12.59 -16.89
C THR A 510 17.26 13.96 -17.42
N LEU A 511 16.75 14.81 -16.57
CA LEU A 511 16.47 16.16 -16.97
C LEU A 511 17.68 17.02 -16.65
N ASN A 512 18.03 17.97 -17.54
CA ASN A 512 19.23 18.81 -17.28
C ASN A 512 19.00 20.31 -17.39
N GLY A 513 17.73 20.71 -17.46
CA GLY A 513 17.41 22.11 -17.54
C GLY A 513 17.06 22.56 -18.93
N SER A 514 17.04 21.66 -19.90
CA SER A 514 16.77 22.06 -21.27
C SER A 514 15.40 21.65 -21.77
N GLU A 515 14.72 20.72 -21.10
CA GLU A 515 13.55 20.06 -21.67
C GLU A 515 12.29 20.90 -21.69
N PHE A 516 12.19 21.90 -20.82
CA PHE A 516 11.00 22.75 -20.71
C PHE A 516 11.26 24.20 -21.04
N GLN A 517 12.26 24.49 -21.84
CA GLN A 517 12.73 25.89 -21.98
C GLN A 517 11.61 26.88 -22.37
N PRO A 518 10.71 26.49 -23.26
CA PRO A 518 9.70 27.49 -23.63
C PRO A 518 8.67 27.86 -22.54
N LEU A 519 8.58 27.07 -21.47
CA LEU A 519 7.48 27.22 -20.53
C LEU A 519 7.77 28.30 -19.47
N ALA A 520 7.83 29.53 -19.96
CA ALA A 520 8.39 30.65 -19.19
C ALA A 520 7.47 31.10 -18.12
N GLU A 521 6.18 30.79 -18.26
CA GLU A 521 5.22 31.25 -17.29
C GLU A 521 4.77 30.12 -16.32
N LEU A 522 5.24 28.91 -16.52
CA LEU A 522 4.72 27.74 -15.80
C LEU A 522 4.84 27.93 -14.31
N ARG A 523 3.71 27.81 -13.59
CA ARG A 523 3.68 27.88 -12.13
C ARG A 523 3.53 26.52 -11.48
N TYR A 524 2.99 25.52 -12.17
CA TYR A 524 2.74 24.20 -11.55
C TYR A 524 3.12 23.15 -12.56
N LEU A 525 4.01 22.25 -12.16
CA LEU A 525 4.31 21.06 -12.93
C LEU A 525 4.01 19.82 -12.09
N ASP A 526 3.12 18.97 -12.60
CA ASP A 526 2.84 17.66 -12.01
C ASP A 526 3.58 16.67 -12.85
N PHE A 527 4.69 16.21 -12.29
CA PHE A 527 5.55 15.19 -12.91
C PHE A 527 5.45 13.84 -12.18
N SER A 528 4.36 13.65 -11.42
CA SER A 528 4.23 12.44 -10.63
C SER A 528 4.03 11.21 -11.51
N ASN A 529 4.36 10.03 -10.99
CA ASN A 529 4.17 8.76 -11.72
C ASN A 529 4.88 8.69 -13.06
N ASN A 530 6.16 9.07 -13.04
CA ASN A 530 7.06 8.91 -14.16
C ASN A 530 8.31 8.19 -13.63
N ARG A 531 9.45 8.26 -14.31
CA ARG A 531 10.69 7.69 -13.81
C ARG A 531 11.77 8.70 -13.92
N LEU A 532 11.57 9.78 -13.21
CA LEU A 532 12.56 10.82 -13.17
C LEU A 532 13.91 10.24 -12.76
N ASP A 533 14.97 10.63 -13.44
CA ASP A 533 16.35 10.30 -13.04
C ASP A 533 17.02 11.61 -12.66
N LEU A 534 17.15 11.88 -11.36
CA LEU A 534 17.81 13.12 -10.88
C LEU A 534 19.33 13.04 -10.80
N LEU A 535 19.96 12.78 -11.92
CA LEU A 535 21.41 12.76 -12.02
C LEU A 535 21.92 14.15 -11.89
N HIS A 536 21.23 15.13 -12.47
CA HIS A 536 21.71 16.52 -12.47
C HIS A 536 20.94 17.44 -11.55
N SER A 537 21.65 18.25 -10.79
CA SER A 537 21.06 19.25 -9.94
C SER A 537 20.48 20.47 -10.66
N THR A 538 20.59 20.54 -12.00
CA THR A 538 20.04 21.55 -12.82
C THR A 538 18.65 21.14 -13.35
N ALA A 539 18.14 19.97 -12.98
CA ALA A 539 16.80 19.51 -13.39
C ALA A 539 15.76 20.57 -13.02
N PHE A 540 14.92 20.90 -13.97
CA PHE A 540 13.82 21.88 -13.75
C PHE A 540 14.24 23.33 -13.61
N GLU A 541 15.53 23.67 -13.66
CA GLU A 541 15.89 25.06 -13.44
C GLU A 541 15.39 26.06 -14.46
N GLU A 542 15.10 25.60 -15.66
CA GLU A 542 14.53 26.46 -16.66
C GLU A 542 13.10 26.86 -16.40
N LEU A 543 12.43 26.23 -15.42
CA LEU A 543 11.08 26.65 -15.08
C LEU A 543 11.15 27.74 -14.01
N ARG A 544 11.53 28.93 -14.46
CA ARG A 544 11.92 30.01 -13.52
C ARG A 544 10.80 30.57 -12.72
N LYS A 545 9.56 30.47 -13.22
CA LYS A 545 8.39 30.89 -12.43
C LYS A 545 7.69 29.77 -11.63
N LEU A 546 8.32 28.61 -11.52
CA LEU A 546 7.63 27.43 -10.90
C LEU A 546 7.40 27.64 -9.42
N GLU A 547 6.16 27.48 -8.99
CA GLU A 547 5.79 27.57 -7.60
C GLU A 547 5.54 26.23 -6.96
N VAL A 548 5.00 25.27 -7.74
CA VAL A 548 4.68 23.95 -7.18
C VAL A 548 5.27 22.91 -8.13
N LEU A 549 5.98 21.94 -7.57
CA LEU A 549 6.50 20.82 -8.32
C LEU A 549 6.13 19.53 -7.62
N ASP A 550 5.50 18.63 -8.35
CA ASP A 550 5.24 17.29 -7.87
C ASP A 550 6.04 16.24 -8.58
N ILE A 551 6.97 15.61 -7.87
CA ILE A 551 7.79 14.49 -8.41
C ILE A 551 7.57 13.23 -7.59
N SER A 552 6.40 13.15 -7.00
CA SER A 552 5.95 11.95 -6.24
C SER A 552 5.82 10.72 -7.14
N SER A 553 5.93 9.55 -6.54
CA SER A 553 5.80 8.29 -7.25
C SER A 553 6.71 8.23 -8.49
N ASN A 554 7.94 8.67 -8.33
CA ASN A 554 9.02 8.45 -9.30
C ASN A 554 10.10 7.54 -8.70
N SER A 555 9.67 6.42 -8.10
CA SER A 555 10.62 5.62 -7.32
C SER A 555 11.62 4.78 -8.10
N HIS A 556 11.38 4.59 -9.38
CA HIS A 556 12.17 3.65 -10.17
C HIS A 556 13.69 3.78 -10.00
N TYR A 557 14.29 4.93 -10.28
CA TYR A 557 15.75 5.04 -10.17
C TYR A 557 16.24 5.10 -8.68
N PHE A 558 15.32 5.40 -7.74
CA PHE A 558 15.68 5.35 -6.31
C PHE A 558 15.72 3.95 -5.73
N GLN A 559 15.14 2.99 -6.45
CA GLN A 559 15.02 1.60 -6.02
C GLN A 559 16.26 0.75 -6.33
N SER A 560 17.23 1.24 -7.11
CA SER A 560 18.35 0.39 -7.48
C SER A 560 19.61 1.01 -6.88
N GLU A 561 20.40 0.18 -6.21
CA GLU A 561 21.58 0.65 -5.46
C GLU A 561 22.63 1.26 -6.37
N GLY A 562 23.34 2.21 -5.80
CA GLY A 562 24.53 2.73 -6.41
C GLY A 562 24.28 3.91 -7.32
N ILE A 563 23.04 4.23 -7.58
CA ILE A 563 22.72 5.26 -8.56
C ILE A 563 22.84 6.64 -7.94
N THR A 564 23.33 7.59 -8.70
CA THR A 564 23.47 8.97 -8.23
C THR A 564 22.14 9.70 -8.31
N HIS A 565 21.81 10.49 -7.27
CA HIS A 565 20.54 11.22 -7.07
C HIS A 565 20.95 12.54 -6.41
N MET A 566 20.65 13.66 -7.09
CA MET A 566 20.94 14.98 -6.62
C MET A 566 19.67 15.65 -6.05
N LEU A 567 19.46 15.44 -4.76
CA LEU A 567 18.34 16.06 -4.06
C LEU A 567 18.53 17.55 -3.81
N ASN A 568 19.73 18.09 -4.11
CA ASN A 568 19.96 19.52 -3.99
C ASN A 568 19.53 20.35 -5.20
N PHE A 569 18.75 19.78 -6.09
CA PHE A 569 18.28 20.46 -7.30
C PHE A 569 17.33 21.62 -7.02
N THR A 570 16.85 21.75 -5.78
CA THR A 570 15.96 22.87 -5.37
C THR A 570 16.62 24.25 -5.35
N LYS A 571 17.94 24.25 -5.20
CA LYS A 571 18.67 25.52 -5.03
C LYS A 571 18.36 26.53 -6.11
N ASN A 572 18.25 26.04 -7.34
CA ASN A 572 18.04 26.88 -8.51
C ASN A 572 16.62 27.44 -8.72
N LEU A 573 15.63 26.90 -8.00
CA LEU A 573 14.24 27.28 -8.22
C LEU A 573 13.80 28.37 -7.27
N LYS A 574 13.77 29.59 -7.76
CA LYS A 574 13.81 30.77 -6.84
C LYS A 574 12.48 31.20 -6.35
N VAL A 575 11.38 30.80 -7.01
CA VAL A 575 10.06 31.03 -6.44
C VAL A 575 9.31 29.75 -6.02
N LEU A 576 10.03 28.64 -5.91
CA LEU A 576 9.41 27.36 -5.59
C LEU A 576 8.85 27.43 -4.20
N GLN A 577 7.54 27.20 -4.07
CA GLN A 577 6.89 27.25 -2.75
C GLN A 577 6.60 25.88 -2.14
N LYS A 578 6.24 24.93 -2.99
CA LYS A 578 5.81 23.61 -2.55
C LYS A 578 6.47 22.52 -3.42
N LEU A 579 7.07 21.53 -2.76
CA LEU A 579 7.67 20.43 -3.42
C LEU A 579 7.05 19.16 -2.89
N MET A 580 6.60 18.27 -3.77
CA MET A 580 6.09 16.96 -3.31
C MET A 580 6.96 15.86 -3.86
N MET A 581 7.52 15.05 -2.96
CA MET A 581 8.33 13.95 -3.35
C MET A 581 8.00 12.73 -2.52
N ASN A 582 6.70 12.45 -2.52
CA ASN A 582 6.14 11.31 -1.81
C ASN A 582 6.35 10.00 -2.61
N ASP A 583 6.46 8.90 -1.90
CA ASP A 583 6.44 7.55 -2.43
C ASP A 583 7.53 7.32 -3.48
N ASN A 584 8.70 7.83 -3.17
CA ASN A 584 9.85 7.70 -4.00
C ASN A 584 10.80 6.66 -3.48
N ASP A 585 10.49 6.06 -2.33
CA ASP A 585 11.35 5.04 -1.75
C ASP A 585 12.80 5.50 -1.54
N ILE A 586 13.00 6.79 -1.32
CA ILE A 586 14.35 7.35 -1.25
C ILE A 586 15.08 6.87 -0.03
N SER A 587 16.22 6.24 -0.25
CA SER A 587 17.01 5.74 0.85
C SER A 587 18.49 6.12 0.77
N SER A 588 18.86 6.93 -0.21
CA SER A 588 20.26 7.30 -0.48
C SER A 588 20.20 8.62 -1.20
N SER A 589 21.24 9.40 -1.04
CA SER A 589 21.34 10.68 -1.74
C SER A 589 22.82 11.00 -1.91
N THR A 590 23.20 11.49 -3.07
CA THR A 590 24.58 11.90 -3.29
C THR A 590 24.82 13.21 -2.58
N SER A 591 23.90 14.15 -2.66
CA SER A 591 23.99 15.36 -1.86
C SER A 591 23.47 15.17 -0.44
N ARG A 592 24.10 15.89 0.46
CA ARG A 592 23.84 15.86 1.89
C ARG A 592 22.81 16.81 2.42
N THR A 593 22.55 17.88 1.64
CA THR A 593 21.66 18.95 2.02
C THR A 593 20.74 19.38 0.88
N MET A 594 19.49 19.63 1.16
CA MET A 594 18.58 20.28 0.20
C MET A 594 18.61 21.71 0.56
N GLU A 595 18.57 22.58 -0.46
CA GLU A 595 18.70 24.02 -0.28
C GLU A 595 17.62 24.80 -0.99
N SER A 596 17.10 25.84 -0.33
CA SER A 596 16.14 26.72 -0.96
C SER A 596 15.88 27.91 -0.07
N GLU A 597 15.72 29.06 -0.70
CA GLU A 597 15.41 30.30 -0.01
C GLU A 597 13.95 30.56 -0.10
N SER A 598 13.21 29.74 -0.86
CA SER A 598 11.78 30.02 -1.07
C SER A 598 10.83 28.94 -0.53
N LEU A 599 11.31 27.71 -0.49
CA LEU A 599 10.41 26.58 -0.26
C LEU A 599 9.71 26.68 1.13
N ARG A 600 8.38 26.55 1.12
CA ARG A 600 7.55 26.59 2.32
C ARG A 600 7.00 25.22 2.75
N THR A 601 6.75 24.36 1.80
CA THR A 601 6.09 23.07 2.05
C THR A 601 6.86 21.98 1.34
N LEU A 602 7.31 20.98 2.09
CA LEU A 602 7.91 19.81 1.51
C LEU A 602 7.15 18.57 1.95
N GLU A 603 6.66 17.80 0.99
CA GLU A 603 6.10 16.49 1.28
C GLU A 603 7.10 15.41 0.92
N PHE A 604 7.50 14.64 1.94
CA PHE A 604 8.55 13.63 1.85
C PHE A 604 8.09 12.29 2.43
N ARG A 605 6.83 11.98 2.22
CA ARG A 605 6.18 10.84 2.79
C ARG A 605 6.51 9.61 1.92
N GLY A 606 6.64 8.45 2.52
CA GLY A 606 6.78 7.22 1.73
C GLY A 606 8.18 7.06 1.17
N ASN A 607 9.16 7.47 1.98
CA ASN A 607 10.56 7.31 1.66
C ASN A 607 11.20 6.46 2.76
N HIS A 608 12.54 6.35 2.76
CA HIS A 608 13.26 5.64 3.76
C HIS A 608 14.25 6.50 4.43
N LEU A 609 13.75 7.54 5.07
CA LEU A 609 14.59 8.26 6.01
C LEU A 609 15.18 7.38 7.11
N ASP A 610 14.54 6.25 7.45
CA ASP A 610 15.13 5.35 8.39
C ASP A 610 16.51 4.83 7.97
N VAL A 611 16.68 4.62 6.66
CA VAL A 611 17.95 4.16 6.10
C VAL A 611 18.93 5.31 5.97
N LEU A 612 18.45 6.42 5.42
CA LEU A 612 19.32 7.62 5.37
C LEU A 612 19.93 8.04 6.71
N TRP A 613 19.13 7.98 7.76
CA TRP A 613 19.50 8.38 9.12
C TRP A 613 19.86 7.14 10.00
N ARG A 614 20.32 6.08 9.38
CA ARG A 614 20.82 4.87 10.05
C ARG A 614 21.71 5.30 11.21
N ASP A 615 21.45 4.72 12.36
CA ASP A 615 22.12 5.13 13.61
C ASP A 615 23.63 4.88 13.46
N GLY A 616 24.43 5.88 13.81
CA GLY A 616 25.86 5.93 13.50
C GLY A 616 26.25 6.69 12.26
N ASP A 617 25.31 6.96 11.35
CA ASP A 617 25.57 7.74 10.14
C ASP A 617 24.98 9.12 10.35
N ASN A 618 25.84 10.11 10.49
CA ASN A 618 25.44 11.47 10.72
C ASN A 618 25.28 12.28 9.47
N ARG A 619 25.57 11.71 8.31
CA ARG A 619 25.78 12.57 7.12
C ARG A 619 24.54 13.29 6.63
N TYR A 620 23.34 12.73 6.89
CA TYR A 620 22.12 13.31 6.35
C TYR A 620 21.22 13.93 7.39
N LEU A 621 21.74 14.12 8.57
CA LEU A 621 20.97 14.77 9.66
C LEU A 621 20.62 16.24 9.43
N GLN A 622 21.19 16.87 8.40
CA GLN A 622 20.84 18.25 8.07
C GLN A 622 20.27 18.36 6.66
N LEU A 623 19.67 17.28 6.19
CA LEU A 623 19.09 17.24 4.88
C LEU A 623 18.15 18.40 4.62
N PHE A 624 17.34 18.77 5.61
CA PHE A 624 16.35 19.79 5.41
C PHE A 624 16.74 21.15 6.04
N LYS A 625 17.83 21.18 6.78
CA LYS A 625 18.25 22.37 7.55
C LYS A 625 18.32 23.69 6.77
N ASN A 626 18.72 23.62 5.49
CA ASN A 626 18.92 24.85 4.67
C ASN A 626 17.72 25.18 3.79
N LEU A 627 16.57 24.58 4.10
CA LEU A 627 15.32 25.03 3.57
C LEU A 627 14.84 26.07 4.55
N LEU A 628 15.42 27.27 4.44
CA LEU A 628 15.30 28.28 5.49
C LEU A 628 13.90 28.84 5.72
N LYS A 629 13.07 28.84 4.70
CA LYS A 629 11.67 29.23 4.86
C LYS A 629 10.66 28.08 4.99
N LEU A 630 11.13 26.84 5.17
CA LEU A 630 10.22 25.73 5.33
C LEU A 630 9.38 25.87 6.59
N GLU A 631 8.07 25.82 6.37
CA GLU A 631 7.10 25.80 7.46
C GLU A 631 6.38 24.47 7.64
N GLU A 632 6.28 23.67 6.57
CA GLU A 632 5.53 22.41 6.60
C GLU A 632 6.38 21.26 6.08
N LEU A 633 6.49 20.19 6.88
CA LEU A 633 7.26 19.04 6.53
C LEU A 633 6.47 17.80 6.87
N ASP A 634 6.19 17.00 5.86
CA ASP A 634 5.56 15.72 6.04
C ASP A 634 6.59 14.58 5.85
N ILE A 635 7.06 14.03 6.95
CA ILE A 635 7.89 12.86 6.93
C ILE A 635 7.21 11.64 7.59
N SER A 636 5.94 11.53 7.34
CA SER A 636 5.20 10.32 7.66
C SER A 636 5.61 9.17 6.78
N LYS A 637 5.35 7.92 7.23
CA LYS A 637 5.61 6.72 6.41
C LYS A 637 7.03 6.65 5.92
N ASN A 638 7.95 6.81 6.83
CA ASN A 638 9.38 6.69 6.53
C ASN A 638 10.06 5.61 7.36
N SER A 639 9.26 4.70 7.88
CA SER A 639 9.73 3.57 8.70
C SER A 639 10.56 4.04 9.89
N LEU A 640 10.28 5.23 10.42
CA LEU A 640 11.10 5.74 11.50
C LEU A 640 10.65 5.15 12.85
N SER A 641 11.23 4.04 13.25
CA SER A 641 10.83 3.40 14.52
C SER A 641 11.42 4.17 15.72
N PHE A 642 12.51 4.92 15.48
CA PHE A 642 13.04 5.90 16.41
C PHE A 642 13.60 7.04 15.61
N LEU A 643 13.81 8.17 16.27
CA LEU A 643 14.49 9.32 15.72
C LEU A 643 15.90 9.45 16.29
N PRO A 644 16.93 9.35 15.41
CA PRO A 644 18.27 9.55 15.91
C PRO A 644 18.41 10.90 16.49
N SER A 645 19.27 11.04 17.49
CA SER A 645 19.57 12.38 17.98
C SER A 645 20.29 13.16 16.86
N GLY A 646 19.88 14.40 16.69
CA GLY A 646 20.38 15.26 15.64
C GLY A 646 19.25 15.60 14.70
N VAL A 647 18.20 14.78 14.64
CA VAL A 647 17.13 15.07 13.71
C VAL A 647 16.49 16.41 14.03
N PHE A 648 16.17 16.64 15.27
CA PHE A 648 15.44 17.88 15.64
C PHE A 648 16.31 19.13 15.56
N ASP A 649 17.55 19.03 15.98
CA ASP A 649 18.55 20.10 15.75
C ASP A 649 18.80 20.37 14.26
N GLY A 650 18.67 19.38 13.41
CA GLY A 650 18.81 19.59 11.97
C GLY A 650 17.61 20.15 11.24
N MET A 651 16.50 20.37 11.93
CA MET A 651 15.33 20.85 11.26
C MET A 651 15.54 22.35 10.96
N PRO A 652 14.93 22.88 9.87
CA PRO A 652 15.06 24.32 9.59
C PRO A 652 14.25 25.15 10.61
N PRO A 653 14.61 26.42 10.80
CA PRO A 653 14.23 27.17 12.02
C PRO A 653 12.78 27.56 12.06
N ASN A 654 12.11 27.69 10.93
CA ASN A 654 10.73 28.18 10.92
C ASN A 654 9.69 27.08 10.75
N LEU A 655 10.08 25.83 10.99
CA LEU A 655 9.17 24.70 10.85
C LEU A 655 8.00 24.90 11.82
N LYS A 656 6.81 24.92 11.25
CA LYS A 656 5.57 25.04 12.01
C LYS A 656 4.71 23.78 12.10
N ASN A 657 4.60 23.02 11.00
N ASN A 657 4.60 23.03 10.99
CA ASN A 657 3.70 21.82 10.87
CA ASN A 657 3.72 21.83 10.88
C ASN A 657 4.59 20.61 10.48
C ASN A 657 4.61 20.62 10.49
N LEU A 658 4.71 19.65 11.41
CA LEU A 658 5.51 18.44 11.23
C LEU A 658 4.68 17.21 11.40
N SER A 659 4.60 16.36 10.38
CA SER A 659 4.00 15.04 10.52
C SER A 659 5.08 13.95 10.56
N LEU A 660 5.03 13.21 11.65
CA LEU A 660 5.73 11.96 11.84
C LEU A 660 4.76 10.78 11.96
N ALA A 661 3.59 10.90 11.37
CA ALA A 661 2.62 9.86 11.43
C ALA A 661 3.10 8.57 10.73
N LYS A 662 2.49 7.47 11.11
CA LYS A 662 2.64 6.18 10.40
C LYS A 662 4.08 5.76 10.21
N ASN A 663 4.84 5.83 11.28
CA ASN A 663 6.24 5.52 11.27
C ASN A 663 6.60 4.29 12.07
N GLY A 664 5.64 3.65 12.75
CA GLY A 664 6.03 2.64 13.70
C GLY A 664 6.86 3.22 14.82
N LEU A 665 6.73 4.52 15.15
CA LEU A 665 7.56 5.06 16.20
C LEU A 665 7.28 4.44 17.57
N LYS A 666 8.32 3.92 18.26
CA LYS A 666 8.13 3.22 19.51
C LYS A 666 8.63 4.04 20.64
N SER A 667 9.32 5.13 20.38
CA SER A 667 9.79 5.97 21.50
C SER A 667 9.97 7.35 20.95
N PHE A 668 10.04 8.30 21.86
CA PHE A 668 10.08 9.68 21.46
C PHE A 668 10.55 10.50 22.60
N ILE A 669 11.65 11.22 22.39
CA ILE A 669 12.23 12.08 23.42
C ILE A 669 11.56 13.45 23.25
N TRP A 670 10.52 13.65 24.05
CA TRP A 670 9.70 14.87 24.01
C TRP A 670 10.48 16.17 24.21
N GLU A 671 11.55 16.09 25.03
CA GLU A 671 12.42 17.23 25.34
C GLU A 671 13.06 17.84 24.09
N LYS A 672 13.30 17.03 23.06
CA LYS A 672 13.89 17.54 21.83
C LYS A 672 13.00 18.50 21.08
N LEU A 673 11.72 18.52 21.38
CA LEU A 673 10.86 19.50 20.80
C LEU A 673 11.29 20.94 21.10
N ARG A 674 12.10 21.11 22.13
CA ARG A 674 12.68 22.42 22.44
C ARG A 674 13.48 23.03 21.28
N TYR A 675 14.08 22.21 20.42
CA TYR A 675 14.77 22.77 19.22
C TYR A 675 13.83 23.39 18.21
N LEU A 676 12.54 23.06 18.25
CA LEU A 676 11.62 23.52 17.22
C LEU A 676 10.83 24.71 17.73
N LYS A 677 11.47 25.85 17.66
CA LYS A 677 10.97 27.03 18.33
C LYS A 677 9.74 27.63 17.72
N ASN A 678 9.41 27.28 16.50
CA ASN A 678 8.19 27.77 15.90
C ASN A 678 7.16 26.69 15.68
N LEU A 679 7.38 25.52 16.28
CA LEU A 679 6.44 24.41 16.10
C LEU A 679 5.04 24.70 16.65
N GLU A 680 4.04 24.56 15.79
CA GLU A 680 2.65 24.70 16.14
C GLU A 680 1.83 23.46 16.02
N THR A 681 2.05 22.63 14.96
CA THR A 681 1.34 21.32 14.77
C THR A 681 2.31 20.16 14.73
N LEU A 682 2.07 19.20 15.61
CA LEU A 682 2.78 17.98 15.64
C LEU A 682 1.83 16.80 15.52
N ASP A 683 2.00 16.03 14.42
CA ASP A 683 1.19 14.88 14.11
C ASP A 683 1.99 13.64 14.34
N LEU A 684 1.68 12.93 15.42
CA LEU A 684 2.32 11.66 15.76
C LEU A 684 1.32 10.53 15.68
N SER A 685 0.32 10.67 14.86
CA SER A 685 -0.68 9.65 14.78
C SER A 685 -0.19 8.35 14.13
N HIS A 686 -0.85 7.23 14.51
CA HIS A 686 -0.62 5.91 14.00
C HIS A 686 0.83 5.51 14.20
N ASN A 687 1.25 5.43 15.44
CA ASN A 687 2.56 5.02 15.83
C ASN A 687 2.40 4.06 17.01
N GLN A 688 3.44 3.85 17.82
CA GLN A 688 3.35 2.98 18.97
C GLN A 688 3.87 3.61 20.23
N LEU A 689 3.60 4.88 20.37
CA LEU A 689 4.00 5.58 21.56
C LEU A 689 3.22 5.07 22.72
N THR A 690 3.88 4.99 23.86
CA THR A 690 3.20 4.56 25.03
C THR A 690 3.11 5.64 26.14
N THR A 691 3.82 6.74 26.05
CA THR A 691 3.83 7.72 27.13
C THR A 691 3.71 9.11 26.53
N VAL A 692 3.25 10.04 27.33
CA VAL A 692 3.21 11.46 26.97
C VAL A 692 4.31 12.13 27.83
N PRO A 693 4.72 13.34 27.49
CA PRO A 693 5.69 14.05 28.38
C PRO A 693 5.14 14.34 29.76
N GLU A 694 6.04 14.40 30.71
CA GLU A 694 5.67 14.75 32.12
C GLU A 694 5.02 16.12 32.20
N ARG A 695 5.54 17.04 31.39
CA ARG A 695 5.05 18.42 31.26
C ARG A 695 5.25 18.91 29.84
N LEU A 696 4.20 18.82 29.04
CA LEU A 696 4.24 19.30 27.68
C LEU A 696 4.75 20.73 27.56
N SER A 697 4.43 21.58 28.55
CA SER A 697 4.80 23.02 28.56
C SER A 697 6.27 23.20 28.57
N ASN A 698 6.93 22.29 29.26
CA ASN A 698 8.38 22.27 29.36
C ASN A 698 9.12 21.70 28.10
N CYS A 699 8.38 21.21 27.13
CA CYS A 699 8.95 20.64 25.88
C CYS A 699 8.81 21.57 24.71
N SER A 700 7.69 22.26 24.68
CA SER A 700 7.38 23.19 23.61
C SER A 700 6.46 24.31 24.11
N ARG A 701 6.96 25.53 24.04
CA ARG A 701 6.12 26.73 24.29
C ARG A 701 5.21 27.16 23.16
N SER A 702 5.43 26.66 21.94
CA SER A 702 4.74 27.18 20.78
C SER A 702 3.67 26.23 20.34
N LEU A 703 3.73 25.00 20.82
CA LEU A 703 2.81 23.95 20.29
C LEU A 703 1.35 24.24 20.56
N LYS A 704 0.55 24.27 19.50
CA LYS A 704 -0.86 24.45 19.60
C LYS A 704 -1.65 23.19 19.32
N ASN A 705 -1.26 22.37 18.32
CA ASN A 705 -2.01 21.20 17.94
C ASN A 705 -1.19 19.96 18.09
N LEU A 706 -1.66 19.06 18.92
CA LEU A 706 -0.98 17.83 19.16
C LEU A 706 -1.88 16.67 18.84
N ILE A 707 -1.45 15.83 17.90
CA ILE A 707 -2.23 14.70 17.45
C ILE A 707 -1.52 13.42 17.86
N LEU A 708 -2.12 12.74 18.85
CA LEU A 708 -1.64 11.43 19.33
C LEU A 708 -2.54 10.28 19.07
N LYS A 709 -3.45 10.41 18.16
CA LYS A 709 -4.34 9.33 17.92
C LYS A 709 -3.68 8.08 17.45
N ASN A 710 -4.28 6.94 17.76
CA ASN A 710 -3.87 5.59 17.27
C ASN A 710 -2.45 5.31 17.68
N ASN A 711 -2.22 5.39 18.98
CA ASN A 711 -0.98 4.99 19.61
C ASN A 711 -1.31 3.99 20.73
N GLN A 712 -0.39 3.73 21.63
CA GLN A 712 -0.58 2.70 22.67
C GLN A 712 -0.51 3.32 24.08
N ILE A 713 -0.97 4.54 24.23
CA ILE A 713 -0.84 5.23 25.46
C ILE A 713 -1.84 4.69 26.45
N ARG A 714 -1.37 4.32 27.64
CA ARG A 714 -2.19 3.69 28.69
C ARG A 714 -2.52 4.59 29.84
N SER A 715 -1.72 5.63 30.05
CA SER A 715 -1.99 6.59 31.10
C SER A 715 -1.38 7.92 30.72
N LEU A 716 -1.87 9.00 31.32
CA LEU A 716 -1.25 10.29 31.17
C LEU A 716 -0.40 10.60 32.37
N THR A 717 0.62 11.42 32.18
CA THR A 717 1.46 11.84 33.25
C THR A 717 0.69 12.74 34.19
N LYS A 718 1.10 12.75 35.44
CA LYS A 718 0.37 13.46 36.49
C LYS A 718 0.03 14.96 36.17
N TYR A 719 1.01 15.69 35.64
CA TYR A 719 0.89 17.09 35.31
C TYR A 719 1.02 17.38 33.80
N PHE A 720 0.71 16.38 32.95
CA PHE A 720 0.82 16.44 31.49
C PHE A 720 0.61 17.84 30.97
N LEU A 721 -0.60 18.41 31.15
CA LEU A 721 -0.93 19.68 30.51
C LEU A 721 -0.75 20.89 31.39
N GLN A 722 -0.08 20.74 32.52
CA GLN A 722 0.12 21.91 33.38
C GLN A 722 0.78 23.13 32.67
N ASP A 723 0.11 24.28 32.69
CA ASP A 723 0.65 25.52 32.09
C ASP A 723 0.94 25.49 30.58
N ALA A 724 0.24 24.59 29.88
CA ALA A 724 0.36 24.55 28.44
C ALA A 724 -0.57 25.53 27.84
N PHE A 725 -0.29 26.81 27.99
CA PHE A 725 -1.29 27.84 27.60
C PHE A 725 -1.44 28.07 26.12
N GLN A 726 -0.47 27.64 25.35
CA GLN A 726 -0.60 27.72 23.87
C GLN A 726 -1.43 26.60 23.28
N LEU A 727 -1.65 25.50 24.02
CA LEU A 727 -2.35 24.35 23.44
C LEU A 727 -3.75 24.73 23.03
N ARG A 728 -4.14 24.33 21.82
CA ARG A 728 -5.50 24.51 21.33
C ARG A 728 -6.24 23.29 20.89
N TYR A 729 -5.54 22.19 20.58
CA TYR A 729 -6.20 21.02 19.98
C TYR A 729 -5.44 19.81 20.43
N LEU A 730 -6.15 18.81 20.94
CA LEU A 730 -5.47 17.63 21.48
C LEU A 730 -6.24 16.40 21.14
N ASP A 731 -5.63 15.49 20.37
CA ASP A 731 -6.26 14.27 19.97
C ASP A 731 -5.59 13.10 20.65
N LEU A 732 -6.30 12.50 21.60
CA LEU A 732 -5.84 11.27 22.28
C LEU A 732 -6.70 10.07 21.94
N SER A 733 -7.50 10.17 20.90
CA SER A 733 -8.36 9.05 20.53
C SER A 733 -7.59 7.82 20.08
N SER A 734 -8.23 6.68 20.29
CA SER A 734 -7.73 5.39 19.85
C SER A 734 -6.38 5.07 20.46
N ASN A 735 -6.35 5.18 21.77
CA ASN A 735 -5.21 4.77 22.56
C ASN A 735 -5.75 3.76 23.55
N LYS A 736 -5.07 3.51 24.66
CA LYS A 736 -5.57 2.50 25.59
C LYS A 736 -5.71 3.07 26.99
N ILE A 737 -6.12 4.33 27.07
CA ILE A 737 -6.09 5.08 28.33
C ILE A 737 -7.24 4.52 29.20
N GLN A 738 -6.95 4.32 30.46
CA GLN A 738 -7.88 3.78 31.41
C GLN A 738 -8.50 4.81 32.33
N MET A 739 -7.68 5.72 32.84
CA MET A 739 -8.00 6.71 33.87
C MET A 739 -7.39 8.02 33.44
N ILE A 740 -8.08 9.10 33.72
CA ILE A 740 -7.50 10.44 33.66
C ILE A 740 -7.92 11.15 34.94
N GLN A 741 -6.96 11.76 35.62
CA GLN A 741 -7.18 12.52 36.82
C GLN A 741 -6.98 14.02 36.51
N LYS A 742 -7.48 14.81 37.43
CA LYS A 742 -7.62 16.28 37.28
C LYS A 742 -6.28 16.99 37.13
N THR A 743 -5.26 16.51 37.80
CA THR A 743 -3.94 17.11 37.72
C THR A 743 -3.42 17.20 36.28
N SER A 744 -3.73 16.18 35.47
CA SER A 744 -3.22 16.06 34.09
C SER A 744 -3.88 17.11 33.17
N PHE A 745 -5.11 17.52 33.50
CA PHE A 745 -5.99 18.27 32.69
C PHE A 745 -6.48 19.57 33.43
N PRO A 746 -5.60 20.57 33.60
CA PRO A 746 -6.06 21.74 34.38
C PRO A 746 -7.04 22.55 33.62
N GLU A 747 -7.97 23.09 34.36
CA GLU A 747 -9.08 23.82 33.81
C GLU A 747 -8.63 25.02 32.99
N ASN A 748 -7.59 25.72 33.41
CA ASN A 748 -7.18 26.87 32.63
C ASN A 748 -6.53 26.54 31.25
N VAL A 749 -6.17 25.30 31.05
CA VAL A 749 -5.76 24.84 29.72
C VAL A 749 -6.99 24.31 29.01
N LEU A 750 -7.78 23.49 29.69
CA LEU A 750 -8.95 22.96 29.01
C LEU A 750 -9.83 24.07 28.44
N ASN A 751 -9.99 25.18 29.17
CA ASN A 751 -10.81 26.33 28.70
C ASN A 751 -10.43 26.89 27.37
N ASN A 752 -9.15 26.78 26.98
CA ASN A 752 -8.75 27.32 25.68
C ASN A 752 -8.80 26.23 24.57
N LEU A 753 -9.17 24.98 24.86
CA LEU A 753 -9.17 23.96 23.81
C LEU A 753 -10.34 24.14 22.89
N LYS A 754 -10.04 24.16 21.61
CA LYS A 754 -11.08 24.09 20.60
C LYS A 754 -11.66 22.71 20.47
N MET A 755 -10.87 21.68 20.75
CA MET A 755 -11.31 20.28 20.65
C MET A 755 -10.38 19.40 21.45
N LEU A 756 -10.95 18.41 22.12
CA LEU A 756 -10.24 17.43 22.87
C LEU A 756 -10.88 16.11 22.48
N LEU A 757 -10.12 15.22 21.85
CA LEU A 757 -10.65 13.95 21.35
C LEU A 757 -10.19 12.85 22.27
N LEU A 758 -11.14 12.05 22.76
CA LEU A 758 -10.92 11.04 23.79
C LEU A 758 -11.56 9.73 23.47
N HIS A 759 -12.20 9.63 22.33
CA HIS A 759 -12.93 8.42 21.97
C HIS A 759 -12.05 7.24 21.66
N HIS A 760 -12.65 6.05 21.77
CA HIS A 760 -12.04 4.78 21.53
C HIS A 760 -10.80 4.56 22.44
N ASN A 761 -10.98 4.77 23.75
CA ASN A 761 -9.96 4.44 24.73
C ASN A 761 -10.38 3.22 25.54
N ARG A 762 -9.89 3.01 26.77
CA ARG A 762 -10.23 1.80 27.55
C ARG A 762 -10.65 2.23 28.96
N PHE A 763 -11.59 3.16 29.04
CA PHE A 763 -11.90 3.79 30.29
C PHE A 763 -12.52 2.79 31.29
N LEU A 764 -12.04 2.87 32.53
CA LEU A 764 -12.40 2.00 33.57
C LEU A 764 -13.27 2.83 34.47
N CYS A 765 -14.55 2.45 34.58
CA CYS A 765 -15.56 3.24 35.26
C CYS A 765 -15.85 2.78 36.72
N THR A 766 -14.83 2.90 37.55
CA THR A 766 -14.86 2.60 38.97
C THR A 766 -14.98 3.90 39.72
N CYS A 767 -15.04 3.80 41.05
CA CYS A 767 -15.08 4.96 41.89
C CYS A 767 -13.83 5.86 41.80
N ASP A 768 -12.70 5.34 41.32
CA ASP A 768 -11.51 6.19 41.04
C ASP A 768 -11.70 7.17 39.87
N ALA A 769 -12.68 6.88 39.00
CA ALA A 769 -13.00 7.68 37.82
C ALA A 769 -14.04 8.77 38.03
N VAL A 770 -14.43 8.95 39.28
CA VAL A 770 -15.46 9.93 39.66
C VAL A 770 -15.20 11.31 39.02
N TRP A 771 -13.95 11.78 39.08
CA TRP A 771 -13.66 13.14 38.54
C TRP A 771 -13.88 13.17 37.01
N PHE A 772 -13.27 12.22 36.31
CA PHE A 772 -13.30 12.23 34.89
C PHE A 772 -14.73 12.15 34.40
N VAL A 773 -15.47 11.25 35.01
CA VAL A 773 -16.88 11.03 34.60
C VAL A 773 -17.73 12.26 34.83
N TRP A 774 -17.60 12.87 36.02
CA TRP A 774 -18.31 14.09 36.30
C TRP A 774 -17.85 15.20 35.31
N TRP A 775 -16.54 15.33 35.11
CA TRP A 775 -16.02 16.39 34.23
C TRP A 775 -16.55 16.24 32.80
N VAL A 776 -16.58 15.01 32.29
CA VAL A 776 -17.00 14.76 30.92
C VAL A 776 -18.48 15.10 30.74
N GLN A 777 -19.26 14.69 31.74
CA GLN A 777 -20.71 14.98 31.73
C GLN A 777 -21.03 16.46 31.79
N HIS A 778 -20.19 17.24 32.48
CA HIS A 778 -20.46 18.67 32.73
C HIS A 778 -19.67 19.72 31.95
N THR A 779 -18.69 19.31 31.15
CA THR A 779 -17.83 20.26 30.47
C THR A 779 -18.45 20.80 29.24
N GLU A 780 -18.00 22.01 28.89
CA GLU A 780 -18.33 22.63 27.61
C GLU A 780 -17.26 22.41 26.52
N VAL A 781 -16.09 21.93 26.90
CA VAL A 781 -15.05 21.61 25.86
C VAL A 781 -15.64 20.66 24.84
N THR A 782 -15.38 20.90 23.57
CA THR A 782 -15.90 20.06 22.50
C THR A 782 -15.16 18.72 22.47
N ILE A 783 -15.90 17.63 22.63
CA ILE A 783 -15.41 16.27 22.64
C ILE A 783 -16.35 15.51 21.72
N PRO A 784 -15.83 15.07 20.57
CA PRO A 784 -16.68 14.35 19.66
C PRO A 784 -16.95 12.92 20.06
N TYR A 785 -18.06 12.38 19.53
CA TYR A 785 -18.43 10.99 19.71
C TYR A 785 -18.80 10.56 21.15
N LEU A 786 -19.12 11.52 22.00
CA LEU A 786 -19.70 11.16 23.31
C LEU A 786 -20.88 10.14 23.25
N ALA A 787 -21.71 10.17 22.21
CA ALA A 787 -22.90 9.30 22.16
C ALA A 787 -22.57 7.92 21.76
N THR A 788 -21.38 7.75 21.21
CA THR A 788 -21.12 6.59 20.40
C THR A 788 -19.81 5.88 20.78
N ASP A 789 -18.78 6.62 21.17
CA ASP A 789 -17.50 5.94 21.29
C ASP A 789 -16.68 6.50 22.42
N VAL A 790 -17.32 7.07 23.43
CA VAL A 790 -16.64 7.39 24.69
C VAL A 790 -17.28 6.52 25.80
N THR A 791 -16.68 5.37 26.02
CA THR A 791 -17.38 4.20 26.56
C THR A 791 -16.56 3.56 27.67
N CYS A 792 -17.19 3.08 28.73
CA CYS A 792 -16.51 2.22 29.73
C CYS A 792 -16.25 0.85 29.16
N VAL A 793 -15.05 0.33 29.42
CA VAL A 793 -14.77 -1.13 29.07
C VAL A 793 -15.07 -2.12 30.21
N GLY A 794 -15.50 -1.57 31.33
CA GLY A 794 -15.53 -2.26 32.61
C GLY A 794 -15.59 -1.20 33.72
N PRO A 795 -15.85 -1.62 34.96
CA PRO A 795 -15.96 -3.03 35.35
C PRO A 795 -17.30 -3.70 35.01
N GLY A 796 -17.24 -4.98 34.66
CA GLY A 796 -18.43 -5.84 34.49
C GLY A 796 -19.75 -5.20 34.11
N ALA A 797 -20.46 -4.69 35.12
CA ALA A 797 -21.80 -4.08 34.94
C ALA A 797 -21.82 -2.98 33.85
N HIS A 798 -20.80 -2.13 33.91
CA HIS A 798 -20.70 -0.94 33.10
C HIS A 798 -20.11 -1.18 31.68
N LYS A 799 -19.81 -2.41 31.31
CA LYS A 799 -19.07 -2.68 30.08
C LYS A 799 -19.89 -2.25 28.89
N GLY A 800 -19.29 -1.52 27.96
CA GLY A 800 -19.97 -1.01 26.75
C GLY A 800 -20.87 0.20 26.99
N GLN A 801 -21.02 0.64 28.24
CA GLN A 801 -21.83 1.81 28.56
C GLN A 801 -21.13 3.15 28.27
N SER A 802 -21.91 4.10 27.77
CA SER A 802 -21.39 5.40 27.44
C SER A 802 -21.04 6.13 28.78
N VAL A 803 -19.92 6.86 28.85
CA VAL A 803 -19.60 7.54 30.14
C VAL A 803 -20.56 8.66 30.43
N ILE A 804 -21.07 9.24 29.37
CA ILE A 804 -22.08 10.28 29.43
C ILE A 804 -23.31 9.79 30.23
N SER A 805 -23.71 8.51 30.09
CA SER A 805 -24.85 7.93 30.82
C SER A 805 -24.51 7.35 32.21
N LEU A 806 -23.26 7.41 32.63
CA LEU A 806 -22.81 6.73 33.81
C LEU A 806 -23.24 7.37 35.13
N ASP A 807 -23.83 6.55 36.01
CA ASP A 807 -24.35 7.04 37.32
C ASP A 807 -23.51 6.44 38.43
N LEU A 808 -22.70 7.27 39.07
CA LEU A 808 -21.81 6.80 40.11
C LEU A 808 -22.23 7.24 41.51
N TYR A 809 -23.54 7.47 41.74
CA TYR A 809 -23.99 7.91 43.08
C TYR A 809 -23.52 6.94 44.18
N THR A 810 -23.45 5.64 43.93
CA THR A 810 -23.05 4.72 44.99
C THR A 810 -21.64 4.96 45.51
N CYS A 811 -20.78 5.58 44.69
CA CYS A 811 -19.46 6.07 45.15
C CYS A 811 -19.54 7.14 46.24
N GLU A 812 -20.62 7.90 46.31
CA GLU A 812 -20.75 9.04 47.28
C GLU A 812 -21.56 8.75 48.55
N LEU A 813 -22.19 7.59 48.65
CA LEU A 813 -23.19 7.34 49.74
C LEU A 813 -22.88 7.83 51.20
N ALA B 5 -2.46 -36.74 26.48
CA ALA B 5 -2.45 -36.11 27.85
C ALA B 5 -1.18 -36.44 28.74
N ARG B 6 -0.23 -35.48 28.76
CA ARG B 6 0.98 -35.41 29.67
C ARG B 6 0.56 -35.53 31.16
N TRP B 7 1.39 -36.12 32.01
CA TRP B 7 1.21 -36.10 33.46
C TRP B 7 1.92 -34.89 34.06
N PHE B 8 3.03 -34.48 33.44
CA PHE B 8 3.82 -33.34 33.90
C PHE B 8 3.84 -32.21 32.84
N PRO B 9 2.90 -31.23 32.94
CA PRO B 9 2.93 -30.05 32.02
C PRO B 9 4.26 -29.31 31.98
N LYS B 10 4.62 -28.92 30.78
CA LYS B 10 5.85 -28.18 30.55
C LYS B 10 5.56 -26.72 30.83
N THR B 11 6.31 -26.18 31.76
CA THR B 11 6.19 -24.79 32.19
C THR B 11 7.39 -23.92 31.79
N LEU B 12 8.47 -24.57 31.35
CA LEU B 12 9.66 -23.90 30.90
C LEU B 12 9.31 -23.02 29.66
N PRO B 13 9.72 -21.74 29.66
CA PRO B 13 9.30 -20.91 28.51
C PRO B 13 10.20 -21.06 27.27
N CYS B 14 10.83 -22.23 27.08
CA CYS B 14 11.77 -22.46 26.01
C CYS B 14 11.24 -23.63 25.23
N ASP B 15 11.55 -23.71 23.95
CA ASP B 15 11.20 -24.88 23.21
C ASP B 15 12.27 -25.92 23.55
N VAL B 16 11.83 -27.17 23.64
CA VAL B 16 12.70 -28.27 23.98
C VAL B 16 12.53 -29.37 22.96
N THR B 17 13.62 -29.76 22.33
CA THR B 17 13.59 -30.77 21.26
C THR B 17 14.66 -31.84 21.55
N LEU B 18 14.34 -33.07 21.19
CA LEU B 18 15.19 -34.23 21.39
C LEU B 18 15.67 -34.70 20.02
N ASP B 19 16.99 -34.78 19.84
CA ASP B 19 17.58 -35.55 18.75
C ASP B 19 18.33 -36.74 19.41
N VAL B 20 17.61 -37.86 19.56
CA VAL B 20 18.13 -39.01 20.31
C VAL B 20 19.30 -39.70 19.60
N SER B 21 19.37 -39.54 18.28
CA SER B 21 20.46 -40.04 17.43
C SER B 21 21.86 -39.55 17.93
N LYS B 22 22.01 -38.22 18.02
CA LYS B 22 23.26 -37.56 18.46
C LYS B 22 23.28 -37.23 19.98
N ASN B 23 22.38 -37.83 20.76
CA ASN B 23 22.23 -37.54 22.21
C ASN B 23 22.12 -36.05 22.53
N HIS B 24 21.40 -35.31 21.69
CA HIS B 24 21.23 -33.88 21.88
C HIS B 24 19.88 -33.54 22.56
N VAL B 25 19.98 -32.67 23.55
CA VAL B 25 18.80 -32.07 24.16
C VAL B 25 18.92 -30.54 23.90
N ILE B 26 18.02 -30.04 23.07
CA ILE B 26 18.06 -28.70 22.50
C ILE B 26 17.02 -27.84 23.17
N VAL B 27 17.50 -26.82 23.86
CA VAL B 27 16.67 -25.93 24.59
C VAL B 27 16.83 -24.53 24.00
N ASP B 28 15.74 -24.00 23.44
CA ASP B 28 15.76 -22.74 22.64
C ASP B 28 14.85 -21.72 23.27
N CYS B 29 15.47 -20.78 23.99
CA CYS B 29 14.77 -19.69 24.65
C CYS B 29 14.93 -18.34 23.87
N THR B 30 15.04 -18.43 22.55
CA THR B 30 15.25 -17.21 21.72
C THR B 30 14.05 -16.29 21.93
N ASP B 31 14.29 -15.06 22.37
CA ASP B 31 13.31 -14.01 22.28
C ASP B 31 12.06 -14.32 23.13
N LYS B 32 12.26 -14.57 24.42
CA LYS B 32 11.21 -14.94 25.32
C LYS B 32 11.08 -13.92 26.39
N HIS B 33 11.61 -12.72 26.18
CA HIS B 33 11.47 -11.65 27.14
C HIS B 33 11.88 -12.13 28.50
N LEU B 34 13.00 -12.83 28.55
CA LEU B 34 13.62 -13.24 29.83
C LEU B 34 14.55 -12.20 30.42
N THR B 35 14.47 -12.02 31.75
CA THR B 35 15.42 -11.22 32.52
C THR B 35 16.32 -12.06 33.40
N GLU B 36 16.12 -13.38 33.41
CA GLU B 36 17.00 -14.33 34.11
C GLU B 36 16.98 -15.61 33.34
N ILE B 37 18.00 -16.46 33.56
CA ILE B 37 17.97 -17.80 33.01
C ILE B 37 16.87 -18.53 33.75
N PRO B 38 15.92 -19.13 33.01
CA PRO B 38 14.81 -19.78 33.71
C PRO B 38 15.30 -20.98 34.52
N GLY B 39 14.55 -21.30 35.59
CA GLY B 39 14.83 -22.49 36.39
C GLY B 39 14.28 -23.70 35.66
N GLY B 40 14.81 -24.87 35.98
CA GLY B 40 14.25 -26.14 35.49
C GLY B 40 14.69 -26.53 34.08
N ILE B 41 15.74 -25.89 33.55
CA ILE B 41 16.34 -26.33 32.29
C ILE B 41 16.80 -27.77 32.49
N PRO B 42 16.45 -28.67 31.57
CA PRO B 42 16.92 -30.05 31.79
C PRO B 42 18.39 -30.18 32.05
N THR B 43 18.72 -31.07 32.98
CA THR B 43 20.10 -31.46 33.28
C THR B 43 20.84 -32.07 32.09
N ASN B 44 20.15 -32.81 31.22
CA ASN B 44 20.78 -33.38 29.99
C ASN B 44 20.95 -32.37 28.80
N THR B 45 20.66 -31.08 29.02
CA THR B 45 20.71 -30.05 27.94
C THR B 45 22.12 -29.99 27.34
N THR B 46 22.20 -30.23 26.05
CA THR B 46 23.46 -30.06 25.32
C THR B 46 23.57 -28.75 24.54
N ASN B 47 22.45 -28.24 24.01
CA ASN B 47 22.41 -26.95 23.26
C ASN B 47 21.41 -26.00 23.89
N LEU B 48 21.91 -24.92 24.45
CA LEU B 48 21.14 -23.92 25.08
C LEU B 48 21.29 -22.58 24.34
N THR B 49 20.16 -22.08 23.83
CA THR B 49 20.09 -20.76 23.19
C THR B 49 19.25 -19.76 23.97
N LEU B 50 19.91 -18.70 24.40
CA LEU B 50 19.34 -17.59 25.15
C LEU B 50 19.43 -16.24 24.41
N THR B 51 19.50 -16.31 23.10
CA THR B 51 19.68 -15.14 22.23
C THR B 51 18.45 -14.19 22.34
N ILE B 52 18.69 -12.89 22.41
CA ILE B 52 17.66 -11.83 22.39
C ILE B 52 16.73 -11.97 23.62
N ASN B 53 17.28 -11.73 24.78
CA ASN B 53 16.57 -11.59 26.01
C ASN B 53 17.35 -10.49 26.70
N HIS B 54 17.07 -10.24 27.97
CA HIS B 54 17.68 -9.17 28.74
C HIS B 54 18.23 -9.72 30.04
N ILE B 55 19.00 -10.79 29.90
CA ILE B 55 19.66 -11.39 31.04
C ILE B 55 20.93 -10.59 31.31
N PRO B 56 21.03 -9.97 32.48
CA PRO B 56 22.09 -9.04 32.68
C PRO B 56 23.37 -9.67 33.18
N ASP B 57 23.34 -10.91 33.62
CA ASP B 57 24.59 -11.51 34.08
C ASP B 57 24.64 -13.01 34.02
N ILE B 58 25.87 -13.48 33.98
CA ILE B 58 26.20 -14.90 34.00
C ILE B 58 27.05 -15.14 35.26
N SER B 59 26.87 -16.30 35.85
CA SER B 59 27.55 -16.64 37.10
C SER B 59 27.70 -18.17 37.16
N PRO B 60 28.43 -18.70 38.17
CA PRO B 60 28.52 -20.16 38.37
C PRO B 60 27.16 -20.82 38.53
N ALA B 61 26.24 -20.09 39.15
CA ALA B 61 24.86 -20.52 39.22
C ALA B 61 24.16 -20.71 37.82
N SER B 62 24.61 -19.99 36.77
CA SER B 62 23.89 -19.95 35.49
C SER B 62 23.73 -21.33 34.89
N PHE B 63 24.83 -22.03 34.76
CA PHE B 63 24.81 -23.31 34.09
C PHE B 63 25.20 -24.48 35.06
N HIS B 64 25.08 -24.26 36.39
CA HIS B 64 25.54 -25.21 37.47
C HIS B 64 25.26 -26.71 37.22
N ARG B 65 24.03 -27.05 36.92
CA ARG B 65 23.70 -28.44 36.67
C ARG B 65 24.02 -28.91 35.26
N LEU B 66 24.36 -28.01 34.34
CA LEU B 66 24.28 -28.30 32.90
C LEU B 66 25.67 -28.69 32.37
N VAL B 67 26.17 -29.75 32.97
CA VAL B 67 27.53 -30.24 32.75
C VAL B 67 27.67 -30.88 31.37
N HIS B 68 26.56 -31.22 30.71
CA HIS B 68 26.63 -31.80 29.35
C HIS B 68 26.59 -30.79 28.19
N LEU B 69 26.57 -29.50 28.50
CA LEU B 69 26.49 -28.49 27.41
C LEU B 69 27.64 -28.58 26.41
N VAL B 70 27.32 -28.83 25.16
CA VAL B 70 28.26 -28.64 24.04
C VAL B 70 28.19 -27.24 23.40
N GLU B 71 27.07 -26.52 23.55
CA GLU B 71 26.88 -25.16 22.93
C GLU B 71 26.04 -24.28 23.79
N ILE B 72 26.57 -23.11 24.11
CA ILE B 72 25.83 -22.03 24.62
C ILE B 72 25.78 -20.89 23.60
N ASP B 73 24.57 -20.48 23.24
CA ASP B 73 24.35 -19.32 22.34
C ASP B 73 23.65 -18.26 23.14
N PHE B 74 24.43 -17.29 23.62
CA PHE B 74 23.98 -16.22 24.46
C PHE B 74 24.25 -14.88 23.70
N ARG B 75 23.73 -14.76 22.48
CA ARG B 75 23.88 -13.54 21.69
C ARG B 75 22.89 -12.45 22.06
N CYS B 76 23.35 -11.20 22.00
CA CYS B 76 22.41 -10.08 21.91
C CYS B 76 21.53 -9.94 23.15
N ASN B 77 22.11 -10.05 24.33
CA ASN B 77 21.38 -9.70 25.51
C ASN B 77 21.70 -8.28 25.90
N CYS B 78 22.71 -7.68 25.30
CA CYS B 78 23.00 -6.26 25.54
C CYS B 78 23.67 -5.62 24.32
N VAL B 79 22.88 -5.40 23.26
CA VAL B 79 23.48 -5.06 21.99
C VAL B 79 23.99 -3.63 21.99
N PRO B 80 25.12 -3.37 21.30
CA PRO B 80 25.56 -1.96 21.17
C PRO B 80 24.40 -1.03 20.75
N ILE B 81 24.37 0.14 21.37
CA ILE B 81 23.26 1.08 21.31
C ILE B 81 22.78 1.38 19.86
N ARG B 82 23.71 1.60 18.91
CA ARG B 82 23.33 1.99 17.57
C ARG B 82 22.80 0.82 16.80
N LEU B 83 23.16 -0.40 17.22
CA LEU B 83 22.64 -1.64 16.60
C LEU B 83 21.34 -2.10 17.20
N GLY B 84 21.05 -1.66 18.41
CA GLY B 84 19.92 -2.22 19.15
C GLY B 84 18.68 -1.34 19.13
N SER B 85 17.62 -1.90 19.68
CA SER B 85 16.36 -1.22 19.90
C SER B 85 16.56 0.06 20.72
N LYS B 86 16.03 1.18 20.22
CA LYS B 86 16.02 2.44 21.01
C LYS B 86 14.86 2.52 22.02
N SER B 87 13.84 1.67 21.88
CA SER B 87 12.73 1.65 22.86
C SER B 87 13.00 0.79 24.12
N ASN B 88 13.82 -0.26 23.99
CA ASN B 88 14.31 -0.97 25.17
C ASN B 88 15.84 -1.09 25.09
N MET B 89 16.49 0.02 25.38
CA MET B 89 17.95 0.09 25.36
C MET B 89 18.44 -0.76 26.53
N CYS B 90 19.59 -1.40 26.36
CA CYS B 90 20.23 -2.17 27.42
C CYS B 90 20.93 -1.20 28.40
N PRO B 91 20.55 -1.25 29.71
CA PRO B 91 21.10 -0.22 30.63
C PRO B 91 22.59 -0.38 30.94
N ARG B 92 23.09 -1.62 30.99
CA ARG B 92 24.44 -1.92 31.44
C ARG B 92 24.98 -3.16 30.75
N ARG B 93 26.26 -3.15 30.44
CA ARG B 93 26.85 -4.36 29.79
C ARG B 93 26.62 -5.70 30.54
N LEU B 94 26.51 -6.81 29.81
CA LEU B 94 26.52 -8.15 30.43
C LEU B 94 27.71 -8.34 31.42
N GLN B 95 27.43 -8.88 32.60
CA GLN B 95 28.46 -9.14 33.63
C GLN B 95 28.68 -10.63 33.66
N ILE B 96 29.91 -11.07 33.42
CA ILE B 96 30.24 -12.50 33.54
C ILE B 96 31.16 -12.68 34.75
N LYS B 97 30.69 -13.42 35.74
CA LYS B 97 31.43 -13.64 36.99
C LYS B 97 32.41 -14.76 36.75
N PRO B 98 33.54 -14.79 37.50
CA PRO B 98 34.51 -15.84 37.28
C PRO B 98 33.94 -17.19 37.51
N ARG B 99 34.45 -18.15 36.74
CA ARG B 99 34.18 -19.57 36.90
C ARG B 99 32.80 -19.95 36.36
N SER B 100 32.23 -19.13 35.48
CA SER B 100 30.88 -19.40 34.98
C SER B 100 30.87 -20.51 33.93
N PHE B 101 32.00 -20.71 33.24
CA PHE B 101 32.11 -21.66 32.15
C PHE B 101 33.10 -22.81 32.41
N SER B 102 33.93 -22.71 33.45
CA SER B 102 35.08 -23.67 33.59
C SER B 102 34.61 -25.08 33.93
N GLY B 103 33.52 -25.19 34.65
CA GLY B 103 32.85 -26.49 34.81
C GLY B 103 32.24 -27.14 33.57
N LEU B 104 32.13 -26.42 32.43
CA LEU B 104 31.46 -26.97 31.23
C LEU B 104 32.51 -27.68 30.37
N THR B 105 32.89 -28.82 30.90
CA THR B 105 33.93 -29.72 30.40
C THR B 105 33.74 -30.20 28.97
N TYR B 106 32.49 -30.30 28.51
CA TYR B 106 32.19 -30.68 27.11
C TYR B 106 31.94 -29.49 26.12
N LEU B 107 32.07 -28.24 26.57
CA LEU B 107 31.61 -27.07 25.77
C LEU B 107 32.46 -26.86 24.53
N LYS B 108 31.84 -26.95 23.36
CA LYS B 108 32.53 -26.80 22.07
C LYS B 108 32.32 -25.46 21.37
N SER B 109 31.24 -24.75 21.71
CA SER B 109 30.81 -23.53 20.97
C SER B 109 30.19 -22.56 21.95
N LEU B 110 30.73 -21.36 22.00
CA LEU B 110 30.23 -20.33 22.85
C LEU B 110 30.04 -19.03 22.03
N TYR B 111 28.80 -18.58 21.88
CA TYR B 111 28.49 -17.34 21.20
C TYR B 111 28.09 -16.28 22.22
N LEU B 112 28.89 -15.23 22.33
CA LEU B 112 28.68 -14.11 23.18
C LEU B 112 28.65 -12.77 22.43
N ASP B 113 28.28 -12.82 21.15
CA ASP B 113 28.16 -11.62 20.36
C ASP B 113 27.15 -10.65 20.98
N GLY B 114 27.43 -9.36 20.89
CA GLY B 114 26.38 -8.39 21.04
C GLY B 114 25.96 -8.22 22.50
N ASN B 115 26.94 -8.15 23.39
CA ASN B 115 26.74 -8.03 24.83
C ASN B 115 27.53 -6.93 25.51
N GLN B 116 28.20 -6.13 24.69
CA GLN B 116 28.98 -4.98 25.15
C GLN B 116 30.13 -5.39 26.10
N LEU B 117 30.66 -6.57 25.90
CA LEU B 117 31.80 -7.04 26.70
C LEU B 117 33.06 -6.18 26.47
N LEU B 118 33.86 -6.01 27.53
CA LEU B 118 35.10 -5.21 27.46
C LEU B 118 36.36 -6.01 27.26
N GLU B 119 36.31 -7.31 27.54
CA GLU B 119 37.48 -8.19 27.43
C GLU B 119 37.08 -9.57 26.98
N ILE B 120 38.06 -10.34 26.51
CA ILE B 120 37.83 -11.73 26.16
C ILE B 120 37.55 -12.43 27.47
N PRO B 121 36.38 -13.09 27.61
CA PRO B 121 36.09 -13.81 28.85
C PRO B 121 37.15 -14.87 29.15
N GLN B 122 37.61 -14.88 30.39
CA GLN B 122 38.61 -15.84 30.85
C GLN B 122 37.93 -17.04 31.52
N GLY B 123 38.71 -18.06 31.82
CA GLY B 123 38.18 -19.23 32.49
C GLY B 123 37.40 -20.12 31.55
N LEU B 124 37.70 -20.05 30.27
CA LEU B 124 37.02 -20.90 29.32
C LEU B 124 37.63 -22.28 29.32
N PRO B 125 36.79 -23.31 29.12
CA PRO B 125 37.26 -24.68 29.16
C PRO B 125 38.02 -25.06 27.90
N PRO B 126 38.99 -26.00 28.03
CA PRO B 126 39.89 -26.34 26.89
C PRO B 126 39.23 -27.20 25.84
N SER B 127 37.99 -27.64 26.07
CA SER B 127 37.19 -28.29 25.01
C SER B 127 36.76 -27.34 23.87
N LEU B 128 36.81 -26.02 24.11
CA LEU B 128 36.17 -25.04 23.21
C LEU B 128 36.81 -25.01 21.83
N GLN B 129 36.04 -25.28 20.77
CA GLN B 129 36.44 -25.02 19.36
C GLN B 129 36.04 -23.65 18.72
N LEU B 130 34.91 -23.08 19.14
CA LEU B 130 34.35 -21.86 18.50
C LEU B 130 34.03 -20.86 19.55
N LEU B 131 34.58 -19.67 19.36
CA LEU B 131 34.25 -18.56 20.20
C LEU B 131 33.88 -17.38 19.33
N SER B 132 32.76 -16.74 19.67
CA SER B 132 32.23 -15.64 18.86
C SER B 132 32.01 -14.49 19.76
N LEU B 133 32.67 -13.39 19.44
CA LEU B 133 32.62 -12.20 20.26
C LEU B 133 32.34 -10.96 19.40
N GLU B 134 31.60 -11.14 18.31
CA GLU B 134 31.25 -9.99 17.47
C GLU B 134 30.45 -8.94 18.21
N ALA B 135 30.61 -7.68 17.81
CA ALA B 135 29.72 -6.62 18.31
C ALA B 135 29.75 -6.49 19.84
N ASN B 136 30.97 -6.64 20.35
CA ASN B 136 31.32 -6.29 21.71
C ASN B 136 32.21 -5.05 21.71
N ASN B 137 32.84 -4.71 22.84
CA ASN B 137 33.72 -3.57 22.92
C ASN B 137 35.14 -4.03 23.27
N ILE B 138 35.64 -5.03 22.54
CA ILE B 138 36.98 -5.59 22.74
C ILE B 138 37.80 -5.11 21.56
N PHE B 139 38.75 -4.22 21.83
CA PHE B 139 39.58 -3.63 20.78
C PHE B 139 41.10 -3.63 21.06
N SER B 140 41.53 -4.49 21.97
CA SER B 140 42.94 -4.76 22.25
C SER B 140 43.10 -6.25 22.52
N ILE B 141 43.82 -6.94 21.65
CA ILE B 141 44.06 -8.38 21.75
C ILE B 141 45.51 -8.64 22.23
N ARG B 142 45.62 -9.34 23.36
CA ARG B 142 46.89 -9.57 24.04
C ARG B 142 47.07 -11.06 24.14
N LYS B 143 48.30 -11.52 23.90
CA LYS B 143 48.63 -12.96 23.98
C LYS B 143 48.17 -13.61 25.28
N GLU B 144 48.33 -12.89 26.38
CA GLU B 144 48.01 -13.40 27.68
C GLU B 144 46.52 -13.78 27.77
N GLN B 145 45.64 -13.03 27.08
CA GLN B 145 44.20 -13.29 27.09
C GLN B 145 43.79 -14.44 26.20
N LEU B 146 44.67 -14.86 25.31
CA LEU B 146 44.43 -15.99 24.41
C LEU B 146 45.00 -17.36 24.83
N THR B 147 45.79 -17.42 25.92
CA THR B 147 46.37 -18.68 26.45
C THR B 147 45.32 -19.75 26.62
N GLU B 148 44.21 -19.37 27.28
CA GLU B 148 43.07 -20.28 27.54
C GLU B 148 42.50 -20.98 26.30
N LEU B 149 42.78 -20.46 25.11
CA LEU B 149 42.17 -20.95 23.86
C LEU B 149 43.04 -21.85 23.02
N ALA B 150 43.93 -22.59 23.68
CA ALA B 150 44.82 -23.53 22.96
C ALA B 150 44.15 -24.39 21.88
N ASN B 151 42.96 -24.94 22.14
CA ASN B 151 42.27 -25.78 21.15
C ASN B 151 41.29 -25.06 20.18
N ILE B 152 41.28 -23.74 20.22
CA ILE B 152 40.28 -22.96 19.45
C ILE B 152 40.50 -23.12 17.96
N GLU B 153 39.43 -23.44 17.23
CA GLU B 153 39.49 -23.51 15.76
C GLU B 153 38.87 -22.30 15.03
N ILE B 154 37.85 -21.67 15.65
CA ILE B 154 37.08 -20.62 14.99
C ILE B 154 36.93 -19.49 15.96
N LEU B 155 37.34 -18.29 15.51
CA LEU B 155 37.39 -17.12 16.35
C LEU B 155 36.87 -15.92 15.61
N TYR B 156 35.72 -15.39 16.06
CA TYR B 156 35.06 -14.28 15.43
C TYR B 156 35.18 -13.10 16.37
N LEU B 157 35.89 -12.08 15.95
CA LEU B 157 36.19 -10.93 16.78
C LEU B 157 35.83 -9.62 16.13
N GLY B 158 35.15 -9.65 15.00
CA GLY B 158 34.84 -8.43 14.26
C GLY B 158 33.72 -7.60 14.83
N GLN B 159 33.53 -6.42 14.25
CA GLN B 159 32.44 -5.50 14.63
C GLN B 159 32.58 -4.99 16.03
N ASN B 160 33.81 -4.94 16.51
CA ASN B 160 34.11 -4.36 17.82
C ASN B 160 34.61 -2.91 17.78
N CYS B 161 34.92 -2.40 16.59
CA CYS B 161 35.30 -1.00 16.42
C CYS B 161 35.00 -0.51 14.96
N TYR B 162 33.78 0.00 14.77
CA TYR B 162 33.34 0.58 13.50
C TYR B 162 32.23 1.57 13.72
N TYR B 163 31.73 2.19 12.66
CA TYR B 163 30.81 3.34 12.84
C TYR B 163 29.49 3.04 13.61
N ARG B 164 29.00 1.79 13.56
CA ARG B 164 27.83 1.43 14.33
C ARG B 164 28.19 0.99 15.76
N ASN B 165 29.47 0.93 16.07
CA ASN B 165 29.92 0.47 17.38
C ASN B 165 31.34 0.98 17.60
N PRO B 166 31.46 2.29 17.80
CA PRO B 166 32.79 2.90 17.81
C PRO B 166 33.62 2.66 19.07
N CYS B 167 34.93 2.51 18.90
CA CYS B 167 35.85 2.47 20.05
C CYS B 167 36.76 3.69 20.16
N TYR B 168 36.77 4.55 19.16
CA TYR B 168 37.53 5.78 19.16
C TYR B 168 39.07 5.65 19.18
N VAL B 169 39.62 4.44 19.00
CA VAL B 169 41.05 4.27 18.79
C VAL B 169 41.25 3.18 17.73
N SER B 170 42.49 3.04 17.32
CA SER B 170 42.91 1.98 16.46
C SER B 170 42.88 0.73 17.28
N TYR B 171 42.52 -0.36 16.61
CA TYR B 171 42.53 -1.66 17.17
C TYR B 171 43.98 -2.04 17.39
N SER B 172 44.25 -2.83 18.43
CA SER B 172 45.61 -3.27 18.77
C SER B 172 45.61 -4.73 18.89
N ILE B 173 46.62 -5.34 18.27
CA ILE B 173 46.87 -6.73 18.40
C ILE B 173 48.36 -6.89 18.72
N GLU B 174 48.66 -7.60 19.80
CA GLU B 174 50.04 -7.81 20.12
C GLU B 174 50.69 -8.70 19.10
N LYS B 175 51.97 -8.41 18.88
CA LYS B 175 52.87 -9.23 18.06
C LYS B 175 52.73 -10.70 18.42
N ASP B 176 52.53 -11.55 17.43
CA ASP B 176 52.36 -13.02 17.62
C ASP B 176 51.15 -13.41 18.54
N ALA B 177 50.16 -12.53 18.74
CA ALA B 177 49.06 -12.85 19.68
C ALA B 177 48.41 -14.20 19.37
N PHE B 178 48.26 -14.52 18.08
CA PHE B 178 47.58 -15.74 17.66
C PHE B 178 48.47 -16.96 17.34
N LEU B 179 49.79 -16.77 17.35
CA LEU B 179 50.72 -17.78 16.76
C LEU B 179 50.64 -19.14 17.46
N ASN B 180 50.55 -19.14 18.79
CA ASN B 180 50.44 -20.39 19.55
C ASN B 180 49.02 -21.00 19.64
N LEU B 181 48.07 -20.52 18.81
CA LEU B 181 46.75 -21.13 18.68
C LEU B 181 46.88 -22.06 17.53
N THR B 182 47.45 -23.20 17.82
CA THR B 182 47.99 -24.11 16.80
C THR B 182 46.91 -24.90 16.05
N LYS B 183 45.67 -24.82 16.51
CA LYS B 183 44.55 -25.45 15.77
C LYS B 183 43.65 -24.44 15.04
N LEU B 184 43.98 -23.15 15.15
CA LEU B 184 43.10 -22.07 14.63
C LEU B 184 42.96 -22.12 13.12
N LYS B 185 41.74 -22.35 12.62
CA LYS B 185 41.44 -22.41 11.17
C LYS B 185 40.82 -21.14 10.61
N VAL B 186 39.91 -20.50 11.38
CA VAL B 186 39.12 -19.35 10.87
C VAL B 186 39.32 -18.21 11.78
N LEU B 187 39.74 -17.08 11.23
CA LEU B 187 39.93 -15.86 12.01
C LEU B 187 39.28 -14.69 11.30
N SER B 188 38.36 -14.01 12.01
CA SER B 188 37.68 -12.84 11.47
C SER B 188 37.90 -11.63 12.31
N LEU B 189 38.52 -10.63 11.71
CA LEU B 189 38.85 -9.37 12.39
C LEU B 189 38.26 -8.25 11.56
N LYS B 190 37.16 -8.53 10.86
CA LYS B 190 36.43 -7.49 10.11
C LYS B 190 35.85 -6.37 10.94
N ASP B 191 35.63 -5.23 10.30
CA ASP B 191 34.89 -4.11 10.87
C ASP B 191 35.48 -3.69 12.22
N ASN B 192 36.81 -3.59 12.28
CA ASN B 192 37.52 -3.43 13.60
C ASN B 192 38.46 -2.26 13.75
N ASN B 193 38.55 -1.38 12.76
CA ASN B 193 39.58 -0.33 12.83
C ASN B 193 41.04 -0.86 12.94
N VAL B 194 41.31 -1.99 12.32
CA VAL B 194 42.64 -2.58 12.23
C VAL B 194 43.52 -1.81 11.21
N THR B 195 44.79 -1.61 11.60
CA THR B 195 45.75 -0.79 10.83
C THR B 195 46.82 -1.62 10.20
N THR B 196 47.13 -2.82 10.71
CA THR B 196 48.09 -3.69 10.01
C THR B 196 47.66 -5.11 10.11
N VAL B 197 48.11 -5.94 9.18
CA VAL B 197 47.83 -7.32 9.23
C VAL B 197 48.57 -7.86 10.42
N PRO B 198 47.89 -8.56 11.35
CA PRO B 198 48.64 -9.02 12.51
C PRO B 198 49.55 -10.18 12.08
N THR B 199 50.74 -10.24 12.68
CA THR B 199 51.73 -11.27 12.40
C THR B 199 52.34 -11.73 13.71
N VAL B 200 52.88 -12.95 13.80
CA VAL B 200 52.81 -13.98 12.75
C VAL B 200 51.53 -14.76 13.11
N LEU B 201 50.81 -15.25 12.11
CA LEU B 201 49.58 -16.00 12.34
C LEU B 201 49.90 -17.46 12.21
N PRO B 202 49.11 -18.34 12.84
CA PRO B 202 49.34 -19.76 12.75
C PRO B 202 49.09 -20.32 11.36
N SER B 203 49.93 -21.25 10.93
N SER B 203 49.93 -21.28 10.95
CA SER B 203 49.96 -21.74 9.55
CA SER B 203 49.98 -21.78 9.58
C SER B 203 48.83 -22.71 9.28
C SER B 203 48.82 -22.72 9.28
N THR B 204 48.10 -23.06 10.32
CA THR B 204 46.90 -23.82 10.17
C THR B 204 45.68 -23.05 9.55
N LEU B 205 45.72 -21.72 9.47
CA LEU B 205 44.56 -20.94 8.96
C LEU B 205 44.10 -21.36 7.61
N THR B 206 42.79 -21.55 7.49
CA THR B 206 42.14 -21.73 6.19
C THR B 206 41.33 -20.50 5.71
N GLU B 207 40.91 -19.64 6.64
CA GLU B 207 40.13 -18.46 6.30
C GLU B 207 40.53 -17.31 7.13
N LEU B 208 40.83 -16.18 6.49
CA LEU B 208 41.23 -14.98 7.20
C LEU B 208 40.43 -13.79 6.62
N TYR B 209 39.72 -13.12 7.53
CA TYR B 209 38.79 -12.00 7.17
C TYR B 209 39.35 -10.73 7.79
N LEU B 210 39.81 -9.83 6.94
CA LEU B 210 40.42 -8.60 7.38
C LEU B 210 39.72 -7.41 6.70
N TYR B 211 38.48 -7.60 6.29
CA TYR B 211 37.81 -6.57 5.57
C TYR B 211 37.20 -5.49 6.45
N ASN B 212 36.96 -4.34 5.81
CA ASN B 212 36.44 -3.14 6.44
C ASN B 212 37.27 -2.67 7.60
N ASN B 213 38.51 -2.35 7.29
CA ASN B 213 39.47 -1.86 8.28
C ASN B 213 40.21 -0.66 7.71
N MET B 214 41.36 -0.34 8.31
CA MET B 214 42.22 0.77 7.90
C MET B 214 43.60 0.26 7.59
N ILE B 215 43.71 -0.87 6.92
CA ILE B 215 45.02 -1.40 6.50
C ILE B 215 45.33 -0.64 5.17
N ALA B 216 46.43 0.08 5.16
CA ALA B 216 46.81 0.86 4.00
C ALA B 216 47.81 0.10 3.14
N GLU B 217 48.54 -0.84 3.75
CA GLU B 217 49.65 -1.57 3.07
C GLU B 217 49.68 -2.96 3.53
N ILE B 218 49.91 -3.89 2.61
CA ILE B 218 50.26 -5.25 2.90
C ILE B 218 51.81 -5.34 2.82
N GLN B 219 52.47 -5.96 3.81
CA GLN B 219 53.92 -6.17 3.78
C GLN B 219 54.13 -7.43 3.02
N GLU B 220 55.29 -7.55 2.39
CA GLU B 220 55.55 -8.69 1.50
C GLU B 220 55.56 -10.00 2.24
N ASP B 221 55.83 -9.98 3.54
N ASP B 221 55.95 -9.94 3.52
CA ASP B 221 55.87 -11.14 4.41
CA ASP B 221 55.90 -11.09 4.43
C ASP B 221 54.61 -11.36 5.26
C ASP B 221 54.50 -11.49 4.95
N ASP B 222 53.60 -10.51 5.11
CA ASP B 222 52.32 -10.64 5.90
C ASP B 222 51.63 -12.01 5.85
N PHE B 223 51.62 -12.66 4.70
CA PHE B 223 50.98 -13.98 4.51
C PHE B 223 51.95 -15.14 4.18
N ASN B 224 53.24 -14.97 4.52
CA ASN B 224 54.31 -15.93 4.17
C ASN B 224 54.21 -17.38 4.56
N ASN B 225 53.72 -17.61 5.76
CA ASN B 225 53.63 -18.96 6.29
C ASN B 225 52.25 -19.61 6.07
N LEU B 226 51.33 -18.92 5.37
CA LEU B 226 49.92 -19.36 5.35
C LEU B 226 49.65 -20.28 4.20
N ASN B 227 50.32 -21.43 4.22
CA ASN B 227 50.22 -22.37 3.13
C ASN B 227 48.96 -23.24 3.12
N GLN B 228 48.12 -23.15 4.15
CA GLN B 228 46.79 -23.82 4.12
C GLN B 228 45.60 -22.86 3.85
N LEU B 229 45.87 -21.57 3.64
CA LEU B 229 44.81 -20.58 3.48
C LEU B 229 43.97 -20.85 2.25
N GLN B 230 42.66 -20.93 2.44
CA GLN B 230 41.70 -21.06 1.34
C GLN B 230 40.89 -19.77 1.02
N ILE B 231 40.64 -18.93 2.01
CA ILE B 231 39.87 -17.72 1.77
C ILE B 231 40.60 -16.57 2.40
N LEU B 232 40.75 -15.51 1.63
CA LEU B 232 41.36 -14.32 2.10
C LEU B 232 40.47 -13.18 1.68
N ASP B 233 40.09 -12.35 2.64
CA ASP B 233 39.29 -11.14 2.33
C ASP B 233 39.89 -9.88 2.93
N LEU B 234 40.29 -8.98 2.05
CA LEU B 234 40.94 -7.77 2.40
C LEU B 234 40.18 -6.58 1.96
N SER B 235 38.96 -6.81 1.53
CA SER B 235 38.07 -5.77 0.97
C SER B 235 37.84 -4.63 1.95
N GLY B 236 37.51 -3.47 1.42
CA GLY B 236 37.18 -2.32 2.27
C GLY B 236 38.36 -1.77 3.07
N ASN B 237 39.56 -1.92 2.51
CA ASN B 237 40.76 -1.25 3.01
C ASN B 237 41.19 -0.33 1.88
N CYS B 238 41.12 0.99 2.11
CA CYS B 238 41.18 1.99 1.02
C CYS B 238 39.95 1.89 0.14
N PRO B 239 38.78 2.13 0.75
CA PRO B 239 37.55 2.01 0.02
C PRO B 239 37.34 3.04 -1.05
N ARG B 240 36.54 2.62 -2.01
CA ARG B 240 36.01 3.47 -3.03
C ARG B 240 34.72 4.03 -2.42
N CYS B 241 34.67 5.30 -2.15
CA CYS B 241 33.61 5.88 -1.37
C CYS B 241 32.48 6.50 -2.15
N TYR B 242 32.52 6.51 -3.49
CA TYR B 242 31.50 7.21 -4.24
C TYR B 242 30.11 6.54 -4.00
N ASN B 243 29.10 7.34 -3.65
CA ASN B 243 27.73 6.88 -3.32
C ASN B 243 27.70 5.77 -2.24
N ALA B 244 28.63 5.82 -1.31
CA ALA B 244 28.64 4.85 -0.23
C ALA B 244 27.44 5.15 0.68
N PRO B 245 26.64 4.12 1.03
CA PRO B 245 25.53 4.31 1.97
C PRO B 245 25.97 4.21 3.46
N PHE B 246 27.26 4.31 3.73
CA PHE B 246 27.75 4.36 5.09
C PHE B 246 28.87 5.40 5.09
N PRO B 247 29.20 5.96 6.26
CA PRO B 247 30.30 6.94 6.35
C PRO B 247 31.61 6.31 5.91
N CYS B 248 32.29 6.96 4.98
CA CYS B 248 33.35 6.30 4.23
C CYS B 248 34.53 7.26 4.16
N THR B 249 35.70 6.79 4.60
CA THR B 249 36.93 7.58 4.56
C THR B 249 37.94 6.90 3.61
N PRO B 250 38.27 7.55 2.51
CA PRO B 250 39.23 6.93 1.62
C PRO B 250 40.66 7.08 2.19
N CYS B 251 41.53 6.17 1.81
CA CYS B 251 42.97 6.39 1.93
C CYS B 251 43.36 7.72 1.27
N LYS B 252 44.27 8.42 1.90
CA LYS B 252 44.82 9.65 1.32
C LYS B 252 45.47 9.44 -0.04
N ASN B 253 45.56 10.56 -0.75
CA ASN B 253 46.43 10.69 -1.93
C ASN B 253 45.78 9.89 -3.03
N ASN B 254 44.46 9.68 -2.98
CA ASN B 254 43.76 8.60 -3.73
C ASN B 254 44.50 7.23 -3.87
N SER B 255 45.20 6.80 -2.83
CA SER B 255 45.95 5.56 -2.90
C SER B 255 45.05 4.33 -2.91
N PRO B 256 45.51 3.27 -3.56
CA PRO B 256 44.92 1.97 -3.44
C PRO B 256 45.47 1.29 -2.19
N LEU B 257 44.91 0.14 -1.84
CA LEU B 257 45.54 -0.72 -0.87
C LEU B 257 46.82 -1.14 -1.58
N GLN B 258 47.97 -0.99 -0.93
CA GLN B 258 49.30 -1.32 -1.58
C GLN B 258 49.64 -2.74 -1.28
N ILE B 259 49.57 -3.56 -2.29
CA ILE B 259 49.87 -4.99 -2.15
C ILE B 259 51.15 -5.31 -3.02
N PRO B 260 52.26 -5.71 -2.37
CA PRO B 260 53.44 -6.15 -3.15
C PRO B 260 53.16 -7.29 -4.10
N VAL B 261 53.88 -7.29 -5.21
CA VAL B 261 53.64 -8.22 -6.33
C VAL B 261 53.80 -9.66 -5.90
N ASN B 262 54.57 -9.88 -4.85
CA ASN B 262 54.81 -11.22 -4.29
C ASN B 262 54.06 -11.55 -2.99
N ALA B 263 53.14 -10.68 -2.57
CA ALA B 263 52.48 -10.89 -1.25
C ALA B 263 51.72 -12.19 -1.14
N PHE B 264 51.25 -12.74 -2.26
CA PHE B 264 50.43 -13.94 -2.24
C PHE B 264 51.19 -15.21 -2.60
N ASP B 265 52.51 -15.14 -2.68
CA ASP B 265 53.32 -16.28 -3.18
C ASP B 265 53.20 -17.52 -2.35
N ALA B 266 53.03 -17.39 -1.05
CA ALA B 266 52.84 -18.57 -0.21
C ALA B 266 51.47 -19.21 -0.29
N LEU B 267 50.48 -18.58 -0.93
CA LEU B 267 49.07 -19.01 -0.77
C LEU B 267 48.68 -20.00 -1.84
N THR B 268 49.33 -21.16 -1.79
CA THR B 268 49.16 -22.17 -2.85
C THR B 268 47.80 -22.81 -2.84
N GLU B 269 47.13 -22.82 -1.68
CA GLU B 269 45.77 -23.42 -1.56
C GLU B 269 44.62 -22.40 -1.73
N LEU B 270 44.94 -21.16 -2.09
CA LEU B 270 43.94 -20.12 -2.04
C LEU B 270 42.88 -20.40 -3.10
N LYS B 271 41.64 -20.54 -2.67
CA LYS B 271 40.48 -20.68 -3.58
C LYS B 271 39.66 -19.39 -3.74
N VAL B 272 39.64 -18.53 -2.71
CA VAL B 272 38.82 -17.32 -2.75
C VAL B 272 39.67 -16.13 -2.37
N LEU B 273 39.67 -15.10 -3.18
CA LEU B 273 40.36 -13.86 -2.91
C LEU B 273 39.40 -12.69 -3.17
N ARG B 274 39.13 -11.93 -2.12
CA ARG B 274 38.21 -10.82 -2.20
C ARG B 274 38.92 -9.54 -2.00
N LEU B 275 38.89 -8.71 -3.03
CA LEU B 275 39.53 -7.39 -3.06
C LEU B 275 38.54 -6.35 -3.54
N HIS B 276 37.40 -6.34 -2.85
CA HIS B 276 36.29 -5.42 -3.13
C HIS B 276 36.58 -4.10 -2.43
N SER B 277 36.38 -2.98 -3.12
CA SER B 277 36.48 -1.67 -2.50
C SER B 277 37.87 -1.48 -1.83
N ASN B 278 38.90 -1.62 -2.67
CA ASN B 278 40.29 -1.36 -2.32
C ASN B 278 40.95 -0.28 -3.18
N SER B 279 40.14 0.36 -4.00
CA SER B 279 40.53 1.53 -4.81
C SER B 279 41.70 1.18 -5.76
N LEU B 280 41.72 -0.07 -6.20
CA LEU B 280 42.80 -0.58 -7.08
C LEU B 280 42.70 0.04 -8.47
N GLN B 281 43.84 0.39 -9.06
CA GLN B 281 43.89 0.88 -10.46
C GLN B 281 44.52 -0.10 -11.42
N HIS B 282 45.26 -1.07 -10.90
CA HIS B 282 45.92 -2.11 -11.70
C HIS B 282 45.81 -3.41 -10.95
N VAL B 283 45.83 -4.49 -11.71
CA VAL B 283 45.88 -5.80 -11.16
C VAL B 283 47.14 -6.49 -11.74
N PRO B 284 48.27 -6.44 -10.99
CA PRO B 284 49.54 -7.02 -11.56
C PRO B 284 49.40 -8.52 -11.77
N PRO B 285 49.71 -9.03 -12.97
CA PRO B 285 49.70 -10.49 -13.19
C PRO B 285 50.55 -11.27 -12.18
N ARG B 286 51.67 -10.68 -11.80
CA ARG B 286 52.60 -11.29 -10.88
C ARG B 286 51.94 -11.72 -9.53
N TRP B 287 50.85 -11.06 -9.10
CA TRP B 287 50.06 -11.48 -7.92
C TRP B 287 49.69 -12.94 -7.93
N PHE B 288 49.34 -13.42 -9.10
CA PHE B 288 48.85 -14.74 -9.28
C PHE B 288 49.86 -15.77 -9.81
N LYS B 289 51.15 -15.46 -9.80
CA LYS B 289 52.18 -16.41 -10.29
C LYS B 289 52.11 -17.81 -9.66
N ASN B 290 51.97 -17.92 -8.33
CA ASN B 290 51.91 -19.24 -7.65
C ASN B 290 50.55 -19.67 -7.17
N ILE B 291 49.49 -18.99 -7.59
CA ILE B 291 48.16 -19.45 -7.24
C ILE B 291 47.53 -19.99 -8.52
N ASN B 292 47.47 -21.30 -8.62
CA ASN B 292 46.78 -21.88 -9.75
C ASN B 292 45.37 -22.27 -9.49
N ASN B 293 45.08 -22.53 -8.22
CA ASN B 293 43.83 -23.06 -7.73
C ASN B 293 42.72 -22.08 -7.46
N LEU B 294 42.96 -20.79 -7.72
CA LEU B 294 41.98 -19.78 -7.40
C LEU B 294 40.66 -20.05 -8.15
N GLN B 295 39.55 -20.07 -7.41
CA GLN B 295 38.22 -20.23 -7.99
C GLN B 295 37.35 -18.97 -8.01
N GLU B 296 37.54 -18.08 -7.05
CA GLU B 296 36.66 -16.90 -6.91
C GLU B 296 37.51 -15.68 -6.65
N LEU B 297 37.34 -14.68 -7.51
CA LEU B 297 37.98 -13.42 -7.40
C LEU B 297 36.95 -12.28 -7.47
N ASP B 298 36.92 -11.45 -6.42
CA ASP B 298 36.09 -10.29 -6.39
C ASP B 298 36.94 -9.03 -6.45
N LEU B 299 36.77 -8.28 -7.56
CA LEU B 299 37.45 -7.02 -7.82
C LEU B 299 36.47 -5.90 -8.04
N SER B 300 35.27 -6.03 -7.47
CA SER B 300 34.25 -5.00 -7.58
C SER B 300 34.60 -3.78 -6.74
N GLN B 301 34.11 -2.62 -7.15
CA GLN B 301 34.25 -1.35 -6.45
C GLN B 301 35.70 -0.92 -6.35
N ASN B 302 36.42 -1.01 -7.47
CA ASN B 302 37.75 -0.43 -7.58
C ASN B 302 37.71 0.61 -8.67
N PHE B 303 38.87 0.96 -9.25
CA PHE B 303 38.93 1.87 -10.39
C PHE B 303 39.61 1.14 -11.55
N LEU B 304 39.05 -0.01 -11.90
CA LEU B 304 39.62 -0.90 -12.91
C LEU B 304 39.02 -0.84 -14.34
N ALA B 305 38.26 0.22 -14.66
CA ALA B 305 37.69 0.41 -15.98
C ALA B 305 38.76 0.19 -17.14
N LYS B 306 39.89 0.87 -17.09
CA LYS B 306 40.96 0.76 -18.10
C LYS B 306 41.54 -0.64 -18.10
N GLU B 307 41.81 -1.17 -16.91
CA GLU B 307 42.39 -2.53 -16.78
C GLU B 307 41.55 -3.59 -17.42
N ILE B 308 40.23 -3.40 -17.41
CA ILE B 308 39.34 -4.42 -17.97
C ILE B 308 39.66 -4.59 -19.48
N GLY B 309 40.12 -3.54 -20.16
CA GLY B 309 40.47 -3.60 -21.60
C GLY B 309 41.85 -4.23 -21.88
N ASP B 310 42.58 -4.61 -20.83
CA ASP B 310 43.96 -5.07 -20.91
C ASP B 310 44.09 -6.40 -20.16
N ALA B 311 44.11 -6.36 -18.82
CA ALA B 311 43.79 -7.56 -17.98
C ALA B 311 44.68 -8.79 -18.20
N LYS B 312 45.97 -8.53 -18.32
CA LYS B 312 46.92 -9.62 -18.57
C LYS B 312 46.84 -10.64 -17.46
N PHE B 313 46.51 -10.21 -16.22
CA PHE B 313 46.40 -11.16 -15.07
C PHE B 313 45.50 -12.35 -15.35
N LEU B 314 44.51 -12.20 -16.24
CA LEU B 314 43.56 -13.29 -16.48
C LEU B 314 44.21 -14.56 -17.05
N HIS B 315 45.33 -14.37 -17.76
CA HIS B 315 46.11 -15.53 -18.29
C HIS B 315 46.58 -16.45 -17.20
N PHE B 316 46.67 -15.97 -15.94
CA PHE B 316 47.09 -16.82 -14.79
C PHE B 316 45.95 -17.50 -14.03
N LEU B 317 44.73 -17.38 -14.55
CA LEU B 317 43.55 -17.84 -13.84
C LEU B 317 42.70 -18.83 -14.61
N PRO B 318 43.33 -19.92 -15.10
CA PRO B 318 42.58 -20.93 -15.89
C PRO B 318 41.57 -21.76 -15.08
N ASN B 319 41.70 -21.80 -13.77
CA ASN B 319 40.73 -22.51 -12.92
C ASN B 319 39.62 -21.60 -12.26
N LEU B 320 39.62 -20.31 -12.55
CA LEU B 320 38.63 -19.36 -11.99
C LEU B 320 37.20 -19.74 -12.43
N ILE B 321 36.32 -19.89 -11.46
CA ILE B 321 34.91 -20.14 -11.65
C ILE B 321 34.07 -18.84 -11.64
N GLN B 322 34.44 -17.89 -10.76
CA GLN B 322 33.72 -16.61 -10.59
C GLN B 322 34.64 -15.44 -10.59
N LEU B 323 34.27 -14.45 -11.40
CA LEU B 323 34.97 -13.23 -11.49
C LEU B 323 33.93 -12.08 -11.38
N ASP B 324 34.20 -11.16 -10.46
CA ASP B 324 33.38 -9.97 -10.28
C ASP B 324 34.22 -8.69 -10.47
N LEU B 325 33.86 -7.93 -11.50
CA LEU B 325 34.46 -6.67 -11.84
C LEU B 325 33.44 -5.52 -11.84
N SER B 326 32.35 -5.67 -11.10
CA SER B 326 31.26 -4.66 -11.04
C SER B 326 31.72 -3.37 -10.42
N PHE B 327 31.10 -2.26 -10.87
CA PHE B 327 31.37 -0.94 -10.30
C PHE B 327 32.82 -0.58 -10.29
N ASN B 328 33.40 -0.62 -11.51
CA ASN B 328 34.73 -0.11 -11.73
C ASN B 328 34.79 1.14 -12.58
N PHE B 329 33.64 1.70 -12.90
CA PHE B 329 33.59 2.86 -13.80
C PHE B 329 34.35 4.06 -13.27
N GLU B 330 34.84 4.83 -14.22
CA GLU B 330 35.52 6.07 -13.93
C GLU B 330 34.45 7.14 -13.72
N LEU B 331 34.60 7.89 -12.62
CA LEU B 331 33.64 8.89 -12.27
C LEU B 331 33.47 9.87 -13.42
N GLN B 332 32.23 10.22 -13.68
CA GLN B 332 31.84 11.25 -14.67
C GLN B 332 32.07 10.84 -16.12
N VAL B 333 32.27 9.54 -16.37
CA VAL B 333 32.44 9.03 -17.71
C VAL B 333 31.32 8.07 -18.06
N TYR B 334 30.72 8.37 -19.19
CA TYR B 334 29.74 7.52 -19.83
C TYR B 334 30.35 7.04 -21.13
N ARG B 335 30.97 5.88 -21.11
CA ARG B 335 31.63 5.29 -22.28
C ARG B 335 30.66 4.89 -23.38
N ALA B 336 31.15 4.96 -24.61
CA ALA B 336 30.40 4.55 -25.82
C ALA B 336 30.09 3.07 -25.84
N SER B 337 31.04 2.27 -25.39
CA SER B 337 30.92 0.83 -25.49
C SER B 337 31.75 0.12 -24.45
N MET B 338 31.61 -1.20 -24.38
CA MET B 338 32.39 -2.02 -23.48
C MET B 338 33.56 -2.68 -24.20
N ASN B 339 34.73 -2.54 -23.58
CA ASN B 339 35.97 -2.97 -24.12
C ASN B 339 36.48 -4.05 -23.17
N LEU B 340 36.22 -5.31 -23.52
CA LEU B 340 36.73 -6.48 -22.78
C LEU B 340 38.02 -6.98 -23.49
N SER B 341 39.12 -7.14 -22.75
CA SER B 341 40.34 -7.68 -23.29
C SER B 341 40.09 -9.08 -23.82
N GLN B 342 40.86 -9.40 -24.86
CA GLN B 342 40.95 -10.79 -25.37
C GLN B 342 41.36 -11.78 -24.30
N ALA B 343 42.09 -11.29 -23.30
CA ALA B 343 42.51 -12.13 -22.19
C ALA B 343 41.39 -12.86 -21.47
N PHE B 344 40.15 -12.32 -21.53
CA PHE B 344 38.98 -13.04 -21.00
C PHE B 344 38.83 -14.44 -21.61
N SER B 345 39.30 -14.60 -22.86
CA SER B 345 39.18 -15.89 -23.57
C SER B 345 40.06 -16.97 -22.95
N SER B 346 41.01 -16.58 -22.09
CA SER B 346 41.80 -17.53 -21.30
C SER B 346 41.07 -18.16 -20.14
N LEU B 347 39.88 -17.67 -19.78
CA LEU B 347 39.22 -18.08 -18.52
C LEU B 347 38.43 -19.36 -18.71
N LYS B 348 39.17 -20.42 -18.99
CA LYS B 348 38.63 -21.70 -19.43
C LYS B 348 37.52 -22.23 -18.54
N SER B 349 37.66 -22.06 -17.22
CA SER B 349 36.71 -22.68 -16.27
C SER B 349 35.54 -21.74 -15.83
N LEU B 350 35.53 -20.50 -16.33
CA LEU B 350 34.59 -19.47 -15.82
C LEU B 350 33.11 -19.86 -15.99
N LYS B 351 32.38 -19.87 -14.87
CA LYS B 351 30.93 -20.03 -14.88
C LYS B 351 30.19 -18.72 -14.72
N ILE B 352 30.74 -17.78 -13.95
CA ILE B 352 30.01 -16.59 -13.58
C ILE B 352 30.87 -15.40 -13.84
N LEU B 353 30.38 -14.49 -14.66
CA LEU B 353 31.06 -13.22 -14.87
C LEU B 353 30.07 -12.07 -14.55
N ARG B 354 30.47 -11.15 -13.65
CA ARG B 354 29.63 -9.98 -13.32
C ARG B 354 30.38 -8.73 -13.58
N ILE B 355 29.83 -7.90 -14.46
CA ILE B 355 30.39 -6.61 -14.75
C ILE B 355 29.26 -5.59 -14.74
N ARG B 356 28.67 -5.39 -13.57
CA ARG B 356 27.73 -4.30 -13.39
C ARG B 356 28.50 -2.99 -13.34
N GLY B 357 27.85 -1.90 -13.66
CA GLY B 357 28.41 -0.58 -13.32
C GLY B 357 29.73 -0.29 -13.99
N TYR B 358 29.87 -0.79 -15.21
CA TYR B 358 30.92 -0.41 -16.12
C TYR B 358 30.46 0.89 -16.78
N VAL B 359 29.16 1.01 -17.04
CA VAL B 359 28.52 2.29 -17.42
C VAL B 359 28.88 2.65 -18.86
N PHE B 360 28.07 2.15 -19.78
CA PHE B 360 28.28 2.39 -21.23
C PHE B 360 26.98 2.43 -22.05
N LYS B 361 27.04 3.06 -23.23
CA LYS B 361 25.87 3.40 -24.04
C LYS B 361 25.36 2.27 -24.91
N GLU B 362 26.27 1.49 -25.49
CA GLU B 362 25.89 0.61 -26.56
C GLU B 362 26.60 -0.71 -26.41
N LEU B 363 25.82 -1.80 -26.29
CA LEU B 363 26.39 -3.13 -26.28
C LEU B 363 26.22 -3.72 -27.68
N LYS B 364 27.36 -4.20 -28.21
CA LYS B 364 27.44 -4.79 -29.56
C LYS B 364 28.10 -6.15 -29.48
N SER B 365 27.65 -7.02 -30.37
CA SER B 365 28.00 -8.44 -30.39
C SER B 365 29.48 -8.69 -30.35
N PHE B 366 30.25 -7.86 -31.08
CA PHE B 366 31.69 -8.04 -31.20
C PHE B 366 32.36 -7.80 -29.83
N GLN B 367 31.78 -6.95 -28.98
CA GLN B 367 32.34 -6.65 -27.64
C GLN B 367 32.34 -7.85 -26.74
N LEU B 368 31.45 -8.83 -26.98
CA LEU B 368 31.44 -10.10 -26.20
C LEU B 368 32.22 -11.30 -26.79
N SER B 369 32.91 -11.07 -27.91
CA SER B 369 33.63 -12.18 -28.61
C SER B 369 34.65 -12.91 -27.73
N PRO B 370 35.37 -12.18 -26.85
CA PRO B 370 36.27 -12.89 -25.95
C PRO B 370 35.65 -13.97 -25.08
N LEU B 371 34.33 -13.90 -24.90
CA LEU B 371 33.59 -14.87 -24.15
C LEU B 371 33.03 -16.00 -25.00
N HIS B 372 33.13 -15.93 -26.33
CA HIS B 372 32.42 -16.89 -27.24
C HIS B 372 32.76 -18.33 -26.95
N ASN B 373 34.03 -18.61 -26.65
CA ASN B 373 34.47 -19.98 -26.39
C ASN B 373 34.72 -20.35 -24.93
N LEU B 374 34.08 -19.65 -24.00
CA LEU B 374 34.09 -20.04 -22.59
C LEU B 374 32.94 -20.99 -22.44
N GLN B 375 33.27 -22.28 -22.44
CA GLN B 375 32.29 -23.37 -22.56
C GLN B 375 31.52 -23.56 -21.30
N ASN B 376 32.11 -23.17 -20.17
CA ASN B 376 31.44 -23.43 -18.91
C ASN B 376 30.57 -22.23 -18.48
N LEU B 377 30.56 -21.15 -19.23
CA LEU B 377 29.94 -19.92 -18.76
C LEU B 377 28.47 -20.09 -18.60
N GLU B 378 27.99 -19.85 -17.39
CA GLU B 378 26.56 -20.01 -17.03
C GLU B 378 25.83 -18.68 -16.80
N VAL B 379 26.50 -17.68 -16.23
CA VAL B 379 25.88 -16.41 -15.89
C VAL B 379 26.73 -15.29 -16.44
N LEU B 380 26.08 -14.39 -17.20
CA LEU B 380 26.65 -13.16 -17.63
C LEU B 380 25.78 -12.00 -17.10
N ASP B 381 26.34 -11.18 -16.21
CA ASP B 381 25.59 -10.11 -15.55
C ASP B 381 26.15 -8.77 -15.97
N LEU B 382 25.41 -8.12 -16.85
CA LEU B 382 25.67 -6.75 -17.27
C LEU B 382 24.60 -5.74 -16.78
N GLY B 383 24.08 -5.98 -15.59
CA GLY B 383 23.11 -5.05 -14.99
C GLY B 383 23.68 -3.71 -14.56
N THR B 384 22.81 -2.70 -14.46
CA THR B 384 23.17 -1.40 -13.91
C THR B 384 24.32 -0.80 -14.69
N ASN B 385 24.13 -0.72 -16.01
CA ASN B 385 25.12 -0.18 -16.91
C ASN B 385 24.65 1.01 -17.73
N PHE B 386 23.38 1.38 -17.59
CA PHE B 386 22.81 2.45 -18.41
C PHE B 386 22.95 2.23 -19.92
N ILE B 387 22.88 0.96 -20.30
CA ILE B 387 22.92 0.60 -21.70
C ILE B 387 21.67 1.11 -22.36
N LYS B 388 21.83 1.87 -23.44
CA LYS B 388 20.68 2.36 -24.26
C LYS B 388 20.32 1.44 -25.43
N ILE B 389 21.33 0.79 -26.02
CA ILE B 389 21.16 0.05 -27.27
C ILE B 389 21.78 -1.31 -27.13
N ALA B 390 21.00 -2.32 -27.49
CA ALA B 390 21.46 -3.69 -27.46
C ALA B 390 20.58 -4.56 -28.33
N ASN B 391 21.14 -5.07 -29.42
CA ASN B 391 20.44 -6.04 -30.21
C ASN B 391 20.40 -7.40 -29.48
N LEU B 392 19.23 -7.79 -29.01
CA LEU B 392 19.08 -9.02 -28.24
C LEU B 392 19.47 -10.29 -29.00
N SER B 393 19.43 -10.21 -30.32
CA SER B 393 19.79 -11.34 -31.17
C SER B 393 21.23 -11.78 -30.95
N MET B 394 22.12 -10.89 -30.50
CA MET B 394 23.50 -11.30 -30.14
C MET B 394 23.57 -12.53 -29.20
N PHE B 395 22.56 -12.73 -28.37
CA PHE B 395 22.59 -13.85 -27.45
C PHE B 395 22.31 -15.21 -28.04
N LYS B 396 22.07 -15.28 -29.35
CA LYS B 396 22.09 -16.59 -30.07
C LYS B 396 23.43 -17.34 -29.90
N GLN B 397 24.53 -16.60 -29.71
CA GLN B 397 25.83 -17.19 -29.39
C GLN B 397 26.00 -17.58 -27.92
N PHE B 398 24.93 -17.50 -27.11
CA PHE B 398 25.07 -17.73 -25.66
C PHE B 398 24.00 -18.65 -25.16
N LYS B 399 23.53 -19.56 -26.01
CA LYS B 399 22.46 -20.50 -25.67
C LYS B 399 22.80 -21.37 -24.48
N ARG B 400 24.09 -21.65 -24.27
CA ARG B 400 24.53 -22.53 -23.16
C ARG B 400 24.36 -21.87 -21.77
N LEU B 401 24.27 -20.54 -21.73
CA LEU B 401 24.10 -19.83 -20.46
C LEU B 401 22.80 -20.14 -19.80
N LYS B 402 22.83 -20.08 -18.48
CA LYS B 402 21.63 -20.19 -17.67
C LYS B 402 20.91 -18.86 -17.48
N VAL B 403 21.67 -17.78 -17.29
CA VAL B 403 21.10 -16.46 -17.02
C VAL B 403 21.89 -15.42 -17.74
N ILE B 404 21.19 -14.61 -18.52
CA ILE B 404 21.78 -13.41 -19.11
C ILE B 404 21.03 -12.23 -18.43
N ASP B 405 21.77 -11.42 -17.68
CA ASP B 405 21.16 -10.40 -16.80
C ASP B 405 21.48 -9.05 -17.36
N LEU B 406 20.49 -8.41 -17.97
CA LEU B 406 20.62 -6.99 -18.38
C LEU B 406 19.67 -6.10 -17.54
N SER B 407 19.35 -6.56 -16.34
CA SER B 407 18.46 -5.82 -15.46
C SER B 407 18.99 -4.38 -15.15
N VAL B 408 18.10 -3.42 -15.10
CA VAL B 408 18.44 -2.06 -14.67
C VAL B 408 19.36 -1.43 -15.71
N ASN B 409 18.82 -1.21 -16.88
CA ASN B 409 19.53 -0.53 -17.93
C ASN B 409 18.52 0.41 -18.57
N LYS B 410 18.85 1.03 -19.68
CA LYS B 410 17.95 1.90 -20.40
C LYS B 410 17.68 1.40 -21.86
N ILE B 411 17.70 0.10 -22.04
CA ILE B 411 17.43 -0.49 -23.33
C ILE B 411 16.02 -0.09 -23.87
N SER B 412 15.99 0.42 -25.09
CA SER B 412 14.74 0.61 -25.86
C SER B 412 14.99 0.40 -27.36
N PRO B 413 13.92 0.21 -28.17
CA PRO B 413 14.16 0.09 -29.63
C PRO B 413 14.55 1.43 -30.29
N VAL B 437 20.27 -15.22 -7.32
CA VAL B 437 19.62 -13.89 -7.14
C VAL B 437 20.26 -13.04 -6.01
N LEU B 438 21.03 -12.00 -6.37
CA LEU B 438 21.75 -11.13 -5.37
C LEU B 438 20.79 -10.18 -4.63
N GLU B 439 21.03 -10.00 -3.31
CA GLU B 439 20.27 -9.08 -2.43
C GLU B 439 20.17 -7.70 -3.09
N GLN B 440 19.07 -6.96 -2.83
CA GLN B 440 18.86 -5.62 -3.50
C GLN B 440 19.98 -4.62 -3.13
N LEU B 441 20.48 -4.72 -1.91
CA LEU B 441 21.71 -4.07 -1.51
C LEU B 441 22.74 -5.22 -1.47
N TYR B 442 23.86 -5.02 -2.17
CA TYR B 442 24.84 -6.08 -2.44
C TYR B 442 26.23 -5.50 -2.66
N TYR B 443 26.38 -4.69 -3.68
CA TYR B 443 27.63 -4.07 -4.01
C TYR B 443 27.89 -2.86 -3.17
N PHE B 444 26.84 -2.22 -2.68
CA PHE B 444 27.03 -0.95 -1.99
C PHE B 444 27.00 -1.08 -0.49
N ARG B 445 26.45 -2.15 0.06
CA ARG B 445 26.36 -2.25 1.49
C ARG B 445 27.72 -2.43 2.21
N TYR B 446 27.75 -2.03 3.48
CA TYR B 446 28.98 -2.01 4.26
C TYR B 446 29.51 -3.42 4.45
N ASP B 447 28.66 -4.30 4.97
CA ASP B 447 29.07 -5.69 5.22
C ASP B 447 27.91 -6.61 4.90
N LYS B 448 27.99 -7.25 3.75
CA LYS B 448 26.92 -8.12 3.31
C LYS B 448 26.85 -9.45 4.02
N TYR B 449 27.87 -9.80 4.83
CA TYR B 449 27.84 -11.01 5.63
C TYR B 449 27.61 -10.67 7.07
N ALA B 450 27.13 -9.46 7.37
CA ALA B 450 26.89 -9.11 8.77
C ALA B 450 25.77 -10.05 9.30
N ARG B 451 25.98 -10.58 10.49
CA ARG B 451 25.06 -11.48 11.15
C ARG B 451 24.04 -10.64 11.94
N SER B 452 22.78 -11.01 11.89
CA SER B 452 21.76 -10.38 12.77
C SER B 452 21.60 -11.22 14.06
N CYS B 453 21.07 -10.58 15.09
CA CYS B 453 20.46 -11.27 16.22
C CYS B 453 19.28 -12.17 15.74
N SER B 468 11.07 -16.78 -8.47
CA SER B 468 12.16 -16.73 -9.47
C SER B 468 12.06 -17.81 -10.58
N CYS B 469 12.43 -17.44 -11.82
CA CYS B 469 12.20 -18.27 -13.02
C CYS B 469 13.41 -19.09 -13.57
N TYR B 470 14.56 -18.97 -12.93
CA TYR B 470 15.80 -19.53 -13.48
C TYR B 470 15.75 -21.06 -13.68
N LYS B 471 15.01 -21.74 -12.81
CA LYS B 471 14.86 -23.17 -12.83
C LYS B 471 14.12 -23.67 -14.07
N TYR B 472 13.44 -22.79 -14.81
CA TYR B 472 12.80 -23.18 -16.07
C TYR B 472 13.82 -23.37 -17.20
N GLY B 473 15.04 -22.86 -17.04
CA GLY B 473 16.10 -22.97 -18.06
C GLY B 473 16.61 -21.60 -18.44
N GLN B 474 17.03 -21.44 -19.70
CA GLN B 474 17.72 -20.25 -20.14
C GLN B 474 16.89 -19.02 -19.91
N THR B 475 17.48 -18.01 -19.25
CA THR B 475 16.73 -16.81 -18.82
C THR B 475 17.35 -15.57 -19.36
N LEU B 476 16.53 -14.74 -20.00
CA LEU B 476 17.00 -13.44 -20.42
C LEU B 476 16.27 -12.42 -19.53
N ASP B 477 17.03 -11.69 -18.70
CA ASP B 477 16.43 -10.72 -17.74
C ASP B 477 16.59 -9.31 -18.26
N LEU B 478 15.49 -8.76 -18.76
CA LEU B 478 15.47 -7.40 -19.24
C LEU B 478 14.58 -6.52 -18.29
N SER B 479 14.42 -6.93 -17.06
CA SER B 479 13.60 -6.18 -16.12
C SER B 479 14.20 -4.80 -15.88
N LYS B 480 13.35 -3.82 -15.66
CA LYS B 480 13.82 -2.48 -15.29
C LYS B 480 14.62 -1.86 -16.39
N ASN B 481 14.07 -1.98 -17.59
CA ASN B 481 14.64 -1.25 -18.73
C ASN B 481 13.67 -0.24 -19.21
N SER B 482 13.90 0.34 -20.38
CA SER B 482 12.96 1.31 -20.95
C SER B 482 12.28 0.80 -22.24
N ILE B 483 11.97 -0.48 -22.34
CA ILE B 483 11.34 -0.99 -23.57
C ILE B 483 9.88 -0.47 -23.61
N PHE B 484 9.51 0.30 -24.62
CA PHE B 484 8.13 0.85 -24.68
C PHE B 484 7.25 0.16 -25.72
N PHE B 485 7.87 -0.50 -26.68
CA PHE B 485 7.12 -1.20 -27.73
C PHE B 485 7.94 -2.42 -28.13
N ILE B 486 7.30 -3.55 -28.23
CA ILE B 486 7.94 -4.76 -28.72
C ILE B 486 7.31 -5.31 -30.01
N LYS B 487 8.15 -5.98 -30.78
CA LYS B 487 7.77 -6.68 -32.01
C LYS B 487 8.58 -7.96 -32.17
N SER B 488 8.02 -8.86 -32.96
CA SER B 488 8.61 -10.18 -33.21
C SER B 488 10.07 -10.17 -33.51
N SER B 489 10.50 -9.24 -34.35
CA SER B 489 11.90 -9.18 -34.78
C SER B 489 12.88 -8.89 -33.64
N ASP B 490 12.42 -8.22 -32.57
CA ASP B 490 13.26 -8.00 -31.37
C ASP B 490 13.78 -9.29 -30.76
N PHE B 491 13.05 -10.38 -30.96
CA PHE B 491 13.41 -11.69 -30.39
C PHE B 491 13.95 -12.71 -31.41
N GLN B 492 14.31 -12.23 -32.60
CA GLN B 492 14.85 -13.07 -33.68
C GLN B 492 16.07 -13.80 -33.15
N HIS B 493 16.09 -15.10 -33.41
CA HIS B 493 17.19 -16.01 -33.05
C HIS B 493 17.21 -16.41 -31.57
N LEU B 494 16.18 -16.03 -30.81
CA LEU B 494 16.12 -16.38 -29.37
C LEU B 494 15.12 -17.46 -28.99
N SER B 495 14.85 -18.39 -29.89
CA SER B 495 13.83 -19.42 -29.69
C SER B 495 14.19 -20.39 -28.59
N PHE B 496 15.46 -20.47 -28.24
CA PHE B 496 15.92 -21.33 -27.13
C PHE B 496 15.51 -20.86 -25.73
N LEU B 497 15.06 -19.60 -25.59
CA LEU B 497 14.75 -19.02 -24.22
C LEU B 497 13.60 -19.70 -23.56
N LYS B 498 13.79 -20.02 -22.29
CA LYS B 498 12.77 -20.60 -21.45
C LYS B 498 12.09 -19.59 -20.51
N CYS B 499 12.81 -18.52 -20.10
CA CYS B 499 12.23 -17.46 -19.24
C CYS B 499 12.63 -16.11 -19.77
N LEU B 500 11.65 -15.24 -20.01
CA LEU B 500 11.91 -13.88 -20.38
C LEU B 500 11.35 -12.94 -19.29
N ASN B 501 12.17 -12.02 -18.80
CA ASN B 501 11.72 -11.12 -17.73
C ASN B 501 11.65 -9.73 -18.28
N LEU B 502 10.46 -9.29 -18.59
CA LEU B 502 10.24 -7.93 -19.04
C LEU B 502 9.58 -7.06 -17.93
N SER B 503 9.58 -7.51 -16.68
CA SER B 503 9.02 -6.69 -15.55
C SER B 503 9.58 -5.27 -15.49
N GLY B 504 8.72 -4.29 -15.33
CA GLY B 504 9.26 -2.91 -15.07
C GLY B 504 9.82 -2.26 -16.30
N ASN B 505 9.28 -2.57 -17.44
CA ASN B 505 9.58 -1.81 -18.61
C ASN B 505 8.43 -0.80 -18.83
N LEU B 506 8.28 -0.26 -20.02
CA LEU B 506 7.31 0.79 -20.23
C LEU B 506 6.32 0.38 -21.29
N ILE B 507 5.95 -0.90 -21.29
CA ILE B 507 5.25 -1.46 -22.47
C ILE B 507 3.78 -1.12 -22.35
N SER B 508 3.31 -0.24 -23.23
CA SER B 508 1.95 0.26 -23.23
C SER B 508 1.34 0.03 -24.62
N GLN B 509 0.87 -1.16 -24.84
CA GLN B 509 0.72 -1.73 -26.15
C GLN B 509 -0.43 -2.75 -26.07
N THR B 510 -1.25 -2.79 -27.09
CA THR B 510 -2.20 -3.93 -27.22
C THR B 510 -1.37 -5.08 -27.81
N LEU B 511 -1.39 -6.23 -27.21
CA LEU B 511 -0.75 -7.39 -27.77
C LEU B 511 -1.79 -8.14 -28.56
N ASN B 512 -1.43 -8.68 -29.74
CA ASN B 512 -2.42 -9.46 -30.56
C ASN B 512 -1.99 -10.86 -30.94
N GLY B 513 -0.90 -11.35 -30.34
CA GLY B 513 -0.40 -12.66 -30.67
C GLY B 513 0.77 -12.64 -31.64
N SER B 514 1.24 -11.47 -32.07
CA SER B 514 2.32 -11.41 -33.04
C SER B 514 3.68 -11.02 -32.42
N GLU B 515 3.71 -10.46 -31.21
CA GLU B 515 4.90 -9.78 -30.70
C GLU B 515 6.03 -10.72 -30.25
N PHE B 516 5.68 -11.95 -29.87
CA PHE B 516 6.65 -12.90 -29.35
C PHE B 516 6.83 -14.12 -30.24
N GLN B 517 6.59 -14.01 -31.54
CA GLN B 517 6.45 -15.20 -32.40
C GLN B 517 7.70 -16.13 -32.34
N PRO B 518 8.92 -15.57 -32.35
CA PRO B 518 10.09 -16.46 -32.23
C PRO B 518 10.26 -17.30 -30.94
N LEU B 519 9.54 -16.96 -29.87
CA LEU B 519 9.84 -17.56 -28.57
C LEU B 519 9.08 -18.83 -28.37
N ALA B 520 9.46 -19.81 -29.18
CA ALA B 520 8.69 -21.05 -29.30
C ALA B 520 8.83 -21.95 -28.10
N GLU B 521 9.89 -21.77 -27.32
CA GLU B 521 10.14 -22.65 -26.19
C GLU B 521 9.76 -21.98 -24.86
N LEU B 522 9.35 -20.72 -24.89
CA LEU B 522 9.21 -19.92 -23.64
C LEU B 522 8.24 -20.57 -22.69
N ARG B 523 8.70 -20.85 -21.47
CA ARG B 523 7.85 -21.37 -20.42
C ARG B 523 7.41 -20.34 -19.36
N TYR B 524 8.16 -19.26 -19.19
CA TYR B 524 7.81 -18.24 -18.14
C TYR B 524 7.96 -16.90 -18.76
N LEU B 525 6.90 -16.11 -18.74
CA LEU B 525 6.97 -14.69 -19.10
C LEU B 525 6.54 -13.83 -17.92
N ASP B 526 7.44 -12.95 -17.47
CA ASP B 526 7.15 -11.98 -16.43
C ASP B 526 6.96 -10.68 -17.13
N PHE B 527 5.71 -10.30 -17.20
CA PHE B 527 5.31 -9.06 -17.84
C PHE B 527 4.80 -8.06 -16.79
N SER B 528 5.11 -8.28 -15.52
CA SER B 528 4.60 -7.40 -14.42
C SER B 528 5.11 -5.98 -14.53
N ASN B 529 4.37 -5.00 -14.01
CA ASN B 529 4.84 -3.59 -13.99
C ASN B 529 5.08 -3.01 -15.35
N ASN B 530 4.11 -3.23 -16.21
CA ASN B 530 4.05 -2.59 -17.54
C ASN B 530 2.67 -2.01 -17.70
N ARG B 531 2.22 -1.67 -18.90
CA ARG B 531 0.87 -1.21 -19.13
C ARG B 531 0.19 -2.00 -20.19
N LEU B 532 0.06 -3.26 -19.92
CA LEU B 532 -0.63 -4.13 -20.86
C LEU B 532 -2.03 -3.60 -21.17
N ASP B 533 -2.43 -3.65 -22.44
CA ASP B 533 -3.78 -3.30 -22.85
C ASP B 533 -4.38 -4.54 -23.46
N LEU B 534 -5.24 -5.20 -22.72
CA LEU B 534 -5.89 -6.44 -23.17
C LEU B 534 -7.13 -6.17 -24.00
N LEU B 535 -6.95 -5.51 -25.12
CA LEU B 535 -8.02 -5.28 -26.07
C LEU B 535 -8.33 -6.58 -26.77
N HIS B 536 -7.32 -7.39 -27.06
CA HIS B 536 -7.52 -8.64 -27.81
C HIS B 536 -7.40 -9.87 -26.97
N SER B 537 -8.34 -10.79 -27.13
CA SER B 537 -8.24 -12.11 -26.51
C SER B 537 -7.19 -13.05 -27.06
N THR B 538 -6.49 -12.65 -28.10
CA THR B 538 -5.38 -13.39 -28.72
C THR B 538 -4.03 -12.99 -28.12
N ALA B 539 -4.02 -12.09 -27.13
CA ALA B 539 -2.79 -11.69 -26.49
C ALA B 539 -2.07 -12.93 -25.98
N PHE B 540 -0.77 -13.00 -26.26
CA PHE B 540 0.08 -14.10 -25.74
C PHE B 540 -0.11 -15.49 -26.41
N GLU B 541 -1.07 -15.66 -27.33
CA GLU B 541 -1.37 -17.03 -27.81
C GLU B 541 -0.20 -17.66 -28.58
N GLU B 542 0.67 -16.86 -29.17
CA GLU B 542 1.83 -17.37 -29.84
C GLU B 542 2.82 -18.04 -28.87
N LEU B 543 2.67 -17.86 -27.54
CA LEU B 543 3.63 -18.48 -26.61
C LEU B 543 3.10 -19.83 -26.23
N ARG B 544 3.24 -20.75 -27.18
CA ARG B 544 2.51 -22.03 -27.13
C ARG B 544 3.01 -22.96 -26.06
N LYS B 545 4.25 -22.79 -25.61
CA LYS B 545 4.76 -23.54 -24.48
C LYS B 545 4.70 -22.84 -23.09
N LEU B 546 3.96 -21.74 -22.98
CA LEU B 546 3.91 -20.92 -21.74
C LEU B 546 3.23 -21.62 -20.60
N GLU B 547 3.93 -21.78 -19.49
CA GLU B 547 3.40 -22.38 -18.26
C GLU B 547 3.07 -21.34 -17.18
N VAL B 548 3.82 -20.24 -17.13
CA VAL B 548 3.57 -19.21 -16.10
C VAL B 548 3.56 -17.88 -16.78
N LEU B 549 2.51 -17.12 -16.52
CA LEU B 549 2.41 -15.73 -17.02
C LEU B 549 2.12 -14.80 -15.85
N ASP B 550 2.94 -13.77 -15.70
CA ASP B 550 2.74 -12.74 -14.71
C ASP B 550 2.41 -11.43 -15.38
N ILE B 551 1.15 -11.00 -15.25
CA ILE B 551 0.73 -9.67 -15.75
C ILE B 551 0.25 -8.76 -14.59
N SER B 552 0.80 -9.01 -13.39
CA SER B 552 0.53 -8.23 -12.17
C SER B 552 1.04 -6.80 -12.33
N SER B 553 0.42 -5.90 -11.59
CA SER B 553 0.81 -4.48 -11.63
C SER B 553 0.82 -3.91 -13.05
N ASN B 554 -0.20 -4.24 -13.85
CA ASN B 554 -0.44 -3.62 -15.13
C ASN B 554 -1.80 -2.87 -15.02
N SER B 555 -1.97 -2.08 -13.95
CA SER B 555 -3.32 -1.46 -13.70
C SER B 555 -3.70 -0.33 -14.61
N HIS B 556 -2.74 0.25 -15.32
CA HIS B 556 -3.01 1.48 -16.06
C HIS B 556 -4.32 1.48 -16.88
N TYR B 557 -4.50 0.56 -17.82
CA TYR B 557 -5.68 0.62 -18.68
C TYR B 557 -6.92 0.16 -17.93
N PHE B 558 -6.74 -0.52 -16.81
CA PHE B 558 -7.88 -0.99 -15.99
C PHE B 558 -8.44 0.12 -15.11
N GLN B 559 -7.69 1.20 -14.96
CA GLN B 559 -8.08 2.33 -14.12
C GLN B 559 -8.99 3.35 -14.79
N SER B 560 -9.18 3.29 -16.10
CA SER B 560 -9.96 4.32 -16.75
C SER B 560 -11.25 3.69 -17.33
N GLU B 561 -12.38 4.33 -17.05
CA GLU B 561 -13.68 3.80 -17.38
C GLU B 561 -13.88 3.71 -18.90
N GLY B 562 -14.68 2.72 -19.26
CA GLY B 562 -15.14 2.55 -20.63
C GLY B 562 -14.25 1.72 -21.50
N ILE B 563 -13.06 1.40 -21.03
CA ILE B 563 -12.07 0.71 -21.89
C ILE B 563 -12.37 -0.80 -21.95
N THR B 564 -12.20 -1.40 -23.13
CA THR B 564 -12.41 -2.84 -23.31
C THR B 564 -11.20 -3.65 -22.78
N HIS B 565 -11.48 -4.76 -22.14
CA HIS B 565 -10.57 -5.67 -21.46
C HIS B 565 -11.12 -7.07 -21.71
N MET B 566 -10.34 -7.91 -22.39
CA MET B 566 -10.67 -9.30 -22.65
C MET B 566 -9.95 -10.25 -21.68
N LEU B 567 -10.59 -10.49 -20.56
CA LEU B 567 -10.05 -11.43 -19.59
C LEU B 567 -10.16 -12.89 -20.02
N ASN B 568 -10.84 -13.18 -21.12
CA ASN B 568 -10.92 -14.55 -21.64
C ASN B 568 -9.76 -14.96 -22.52
N PHE B 569 -8.71 -14.16 -22.54
CA PHE B 569 -7.52 -14.45 -23.33
C PHE B 569 -6.80 -15.76 -22.96
N THR B 570 -7.14 -16.35 -21.83
CA THR B 570 -6.56 -17.62 -21.35
C THR B 570 -6.91 -18.84 -22.20
N LYS B 571 -8.04 -18.76 -22.91
CA LYS B 571 -8.56 -19.91 -23.65
C LYS B 571 -7.51 -20.53 -24.58
N ASN B 572 -6.75 -19.67 -25.24
CA ASN B 572 -5.75 -20.07 -26.24
C ASN B 572 -4.44 -20.68 -25.69
N LEU B 573 -4.19 -20.53 -24.39
CA LEU B 573 -2.93 -20.97 -23.80
C LEU B 573 -3.05 -22.34 -23.21
N LYS B 574 -2.59 -23.33 -23.98
CA LYS B 574 -2.98 -24.72 -23.72
C LYS B 574 -2.16 -25.43 -22.67
N VAL B 575 -0.96 -24.95 -22.33
CA VAL B 575 -0.23 -25.51 -21.19
C VAL B 575 -0.01 -24.53 -20.02
N LEU B 576 -0.80 -23.44 -20.00
CA LEU B 576 -0.67 -22.44 -18.95
C LEU B 576 -1.08 -23.01 -17.62
N GLN B 577 -0.14 -23.03 -16.68
CA GLN B 577 -0.41 -23.60 -15.33
C GLN B 577 -0.72 -22.54 -14.26
N LYS B 578 -0.10 -21.37 -14.37
CA LYS B 578 -0.17 -20.36 -13.34
C LYS B 578 -0.29 -19.01 -14.00
N LEU B 579 -1.30 -18.27 -13.56
CA LEU B 579 -1.50 -16.91 -14.05
C LEU B 579 -1.52 -15.94 -12.88
N MET B 580 -0.73 -14.89 -12.95
CA MET B 580 -0.77 -13.85 -11.86
C MET B 580 -1.27 -12.56 -12.44
N MET B 581 -2.35 -12.07 -11.87
CA MET B 581 -2.86 -10.78 -12.28
C MET B 581 -3.23 -9.93 -11.08
N ASN B 582 -2.26 -9.79 -10.19
CA ASN B 582 -2.43 -9.08 -8.95
C ASN B 582 -2.28 -7.59 -9.19
N ASP B 583 -2.93 -6.80 -8.37
CA ASP B 583 -2.74 -5.34 -8.30
C ASP B 583 -3.00 -4.69 -9.63
N ASN B 584 -4.06 -5.15 -10.31
CA ASN B 584 -4.44 -4.59 -11.60
C ASN B 584 -5.65 -3.70 -11.47
N ASP B 585 -6.21 -3.58 -10.27
CA ASP B 585 -7.34 -2.70 -10.02
C ASP B 585 -8.53 -3.06 -10.95
N ILE B 586 -8.69 -4.34 -11.27
CA ILE B 586 -9.71 -4.74 -12.26
C ILE B 586 -11.12 -4.63 -11.71
N SER B 587 -11.92 -3.79 -12.33
CA SER B 587 -13.27 -3.58 -11.87
C SER B 587 -14.34 -3.75 -12.95
N SER B 588 -13.94 -4.17 -14.14
CA SER B 588 -14.82 -4.28 -15.31
C SER B 588 -14.15 -5.28 -16.24
N SER B 589 -14.97 -5.93 -17.04
CA SER B 589 -14.51 -6.86 -18.00
C SER B 589 -15.56 -6.94 -19.11
N THR B 590 -15.09 -6.93 -20.35
CA THR B 590 -15.97 -7.09 -21.49
C THR B 590 -16.42 -8.54 -21.57
N SER B 591 -15.54 -9.49 -21.34
CA SER B 591 -15.95 -10.89 -21.24
C SER B 591 -16.42 -11.25 -19.83
N ARG B 592 -17.37 -12.17 -19.79
CA ARG B 592 -18.01 -12.65 -18.59
C ARG B 592 -17.43 -13.89 -17.91
N THR B 593 -16.64 -14.65 -18.67
CA THR B 593 -16.01 -15.83 -18.19
C THR B 593 -14.54 -15.90 -18.61
N MET B 594 -13.70 -16.40 -17.71
CA MET B 594 -12.31 -16.78 -18.06
C MET B 594 -12.34 -18.27 -18.27
N GLU B 595 -11.58 -18.73 -19.26
CA GLU B 595 -11.63 -20.12 -19.71
C GLU B 595 -10.23 -20.70 -19.77
N SER B 596 -10.06 -21.93 -19.28
CA SER B 596 -8.82 -22.64 -19.49
C SER B 596 -9.04 -24.06 -19.15
N GLU B 597 -8.41 -24.94 -19.91
CA GLU B 597 -8.40 -26.37 -19.62
C GLU B 597 -7.17 -26.75 -18.83
N SER B 598 -6.20 -25.84 -18.70
CA SER B 598 -4.92 -26.19 -18.06
C SER B 598 -4.64 -25.46 -16.74
N LEU B 599 -5.22 -24.29 -16.56
CA LEU B 599 -4.80 -23.43 -15.47
C LEU B 599 -5.04 -24.05 -14.08
N ARG B 600 -3.99 -24.06 -13.25
CA ARG B 600 -4.08 -24.61 -11.88
C ARG B 600 -4.09 -23.55 -10.80
N THR B 601 -3.41 -22.45 -11.08
CA THR B 601 -3.23 -21.39 -10.09
C THR B 601 -3.59 -20.06 -10.69
N LEU B 602 -4.53 -19.36 -10.08
CA LEU B 602 -4.76 -17.93 -10.44
C LEU B 602 -4.59 -17.01 -9.22
N GLU B 603 -3.73 -16.02 -9.35
CA GLU B 603 -3.63 -14.97 -8.38
C GLU B 603 -4.33 -13.71 -8.91
N PHE B 604 -5.34 -13.28 -8.17
CA PHE B 604 -6.24 -12.19 -8.54
C PHE B 604 -6.37 -11.18 -7.44
N ARG B 605 -5.28 -10.99 -6.71
CA ARG B 605 -5.28 -10.19 -5.48
C ARG B 605 -5.16 -8.72 -5.87
N GLY B 606 -5.77 -7.83 -5.10
CA GLY B 606 -5.57 -6.36 -5.39
C GLY B 606 -6.36 -5.85 -6.60
N ASN B 607 -7.56 -6.37 -6.78
CA ASN B 607 -8.53 -5.98 -7.83
C ASN B 607 -9.81 -5.52 -7.17
N HIS B 608 -10.88 -5.33 -7.94
CA HIS B 608 -12.17 -4.90 -7.43
C HIS B 608 -13.29 -5.80 -7.79
N LEU B 609 -13.14 -7.04 -7.38
CA LEU B 609 -14.27 -7.98 -7.49
C LEU B 609 -15.47 -7.48 -6.76
N ASP B 610 -15.31 -6.58 -5.78
CA ASP B 610 -16.49 -5.96 -5.19
C ASP B 610 -17.37 -5.18 -6.17
N VAL B 611 -16.75 -4.49 -7.12
CA VAL B 611 -17.46 -3.74 -8.15
C VAL B 611 -17.98 -4.69 -9.22
N LEU B 612 -17.15 -5.60 -9.66
CA LEU B 612 -17.64 -6.62 -10.62
C LEU B 612 -18.87 -7.41 -10.18
N TRP B 613 -18.88 -7.79 -8.91
CA TRP B 613 -19.95 -8.56 -8.29
C TRP B 613 -20.92 -7.67 -7.51
N ARG B 614 -21.03 -6.41 -7.89
CA ARG B 614 -21.98 -5.44 -7.31
C ARG B 614 -23.33 -6.13 -7.14
N ASP B 615 -23.91 -6.00 -5.95
CA ASP B 615 -25.15 -6.71 -5.58
C ASP B 615 -26.28 -6.24 -6.52
N GLY B 616 -27.00 -7.19 -7.10
CA GLY B 616 -27.92 -6.93 -8.22
C GLY B 616 -27.37 -7.18 -9.63
N ASP B 617 -26.06 -7.26 -9.79
CA ASP B 617 -25.43 -7.62 -11.05
C ASP B 617 -24.87 -9.06 -11.03
N ASN B 618 -25.51 -9.95 -11.77
CA ASN B 618 -25.20 -11.38 -11.78
C ASN B 618 -24.25 -11.73 -12.88
N ARG B 619 -23.86 -10.79 -13.72
CA ARG B 619 -23.17 -11.15 -14.94
C ARG B 619 -21.76 -11.78 -14.78
N TYR B 620 -21.05 -11.45 -13.70
CA TYR B 620 -19.68 -11.96 -13.52
C TYR B 620 -19.52 -13.00 -12.42
N LEU B 621 -20.66 -13.50 -11.91
CA LEU B 621 -20.63 -14.53 -10.90
C LEU B 621 -20.02 -15.88 -11.34
N GLN B 622 -19.72 -16.05 -12.63
CA GLN B 622 -19.09 -17.28 -13.09
C GLN B 622 -17.76 -17.02 -13.76
N LEU B 623 -17.15 -15.89 -13.37
CA LEU B 623 -15.90 -15.47 -13.98
C LEU B 623 -14.87 -16.59 -13.99
N PHE B 624 -14.78 -17.33 -12.92
CA PHE B 624 -13.74 -18.35 -12.77
C PHE B 624 -14.24 -19.78 -12.97
N LYS B 625 -15.56 -19.95 -13.09
CA LYS B 625 -16.22 -21.28 -13.23
C LYS B 625 -15.65 -22.24 -14.25
N ASN B 626 -15.19 -21.72 -15.39
CA ASN B 626 -14.68 -22.57 -16.50
C ASN B 626 -13.15 -22.73 -16.55
N LEU B 627 -12.51 -22.40 -15.43
CA LEU B 627 -11.13 -22.75 -15.22
C LEU B 627 -11.18 -24.10 -14.56
N LEU B 628 -11.41 -25.13 -15.38
CA LEU B 628 -11.87 -26.43 -14.87
C LEU B 628 -10.84 -27.13 -14.01
N LYS B 629 -9.56 -26.87 -14.24
CA LYS B 629 -8.51 -27.48 -13.44
C LYS B 629 -7.95 -26.58 -12.32
N LEU B 630 -8.62 -25.44 -12.06
CA LEU B 630 -8.12 -24.52 -11.04
C LEU B 630 -8.19 -25.15 -9.68
N GLU B 631 -7.03 -25.14 -9.03
CA GLU B 631 -6.92 -25.60 -7.63
C GLU B 631 -6.66 -24.48 -6.60
N GLU B 632 -6.05 -23.39 -7.04
CA GLU B 632 -5.64 -22.33 -6.14
C GLU B 632 -6.16 -20.99 -6.70
N LEU B 633 -6.89 -20.28 -5.86
CA LEU B 633 -7.41 -18.97 -6.21
C LEU B 633 -7.19 -17.99 -5.08
N ASP B 634 -6.46 -16.93 -5.37
CA ASP B 634 -6.23 -15.88 -4.42
C ASP B 634 -7.04 -14.64 -4.78
N ILE B 635 -8.10 -14.43 -4.03
CA ILE B 635 -8.93 -13.23 -4.22
C ILE B 635 -8.98 -12.40 -2.93
N SER B 636 -7.82 -12.36 -2.27
CA SER B 636 -7.60 -11.42 -1.19
C SER B 636 -7.59 -9.99 -1.73
N LYS B 637 -7.78 -9.02 -0.83
CA LYS B 637 -7.62 -7.60 -1.15
C LYS B 637 -8.45 -7.22 -2.39
N ASN B 638 -9.73 -7.55 -2.33
CA ASN B 638 -10.66 -7.18 -3.40
C ASN B 638 -11.81 -6.36 -2.91
N SER B 639 -11.64 -5.81 -1.70
CA SER B 639 -12.66 -4.99 -1.02
C SER B 639 -13.97 -5.69 -0.85
N LEU B 640 -13.92 -7.02 -0.74
CA LEU B 640 -15.16 -7.77 -0.61
C LEU B 640 -15.69 -7.74 0.83
N SER B 641 -16.59 -6.81 1.14
CA SER B 641 -17.14 -6.69 2.48
C SER B 641 -18.22 -7.73 2.73
N PHE B 642 -18.78 -8.25 1.64
CA PHE B 642 -19.64 -9.42 1.67
C PHE B 642 -19.43 -10.17 0.38
N LEU B 643 -19.84 -11.43 0.38
CA LEU B 643 -19.90 -12.24 -0.84
C LEU B 643 -21.33 -12.39 -1.31
N PRO B 644 -21.62 -11.88 -2.51
CA PRO B 644 -22.97 -12.11 -3.06
C PRO B 644 -23.24 -13.58 -3.18
N SER B 645 -24.50 -13.98 -3.02
CA SER B 645 -24.86 -15.38 -3.29
C SER B 645 -24.64 -15.64 -4.78
N GLY B 646 -24.04 -16.77 -5.08
CA GLY B 646 -23.70 -17.14 -6.41
C GLY B 646 -22.20 -17.26 -6.50
N VAL B 647 -21.44 -16.58 -5.64
CA VAL B 647 -20.00 -16.66 -5.77
C VAL B 647 -19.50 -18.08 -5.58
N PHE B 648 -20.00 -18.77 -4.58
CA PHE B 648 -19.48 -20.11 -4.29
C PHE B 648 -19.93 -21.14 -5.31
N ASP B 649 -21.19 -21.05 -5.72
CA ASP B 649 -21.68 -21.89 -6.82
C ASP B 649 -20.89 -21.63 -8.09
N GLY B 650 -20.42 -20.40 -8.29
CA GLY B 650 -19.64 -20.08 -9.48
C GLY B 650 -18.19 -20.47 -9.44
N MET B 651 -17.73 -21.07 -8.35
CA MET B 651 -16.32 -21.47 -8.30
C MET B 651 -16.11 -22.75 -9.12
N PRO B 652 -14.92 -22.94 -9.72
CA PRO B 652 -14.69 -24.14 -10.48
C PRO B 652 -14.61 -25.31 -9.52
N PRO B 653 -14.92 -26.52 -10.00
CA PRO B 653 -15.15 -27.68 -9.14
C PRO B 653 -13.97 -28.21 -8.36
N ASN B 654 -12.74 -28.06 -8.84
CA ASN B 654 -11.56 -28.63 -8.14
C ASN B 654 -10.78 -27.67 -7.24
N LEU B 655 -11.41 -26.56 -6.86
CA LEU B 655 -10.75 -25.55 -6.04
C LEU B 655 -10.33 -26.16 -4.71
N LYS B 656 -9.01 -26.16 -4.43
CA LYS B 656 -8.45 -26.66 -3.16
C LYS B 656 -7.98 -25.59 -2.15
N ASN B 657 -7.37 -24.50 -2.63
N ASN B 657 -7.35 -24.52 -2.64
CA ASN B 657 -6.79 -23.41 -1.80
CA ASN B 657 -6.76 -23.46 -1.81
C ASN B 657 -7.44 -22.07 -2.24
C ASN B 657 -7.42 -22.09 -2.22
N LEU B 658 -8.23 -21.51 -1.33
CA LEU B 658 -8.91 -20.21 -1.54
C LEU B 658 -8.50 -19.18 -0.48
N SER B 659 -7.96 -18.04 -0.92
CA SER B 659 -7.77 -16.90 -0.01
C SER B 659 -8.80 -15.83 -0.28
N LEU B 660 -9.52 -15.49 0.79
CA LEU B 660 -10.36 -14.32 0.90
C LEU B 660 -9.80 -13.34 1.92
N ALA B 661 -8.50 -13.40 2.17
CA ALA B 661 -7.92 -12.54 3.23
C ALA B 661 -8.05 -11.04 2.86
N LYS B 662 -7.97 -10.19 3.87
CA LYS B 662 -7.81 -8.75 3.66
C LYS B 662 -8.88 -8.16 2.75
N ASN B 663 -10.12 -8.49 3.04
CA ASN B 663 -11.25 -8.04 2.29
C ASN B 663 -12.23 -7.13 3.05
N GLY B 664 -12.00 -6.85 4.32
CA GLY B 664 -13.00 -6.18 5.11
C GLY B 664 -14.27 -7.01 5.23
N LEU B 665 -14.19 -8.35 5.08
CA LEU B 665 -15.43 -9.17 5.12
C LEU B 665 -16.13 -9.09 6.49
N LYS B 666 -17.41 -8.73 6.52
CA LYS B 666 -18.15 -8.55 7.77
C LYS B 666 -19.13 -9.64 8.02
N SER B 667 -19.32 -10.51 7.07
CA SER B 667 -20.23 -11.61 7.25
C SER B 667 -19.89 -12.66 6.23
N PHE B 668 -20.37 -13.85 6.49
CA PHE B 668 -19.95 -14.98 5.72
C PHE B 668 -20.91 -16.11 6.00
N ILE B 669 -21.57 -16.60 4.96
CA ILE B 669 -22.50 -17.72 5.05
C ILE B 669 -21.70 -19.02 4.89
N TRP B 670 -21.33 -19.60 6.03
CA TRP B 670 -20.48 -20.78 6.08
C TRP B 670 -21.03 -21.99 5.34
N GLU B 671 -22.36 -22.09 5.31
CA GLU B 671 -23.08 -23.17 4.61
C GLU B 671 -22.74 -23.27 3.16
N LYS B 672 -22.42 -22.14 2.55
CA LYS B 672 -22.11 -22.13 1.13
C LYS B 672 -20.81 -22.80 0.85
N LEU B 673 -19.98 -23.05 1.88
CA LEU B 673 -18.79 -23.87 1.65
C LEU B 673 -19.11 -25.24 1.10
N ARG B 674 -20.35 -25.69 1.28
CA ARG B 674 -20.79 -26.99 0.72
C ARG B 674 -20.58 -27.11 -0.78
N TYR B 675 -20.68 -25.99 -1.52
CA TYR B 675 -20.42 -26.02 -2.98
C TYR B 675 -18.97 -26.34 -3.30
N LEU B 676 -18.05 -26.13 -2.36
CA LEU B 676 -16.62 -26.33 -2.64
C LEU B 676 -16.16 -27.71 -2.15
N LYS B 677 -16.46 -28.69 -2.97
CA LYS B 677 -16.30 -30.08 -2.52
C LYS B 677 -14.86 -30.53 -2.35
N ASN B 678 -13.90 -29.85 -2.97
CA ASN B 678 -12.51 -30.23 -2.82
C ASN B 678 -11.68 -29.31 -1.91
N LEU B 679 -12.36 -28.41 -1.21
CA LEU B 679 -11.69 -27.34 -0.49
C LEU B 679 -10.85 -27.89 0.65
N GLU B 680 -9.54 -27.59 0.65
CA GLU B 680 -8.64 -27.98 1.71
C GLU B 680 -8.07 -26.85 2.55
N THR B 681 -7.73 -25.71 1.90
CA THR B 681 -7.28 -24.49 2.59
C THR B 681 -8.25 -23.30 2.35
N LEU B 682 -8.75 -22.74 3.46
CA LEU B 682 -9.50 -21.52 3.44
C LEU B 682 -8.83 -20.44 4.33
N ASP B 683 -8.41 -19.35 3.69
CA ASP B 683 -7.76 -18.26 4.36
C ASP B 683 -8.71 -17.07 4.45
N LEU B 684 -9.20 -16.81 5.64
CA LEU B 684 -10.10 -15.69 5.92
C LEU B 684 -9.45 -14.68 6.82
N SER B 685 -8.15 -14.63 6.78
CA SER B 685 -7.42 -13.78 7.70
C SER B 685 -7.59 -12.29 7.38
N HIS B 686 -7.50 -11.46 8.43
CA HIS B 686 -7.53 -10.02 8.31
C HIS B 686 -8.84 -9.56 7.70
N ASN B 687 -9.95 -9.89 8.34
CA ASN B 687 -11.27 -9.51 7.95
C ASN B 687 -11.99 -9.04 9.21
N GLN B 688 -13.31 -9.01 9.23
CA GLN B 688 -14.08 -8.59 10.39
C GLN B 688 -15.17 -9.58 10.75
N LEU B 689 -14.86 -10.85 10.59
CA LEU B 689 -15.81 -11.89 10.95
C LEU B 689 -16.03 -11.88 12.44
N THR B 690 -17.26 -12.14 12.83
CA THR B 690 -17.56 -12.19 14.27
C THR B 690 -18.02 -13.57 14.73
N THR B 691 -18.31 -14.52 13.83
CA THR B 691 -18.80 -15.82 14.24
C THR B 691 -18.12 -16.89 13.44
N VAL B 692 -18.16 -18.12 13.96
CA VAL B 692 -17.67 -19.32 13.23
C VAL B 692 -18.91 -20.15 12.90
N PRO B 693 -18.80 -21.14 12.01
CA PRO B 693 -20.01 -21.96 11.76
C PRO B 693 -20.44 -22.78 12.98
N GLU B 694 -21.75 -23.05 13.02
CA GLU B 694 -22.33 -23.89 14.05
C GLU B 694 -21.66 -25.28 14.03
N ARG B 695 -21.42 -25.81 12.82
CA ARG B 695 -20.81 -27.10 12.62
C ARG B 695 -19.96 -27.10 11.40
N LEU B 696 -18.66 -26.91 11.59
CA LEU B 696 -17.74 -26.92 10.50
C LEU B 696 -17.83 -28.19 9.63
N SER B 697 -18.14 -29.33 10.24
CA SER B 697 -18.34 -30.66 9.51
C SER B 697 -19.53 -30.69 8.51
N ASN B 698 -20.59 -29.99 8.87
CA ASN B 698 -21.73 -29.72 8.02
C ASN B 698 -21.56 -28.55 7.03
N CYS B 699 -20.37 -27.93 6.96
CA CYS B 699 -20.09 -26.91 5.94
C CYS B 699 -19.12 -27.39 4.93
N SER B 700 -18.14 -28.16 5.37
CA SER B 700 -17.10 -28.71 4.53
C SER B 700 -16.52 -29.99 5.14
N ARG B 701 -16.65 -31.10 4.40
CA ARG B 701 -16.04 -32.37 4.77
C ARG B 701 -14.55 -32.46 4.48
N SER B 702 -14.02 -31.59 3.62
CA SER B 702 -12.67 -31.75 3.08
C SER B 702 -11.62 -30.84 3.80
N LEU B 703 -12.12 -29.84 4.54
CA LEU B 703 -11.29 -28.73 4.90
C LEU B 703 -10.20 -29.16 5.90
N LYS B 704 -8.96 -28.94 5.56
CA LYS B 704 -7.83 -29.27 6.42
C LYS B 704 -7.22 -28.04 7.12
N ASN B 705 -7.06 -26.92 6.41
CA ASN B 705 -6.49 -25.72 6.98
C ASN B 705 -7.49 -24.57 6.96
N LEU B 706 -7.79 -24.05 8.15
CA LEU B 706 -8.68 -22.92 8.33
C LEU B 706 -7.99 -21.79 9.09
N ILE B 707 -7.91 -20.64 8.45
CA ILE B 707 -7.13 -19.52 8.93
C ILE B 707 -8.10 -18.41 9.18
N LEU B 708 -8.37 -18.17 10.46
CA LEU B 708 -9.25 -17.09 10.93
C LEU B 708 -8.56 -15.99 11.70
N LYS B 709 -7.24 -15.92 11.59
CA LYS B 709 -6.54 -14.89 12.34
C LYS B 709 -6.93 -13.47 12.00
N ASN B 710 -6.85 -12.58 13.01
CA ASN B 710 -7.09 -11.17 12.83
C ASN B 710 -8.52 -10.88 12.33
N ASN B 711 -9.48 -11.33 13.11
CA ASN B 711 -10.89 -11.07 12.90
C ASN B 711 -11.47 -10.56 14.22
N GLN B 712 -12.78 -10.54 14.35
CA GLN B 712 -13.44 -10.02 15.56
C GLN B 712 -14.28 -11.11 16.28
N ILE B 713 -13.80 -12.36 16.26
CA ILE B 713 -14.53 -13.47 16.85
C ILE B 713 -14.47 -13.40 18.37
N ARG B 714 -15.64 -13.36 19.02
CA ARG B 714 -15.75 -13.23 20.49
C ARG B 714 -16.08 -14.52 21.24
N SER B 715 -16.66 -15.48 20.54
CA SER B 715 -16.98 -16.75 21.12
C SER B 715 -17.08 -17.78 19.99
N LEU B 716 -16.92 -19.05 20.32
CA LEU B 716 -17.07 -20.12 19.35
C LEU B 716 -18.48 -20.71 19.51
N THR B 717 -19.01 -21.29 18.45
CA THR B 717 -20.28 -21.98 18.52
C THR B 717 -20.13 -23.25 19.39
N LYS B 718 -21.24 -23.68 19.98
CA LYS B 718 -21.25 -24.80 20.92
C LYS B 718 -20.56 -26.06 20.36
N TYR B 719 -20.84 -26.42 19.11
CA TYR B 719 -20.29 -27.63 18.47
C TYR B 719 -19.39 -27.40 17.28
N PHE B 720 -18.81 -26.20 17.24
CA PHE B 720 -17.94 -25.77 16.18
C PHE B 720 -17.19 -26.88 15.49
N LEU B 721 -16.28 -27.56 16.18
CA LEU B 721 -15.40 -28.54 15.53
C LEU B 721 -15.89 -30.01 15.62
N GLN B 722 -17.13 -30.23 16.04
CA GLN B 722 -17.57 -31.62 16.21
C GLN B 722 -17.41 -32.48 14.92
N ASP B 723 -16.68 -33.57 15.04
CA ASP B 723 -16.44 -34.51 13.93
C ASP B 723 -15.68 -33.95 12.71
N ALA B 724 -14.91 -32.90 12.92
CA ALA B 724 -14.11 -32.35 11.85
C ALA B 724 -12.80 -33.09 11.77
N PHE B 725 -12.82 -34.36 11.39
CA PHE B 725 -11.65 -35.21 11.53
C PHE B 725 -10.57 -34.95 10.52
N GLN B 726 -10.94 -34.36 9.40
CA GLN B 726 -9.98 -33.98 8.38
C GLN B 726 -9.25 -32.65 8.77
N LEU B 727 -9.73 -31.89 9.76
CA LEU B 727 -9.05 -30.63 10.18
C LEU B 727 -7.63 -30.89 10.70
N ARG B 728 -6.67 -30.18 10.15
CA ARG B 728 -5.27 -30.31 10.56
C ARG B 728 -4.63 -29.03 11.10
N TYR B 729 -5.16 -27.84 10.75
CA TYR B 729 -4.50 -26.58 11.09
C TYR B 729 -5.58 -25.56 11.30
N LEU B 730 -5.52 -24.89 12.44
CA LEU B 730 -6.57 -23.95 12.81
C LEU B 730 -5.93 -22.74 13.46
N ASP B 731 -6.09 -21.58 12.84
CA ASP B 731 -5.57 -20.33 13.37
C ASP B 731 -6.69 -19.45 13.82
N LEU B 732 -6.84 -19.30 15.15
CA LEU B 732 -7.79 -18.37 15.72
C LEU B 732 -7.08 -17.20 16.45
N SER B 733 -5.81 -16.98 16.20
CA SER B 733 -5.11 -15.91 16.83
C SER B 733 -5.61 -14.51 16.44
N SER B 734 -5.35 -13.57 17.36
CA SER B 734 -5.69 -12.17 17.18
C SER B 734 -7.16 -11.98 16.89
N ASN B 735 -7.97 -12.53 17.79
CA ASN B 735 -9.41 -12.39 17.77
C ASN B 735 -9.75 -11.87 19.16
N LYS B 736 -10.98 -11.96 19.61
CA LYS B 736 -11.35 -11.42 20.91
C LYS B 736 -12.02 -12.50 21.76
N ILE B 737 -11.57 -13.74 21.61
CA ILE B 737 -12.26 -14.89 22.24
C ILE B 737 -11.96 -14.84 23.74
N GLN B 738 -13.00 -15.04 24.53
CA GLN B 738 -12.95 -15.00 25.99
C GLN B 738 -12.92 -16.37 26.65
N MET B 739 -13.73 -17.31 26.14
CA MET B 739 -13.95 -18.65 26.69
C MET B 739 -13.97 -19.65 25.56
N ILE B 740 -13.47 -20.84 25.82
CA ILE B 740 -13.64 -21.96 24.94
C ILE B 740 -13.98 -23.18 25.83
N GLN B 741 -15.09 -23.86 25.51
CA GLN B 741 -15.52 -25.07 26.16
C GLN B 741 -15.32 -26.28 25.25
N LYS B 742 -15.35 -27.45 25.90
CA LYS B 742 -14.98 -28.72 25.29
C LYS B 742 -15.88 -29.14 24.13
N THR B 743 -17.13 -28.79 24.22
CA THR B 743 -18.09 -29.08 23.13
C THR B 743 -17.66 -28.50 21.77
N SER B 744 -17.08 -27.28 21.80
CA SER B 744 -16.62 -26.58 20.62
C SER B 744 -15.35 -27.20 20.12
N PHE B 745 -14.58 -27.72 21.04
CA PHE B 745 -13.24 -28.16 20.76
C PHE B 745 -13.06 -29.60 21.24
N PRO B 746 -13.74 -30.58 20.59
CA PRO B 746 -13.60 -31.93 21.10
C PRO B 746 -12.20 -32.40 21.00
N GLU B 747 -11.84 -33.14 22.02
CA GLU B 747 -10.51 -33.68 22.18
C GLU B 747 -10.11 -34.59 20.98
N ASN B 748 -11.05 -35.35 20.41
CA ASN B 748 -10.68 -36.23 19.26
C ASN B 748 -10.36 -35.47 17.95
N VAL B 749 -10.74 -34.19 17.90
CA VAL B 749 -10.30 -33.32 16.81
C VAL B 749 -9.00 -32.62 17.23
N LEU B 750 -9.00 -32.02 18.42
CA LEU B 750 -7.81 -31.32 18.85
C LEU B 750 -6.57 -32.15 18.85
N ASN B 751 -6.68 -33.39 19.31
CA ASN B 751 -5.44 -34.14 19.50
C ASN B 751 -4.84 -34.52 18.09
N ASN B 752 -5.62 -34.36 17.02
CA ASN B 752 -5.12 -34.52 15.61
C ASN B 752 -4.61 -33.27 14.83
N LEU B 753 -4.59 -32.13 15.49
CA LEU B 753 -4.10 -30.94 14.83
C LEU B 753 -2.57 -30.88 14.80
N LYS B 754 -2.02 -30.50 13.65
CA LYS B 754 -0.60 -30.15 13.55
C LYS B 754 -0.28 -28.83 14.27
N MET B 755 -1.25 -27.90 14.30
CA MET B 755 -1.05 -26.59 14.89
C MET B 755 -2.40 -25.99 15.21
N LEU B 756 -2.47 -25.36 16.36
CA LEU B 756 -3.65 -24.64 16.80
C LEU B 756 -3.15 -23.34 17.37
N LEU B 757 -3.53 -22.20 16.77
CA LEU B 757 -2.98 -20.94 17.15
C LEU B 757 -4.09 -20.19 17.88
N LEU B 758 -3.75 -19.75 19.07
CA LEU B 758 -4.71 -19.17 20.01
C LEU B 758 -4.24 -17.87 20.61
N HIS B 759 -3.06 -17.41 20.24
CA HIS B 759 -2.43 -16.30 20.86
C HIS B 759 -3.14 -14.99 20.49
N HIS B 760 -2.92 -14.01 21.34
CA HIS B 760 -3.48 -12.68 21.24
C HIS B 760 -5.02 -12.69 21.19
N ASN B 761 -5.64 -13.44 22.12
CA ASN B 761 -7.10 -13.39 22.32
C ASN B 761 -7.46 -12.60 23.61
N ARG B 762 -8.63 -12.79 24.21
CA ARG B 762 -9.03 -12.05 25.41
C ARG B 762 -9.52 -13.05 26.46
N PHE B 763 -8.69 -14.06 26.73
CA PHE B 763 -9.10 -15.15 27.63
C PHE B 763 -9.36 -14.66 29.08
N LEU B 764 -10.47 -15.12 29.62
CA LEU B 764 -10.98 -14.76 30.93
C LEU B 764 -10.76 -16.00 31.78
N CYS B 765 -9.88 -15.88 32.74
CA CYS B 765 -9.38 -17.01 33.51
C CYS B 765 -10.12 -17.14 34.88
N THR B 766 -11.40 -17.47 34.80
CA THR B 766 -12.28 -17.76 35.92
C THR B 766 -12.46 -19.27 35.99
N CYS B 767 -13.24 -19.70 36.98
CA CYS B 767 -13.54 -21.10 37.18
C CYS B 767 -14.30 -21.73 36.04
N ASP B 768 -14.95 -20.92 35.20
CA ASP B 768 -15.53 -21.46 33.96
C ASP B 768 -14.52 -21.97 32.96
N ALA B 769 -13.29 -21.46 33.03
CA ALA B 769 -12.21 -21.81 32.08
C ALA B 769 -11.36 -23.06 32.45
N VAL B 770 -11.81 -23.77 33.46
CA VAL B 770 -11.06 -24.91 34.03
C VAL B 770 -10.66 -25.92 32.96
N TRP B 771 -11.60 -26.27 32.07
CA TRP B 771 -11.27 -27.29 31.01
C TRP B 771 -10.19 -26.77 30.05
N PHE B 772 -10.42 -25.57 29.53
CA PHE B 772 -9.51 -25.03 28.51
C PHE B 772 -8.12 -24.89 29.08
N VAL B 773 -8.04 -24.34 30.30
CA VAL B 773 -6.74 -24.13 30.96
C VAL B 773 -6.03 -25.50 31.15
N TRP B 774 -6.76 -26.50 31.66
CA TRP B 774 -6.16 -27.82 31.91
C TRP B 774 -5.73 -28.38 30.56
N TRP B 775 -6.61 -28.27 29.55
CA TRP B 775 -6.28 -28.83 28.23
C TRP B 775 -5.00 -28.17 27.64
N VAL B 776 -4.89 -26.85 27.74
CA VAL B 776 -3.75 -26.14 27.21
C VAL B 776 -2.45 -26.52 27.91
N GLN B 777 -2.53 -26.65 29.23
CA GLN B 777 -1.36 -27.05 30.03
C GLN B 777 -0.88 -28.49 29.75
N HIS B 778 -1.82 -29.37 29.42
CA HIS B 778 -1.52 -30.80 29.26
C HIS B 778 -1.39 -31.35 27.82
N THR B 779 -1.68 -30.53 26.82
CA THR B 779 -1.75 -31.04 25.45
C THR B 779 -0.38 -31.09 24.86
N GLU B 780 -0.21 -32.00 23.90
CA GLU B 780 0.99 -32.05 23.04
C GLU B 780 0.80 -31.26 21.71
N VAL B 781 -0.44 -30.93 21.34
CA VAL B 781 -0.70 -30.13 20.11
C VAL B 781 0.18 -28.89 20.17
N THR B 782 0.84 -28.58 19.05
CA THR B 782 1.67 -27.40 18.96
C THR B 782 0.79 -26.13 18.98
N ILE B 783 1.05 -25.26 19.94
CA ILE B 783 0.39 -23.99 20.11
C ILE B 783 1.53 -23.00 20.29
N PRO B 784 1.75 -22.13 19.30
CA PRO B 784 2.86 -21.25 19.42
C PRO B 784 2.60 -20.10 20.38
N TYR B 785 3.69 -19.53 20.87
CA TYR B 785 3.64 -18.39 21.76
C TYR B 785 2.99 -18.63 23.13
N LEU B 786 2.88 -19.88 23.60
CA LEU B 786 2.43 -20.14 24.97
C LEU B 786 3.22 -19.38 26.00
N ALA B 787 4.51 -19.20 25.74
CA ALA B 787 5.39 -18.62 26.75
C ALA B 787 5.29 -17.10 26.77
N THR B 788 4.63 -16.52 25.79
CA THR B 788 4.73 -15.12 25.54
C THR B 788 3.37 -14.41 25.27
N ASP B 789 2.41 -15.06 24.60
CA ASP B 789 1.22 -14.30 24.17
C ASP B 789 -0.05 -15.13 24.24
N VAL B 790 -0.13 -16.07 25.16
CA VAL B 790 -1.39 -16.81 25.45
C VAL B 790 -1.71 -16.59 26.89
N THR B 791 -2.48 -15.54 27.09
CA THR B 791 -2.46 -14.76 28.31
C THR B 791 -3.90 -14.50 28.77
N CYS B 792 -4.13 -14.57 30.07
CA CYS B 792 -5.37 -14.06 30.64
C CYS B 792 -5.43 -12.54 30.60
N VAL B 793 -6.61 -12.00 30.28
CA VAL B 793 -6.82 -10.53 30.40
C VAL B 793 -7.43 -10.12 31.72
N GLY B 794 -7.73 -11.10 32.55
CA GLY B 794 -8.56 -10.96 33.73
C GLY B 794 -9.02 -12.34 34.14
N PRO B 795 -9.64 -12.48 35.31
CA PRO B 795 -10.01 -11.36 36.19
C PRO B 795 -8.83 -10.79 37.01
N GLY B 796 -8.84 -9.48 37.24
CA GLY B 796 -7.97 -8.78 38.20
C GLY B 796 -6.62 -9.40 38.51
N ALA B 797 -6.62 -10.35 39.44
CA ALA B 797 -5.39 -11.04 39.91
C ALA B 797 -4.56 -11.64 38.74
N HIS B 798 -5.26 -12.28 37.83
CA HIS B 798 -4.69 -13.03 36.73
C HIS B 798 -4.35 -12.18 35.48
N LYS B 799 -4.51 -10.86 35.51
CA LYS B 799 -4.37 -10.06 34.30
C LYS B 799 -2.93 -10.08 33.81
N GLY B 800 -2.73 -10.33 32.52
CA GLY B 800 -1.38 -10.44 31.95
C GLY B 800 -0.64 -11.78 32.21
N GLN B 801 -1.22 -12.66 33.03
CA GLN B 801 -0.60 -13.94 33.34
C GLN B 801 -0.78 -15.00 32.23
N SER B 802 0.26 -15.76 31.99
CA SER B 802 0.26 -16.78 30.94
C SER B 802 -0.69 -17.91 31.39
N VAL B 803 -1.52 -18.45 30.47
CA VAL B 803 -2.44 -19.50 30.88
C VAL B 803 -1.69 -20.76 31.26
N ILE B 804 -0.53 -20.92 30.68
CA ILE B 804 0.36 -22.01 31.00
C ILE B 804 0.76 -22.03 32.49
N SER B 805 0.99 -20.86 33.09
CA SER B 805 1.32 -20.73 34.53
C SER B 805 0.07 -20.67 35.46
N LEU B 806 -1.15 -20.74 34.92
CA LEU B 806 -2.35 -20.54 35.73
C LEU B 806 -2.72 -21.68 36.71
N ASP B 807 -2.93 -21.33 37.96
CA ASP B 807 -3.26 -22.33 39.04
C ASP B 807 -4.66 -22.04 39.48
N LEU B 808 -5.58 -22.93 39.09
CA LEU B 808 -6.98 -22.80 39.45
C LEU B 808 -7.44 -23.81 40.58
N TYR B 809 -6.54 -24.20 41.50
CA TYR B 809 -6.92 -25.14 42.59
C TYR B 809 -8.13 -24.66 43.36
N THR B 810 -8.26 -23.35 43.58
CA THR B 810 -9.42 -22.85 44.35
C THR B 810 -10.77 -23.18 43.74
N CYS B 811 -10.80 -23.36 42.42
CA CYS B 811 -12.00 -23.88 41.73
C CYS B 811 -12.41 -25.28 42.14
N GLU B 812 -11.49 -26.09 42.66
CA GLU B 812 -11.75 -27.50 43.03
C GLU B 812 -11.93 -27.77 44.56
N LEU B 813 -11.78 -26.77 45.42
CA LEU B 813 -11.77 -26.95 46.89
C LEU B 813 -13.02 -27.70 47.33
#